data_2JE8
#
_entry.id   2JE8
#
_cell.length_a   91.463
_cell.length_b   115.997
_cell.length_c   99.146
_cell.angle_alpha   90.00
_cell.angle_beta   113.42
_cell.angle_gamma   90.00
#
_symmetry.space_group_name_H-M   'P 1 21 1'
#
loop_
_entity.id
_entity.type
_entity.pdbx_description
1 polymer BETA-MANNOSIDASE
2 non-polymer 2-[3-(2-HYDROXY-1,1-DIHYDROXYMETHYL-ETHYLAMINO)-PROPYLAMINO]-2-HYDROXYMETHYL-PROPANE-1,3-DIOL
3 non-polymer GLYCEROL
4 non-polymer 'CHLORIDE ION'
5 water water
#
_entity_poly.entity_id   1
_entity_poly.type   'polypeptide(L)'
_entity_poly.pdbx_seq_one_letter_code
;MGQGNDTSEVMLLDTGWEFSQSGTEKWMPATVPGTVHQDLISHELLPNPFYGMNEKKIQWVENEDWEYRTSFIVSEEQLN
RDGIQLIFEGLDTYADVYLNGSLLLKADNMFVGYTLPVKSVLRKGENHLYIYFHSPIRQTLPQYASNGFNYPADNDHHEK
HLSVFSRKAPYSYGWDWGIRMVTSGVWRPVTLRFYDIATISDYYVRQLSLTDENARLSNELIVNQIVPQKIPAEVRVNVS
LNGTTVTEVKQQVTLQPGINHITLPAEVTNPVRWMPNGWGTPTLYDFSAQIACGDRIVAEQSHRIGLRTIRVVNEKDKDG
ESFYFEVNGIPMFAKGANYIPQDALLPNVTTERYQTLFRDMKEANMNMVRIWGGGTYENNLFYDLADENGILVWQDFMFA
CTPYPSDPTFLKRVEAEAVYNIRRLRNHASLAMWCGNNEILEALKYWGFEKKFTPEVYQGLMHGYDKLFRELLPSTVKEF
DSDRFYVHSSPYLANWGRPESWGTGDSHNWGVWYGKKPFESLDTDLPRFMSEFGFQSFPEMKTIAAFAAPEDYQIESEVM
NAHQKSSIGNSLIRTYMERDYIIPESFEDFVYVGLVLQGQGMRHGLEAHRRNRPYCMGTLYWQLNDSWPVVSWSSIDYYG
NWKALHYQAKRAFAPVLINPIQQNDSLSVYLISDRLDTMEQMTLEMKVVDFDGKTLGKKIQVHSLEVPANTSKCVYRAKL
DGWLTPEDCRRSFLKLILKDKSGHQVAESVHFFRKTKDLQLPPTSVSYQMKQTDGKCELTLFSSMLAKDIFIETPLQGAR
YSDNFFDLLPGERKKVIITSPRIKKGEELPVNIKHIRETYKEHHHHHH
;
_entity_poly.pdbx_strand_id   A,B
#
# COMPACT_ATOMS: atom_id res chain seq x y z
N ASN A 5 -9.36 1.99 -21.75
CA ASN A 5 -8.29 1.20 -22.45
C ASN A 5 -8.57 1.13 -23.95
N ASP A 6 -9.08 0.00 -24.45
CA ASP A 6 -9.43 -0.17 -25.87
C ASP A 6 -10.58 -1.20 -25.99
N THR A 7 -11.04 -1.48 -27.21
CA THR A 7 -12.15 -2.41 -27.41
C THR A 7 -11.78 -3.91 -27.46
N SER A 8 -10.50 -4.21 -27.22
CA SER A 8 -10.07 -5.62 -27.30
C SER A 8 -10.57 -6.41 -26.08
N GLU A 9 -10.65 -7.70 -26.24
CA GLU A 9 -11.00 -8.58 -25.10
C GLU A 9 -9.82 -9.48 -24.86
N VAL A 10 -9.46 -9.65 -23.59
CA VAL A 10 -8.33 -10.56 -23.27
C VAL A 10 -8.89 -11.72 -22.46
N MET A 11 -8.58 -12.94 -22.90
CA MET A 11 -8.92 -14.14 -22.18
CA MET A 11 -8.91 -14.16 -22.16
C MET A 11 -7.58 -14.68 -21.61
N LEU A 12 -7.53 -14.84 -20.30
CA LEU A 12 -6.30 -15.39 -19.71
C LEU A 12 -6.45 -16.90 -19.66
N LEU A 13 -5.50 -17.63 -20.23
CA LEU A 13 -5.55 -19.07 -20.18
C LEU A 13 -4.77 -19.55 -18.95
N ASP A 14 -5.35 -19.30 -17.77
CA ASP A 14 -4.66 -19.58 -16.51
C ASP A 14 -5.34 -20.60 -15.60
N THR A 15 -6.29 -21.33 -16.16
CA THR A 15 -7.01 -22.40 -15.46
C THR A 15 -7.33 -23.52 -16.43
N GLY A 16 -7.67 -24.69 -15.88
CA GLY A 16 -8.07 -25.79 -16.71
C GLY A 16 -6.93 -26.61 -17.32
N TRP A 17 -5.70 -26.38 -16.89
CA TRP A 17 -4.58 -27.08 -17.51
C TRP A 17 -4.32 -28.40 -16.82
N GLU A 18 -3.85 -29.35 -17.60
CA GLU A 18 -3.38 -30.64 -17.07
C GLU A 18 -2.02 -30.96 -17.64
N PHE A 19 -1.30 -31.84 -16.97
CA PHE A 19 0.01 -32.28 -17.48
C PHE A 19 0.18 -33.77 -17.37
N SER A 20 1.17 -34.29 -18.09
CA SER A 20 1.43 -35.73 -18.11
CA SER A 20 1.45 -35.72 -18.05
C SER A 20 2.89 -35.96 -18.41
N GLN A 21 3.48 -36.98 -17.80
CA GLN A 21 4.76 -37.49 -18.23
C GLN A 21 4.55 -38.16 -19.56
N SER A 22 5.32 -37.75 -20.57
CA SER A 22 5.16 -38.37 -21.88
CA SER A 22 5.17 -38.35 -21.89
C SER A 22 5.37 -39.89 -21.80
N GLY A 23 4.48 -40.61 -22.45
CA GLY A 23 4.55 -42.08 -22.52
C GLY A 23 3.67 -42.79 -21.48
N THR A 24 3.11 -42.01 -20.54
CA THR A 24 2.35 -42.59 -19.42
C THR A 24 0.82 -42.59 -19.62
N GLU A 25 0.30 -41.69 -20.46
CA GLU A 25 -1.16 -41.53 -20.64
C GLU A 25 -1.95 -41.02 -19.41
N LYS A 26 -1.24 -40.60 -18.38
CA LYS A 26 -1.86 -40.24 -17.11
C LYS A 26 -1.83 -38.73 -16.96
N TRP A 27 -3.01 -38.10 -16.89
CA TRP A 27 -3.12 -36.64 -16.84
C TRP A 27 -3.52 -36.21 -15.46
N MET A 28 -2.88 -35.17 -14.96
CA MET A 28 -3.20 -34.60 -13.65
C MET A 28 -3.34 -33.09 -13.72
N PRO A 29 -4.08 -32.47 -12.74
CA PRO A 29 -4.20 -31.02 -12.74
C PRO A 29 -2.82 -30.31 -12.65
N ALA A 30 -2.69 -29.21 -13.39
CA ALA A 30 -1.47 -28.38 -13.35
C ALA A 30 -1.84 -26.95 -13.03
N THR A 31 -0.84 -26.15 -12.67
CA THR A 31 -1.03 -24.71 -12.44
C THR A 31 -0.17 -24.00 -13.43
N VAL A 32 -0.80 -23.10 -14.18
CA VAL A 32 -0.10 -22.32 -15.23
C VAL A 32 -0.37 -20.85 -15.02
N PRO A 33 0.69 -20.01 -15.05
CA PRO A 33 2.12 -20.34 -15.27
C PRO A 33 2.63 -21.25 -14.14
N GLY A 34 3.56 -22.14 -14.49
CA GLY A 34 4.12 -23.02 -13.50
C GLY A 34 5.27 -23.78 -14.09
N THR A 35 5.62 -24.86 -13.39
CA THR A 35 6.75 -25.72 -13.77
C THR A 35 6.37 -27.16 -13.58
N VAL A 36 7.05 -28.05 -14.32
CA VAL A 36 6.85 -29.48 -14.18
C VAL A 36 7.13 -29.88 -12.74
N HIS A 37 8.21 -29.33 -12.18
CA HIS A 37 8.57 -29.74 -10.78
C HIS A 37 7.50 -29.33 -9.77
N GLN A 38 6.97 -28.11 -9.89
CA GLN A 38 5.95 -27.65 -8.93
C GLN A 38 4.69 -28.53 -9.11
N ASP A 39 4.32 -28.81 -10.37
CA ASP A 39 3.13 -29.65 -10.62
C ASP A 39 3.32 -31.02 -10.00
N LEU A 40 4.53 -31.60 -10.11
CA LEU A 40 4.79 -32.90 -9.47
C LEU A 40 4.72 -32.78 -7.95
N ILE A 41 5.35 -31.73 -7.41
CA ILE A 41 5.32 -31.50 -5.94
C ILE A 41 3.88 -31.41 -5.38
N SER A 42 3.02 -30.73 -6.13
CA SER A 42 1.64 -30.51 -5.75
C SER A 42 0.88 -31.83 -5.64
N HIS A 43 1.35 -32.86 -6.32
CA HIS A 43 0.72 -34.20 -6.27
C HIS A 43 1.53 -35.18 -5.44
N GLU A 44 2.51 -34.66 -4.69
CA GLU A 44 3.42 -35.47 -3.88
C GLU A 44 4.13 -36.54 -4.72
N LEU A 45 4.49 -36.17 -5.96
CA LEU A 45 5.27 -37.03 -6.87
C LEU A 45 6.76 -36.70 -6.85
N LEU A 46 7.12 -35.63 -6.13
CA LEU A 46 8.50 -35.37 -5.75
C LEU A 46 8.49 -34.97 -4.30
N PRO A 47 9.60 -35.25 -3.61
CA PRO A 47 9.79 -34.74 -2.25
C PRO A 47 10.11 -33.23 -2.30
N ASN A 48 10.20 -32.60 -1.13
CA ASN A 48 10.67 -31.23 -1.05
C ASN A 48 12.09 -31.18 -1.64
N PRO A 49 12.26 -30.48 -2.78
CA PRO A 49 13.57 -30.53 -3.46
C PRO A 49 14.68 -29.90 -2.63
N PHE A 50 14.31 -29.03 -1.71
CA PHE A 50 15.27 -28.21 -0.94
C PHE A 50 15.75 -28.86 0.36
N TYR A 51 15.13 -29.98 0.73
CA TYR A 51 15.42 -30.60 2.06
C TYR A 51 16.54 -31.61 1.97
N GLY A 52 17.49 -31.48 2.88
CA GLY A 52 18.44 -32.55 3.13
C GLY A 52 19.20 -32.98 1.88
N MET A 53 19.16 -34.26 1.60
CA MET A 53 19.84 -34.86 0.43
C MET A 53 18.95 -35.01 -0.80
N ASN A 54 17.83 -34.30 -0.81
CA ASN A 54 16.83 -34.50 -1.87
C ASN A 54 17.20 -34.00 -3.26
N GLU A 55 18.25 -33.20 -3.41
CA GLU A 55 18.58 -32.74 -4.78
C GLU A 55 18.83 -33.93 -5.71
N LYS A 56 19.56 -34.96 -5.24
CA LYS A 56 19.78 -36.13 -6.11
C LYS A 56 18.49 -36.84 -6.49
N LYS A 57 17.52 -36.77 -5.61
CA LYS A 57 16.29 -37.53 -5.75
C LYS A 57 15.28 -36.94 -6.77
N ILE A 58 15.53 -35.69 -7.19
CA ILE A 58 14.59 -35.02 -8.10
C ILE A 58 15.19 -34.88 -9.52
N GLN A 59 16.42 -35.36 -9.73
CA GLN A 59 17.07 -35.23 -11.02
C GLN A 59 16.41 -35.96 -12.18
N TRP A 60 15.66 -37.02 -11.88
CA TRP A 60 15.06 -37.84 -12.95
C TRP A 60 14.15 -37.06 -13.88
N VAL A 61 13.55 -35.98 -13.34
CA VAL A 61 12.54 -35.23 -14.08
C VAL A 61 13.14 -34.69 -15.36
N GLU A 62 14.43 -34.28 -15.30
CA GLU A 62 15.03 -33.61 -16.48
C GLU A 62 15.21 -34.57 -17.66
N ASN A 63 15.08 -35.87 -17.40
CA ASN A 63 15.30 -36.87 -18.44
C ASN A 63 14.02 -37.24 -19.16
N GLU A 64 12.89 -36.75 -18.67
CA GLU A 64 11.59 -37.11 -19.23
C GLU A 64 11.06 -35.98 -20.09
N ASP A 65 10.16 -36.31 -21.01
CA ASP A 65 9.39 -35.25 -21.72
C ASP A 65 8.06 -35.03 -21.00
N TRP A 66 7.49 -33.84 -21.14
CA TRP A 66 6.30 -33.45 -20.38
C TRP A 66 5.33 -32.78 -21.32
N GLU A 67 4.04 -33.13 -21.17
CA GLU A 67 2.99 -32.57 -21.99
C GLU A 67 2.00 -31.80 -21.12
N TYR A 68 1.51 -30.70 -21.68
CA TYR A 68 0.51 -29.88 -21.05
C TYR A 68 -0.67 -29.69 -21.99
N ARG A 69 -1.88 -29.58 -21.44
CA ARG A 69 -3.05 -29.34 -22.29
C ARG A 69 -4.09 -28.50 -21.57
N THR A 70 -4.92 -27.82 -22.35
CA THR A 70 -6.08 -27.14 -21.79
C THR A 70 -7.06 -26.99 -22.92
N SER A 71 -8.31 -26.72 -22.56
CA SER A 71 -9.34 -26.49 -23.56
C SER A 71 -10.04 -25.23 -23.15
N PHE A 72 -10.60 -24.53 -24.12
CA PHE A 72 -11.28 -23.27 -23.82
C PHE A 72 -12.34 -23.06 -24.86
N ILE A 73 -13.32 -22.25 -24.50
CA ILE A 73 -14.46 -21.99 -25.38
C ILE A 73 -14.27 -20.65 -26.08
N VAL A 74 -14.64 -20.62 -27.35
CA VAL A 74 -14.68 -19.38 -28.12
C VAL A 74 -16.11 -19.22 -28.69
N SER A 75 -16.71 -18.06 -28.49
CA SER A 75 -18.04 -17.77 -29.02
C SER A 75 -18.03 -17.36 -30.48
N GLU A 76 -19.22 -17.41 -31.10
CA GLU A 76 -19.39 -16.85 -32.44
C GLU A 76 -18.96 -15.39 -32.51
N GLU A 77 -19.33 -14.59 -31.50
CA GLU A 77 -19.01 -13.17 -31.56
C GLU A 77 -17.49 -12.93 -31.50
N GLN A 78 -16.85 -13.68 -30.62
CA GLN A 78 -15.37 -13.61 -30.49
C GLN A 78 -14.71 -14.06 -31.77
N LEU A 79 -15.23 -15.15 -32.34
CA LEU A 79 -14.63 -15.69 -33.55
C LEU A 79 -14.74 -14.70 -34.73
N ASN A 80 -15.71 -13.78 -34.66
CA ASN A 80 -15.98 -12.78 -35.66
C ASN A 80 -15.16 -11.49 -35.51
N ARG A 81 -14.34 -11.41 -34.47
CA ARG A 81 -13.47 -10.22 -34.32
C ARG A 81 -12.44 -10.23 -35.46
N ASP A 82 -11.90 -9.06 -35.79
CA ASP A 82 -10.96 -8.92 -36.94
C ASP A 82 -9.70 -9.78 -36.76
N GLY A 83 -9.19 -9.79 -35.53
CA GLY A 83 -7.90 -10.43 -35.23
C GLY A 83 -8.04 -11.20 -33.93
N ILE A 84 -7.28 -12.30 -33.82
CA ILE A 84 -7.22 -13.03 -32.55
C ILE A 84 -5.79 -13.54 -32.41
N GLN A 85 -5.13 -13.15 -31.32
CA GLN A 85 -3.72 -13.47 -31.07
C GLN A 85 -3.61 -14.33 -29.82
N LEU A 86 -2.74 -15.33 -29.91
CA LEU A 86 -2.39 -16.17 -28.78
C LEU A 86 -0.95 -15.80 -28.40
N ILE A 87 -0.78 -15.34 -27.16
CA ILE A 87 0.51 -14.78 -26.71
C ILE A 87 1.04 -15.70 -25.59
N PHE A 88 2.25 -16.25 -25.80
CA PHE A 88 3.00 -17.00 -24.75
C PHE A 88 4.12 -16.06 -24.30
N GLU A 89 4.02 -15.58 -23.05
CA GLU A 89 5.07 -14.71 -22.57
C GLU A 89 6.34 -15.50 -22.24
N GLY A 90 6.19 -16.82 -22.11
CA GLY A 90 7.38 -17.65 -21.81
C GLY A 90 7.11 -19.13 -21.87
N LEU A 91 7.94 -19.82 -22.64
CA LEU A 91 7.89 -21.28 -22.74
C LEU A 91 9.30 -21.80 -22.47
N ASP A 92 9.42 -22.69 -21.46
CA ASP A 92 10.76 -23.20 -21.08
C ASP A 92 10.77 -24.69 -21.46
N THR A 93 11.40 -25.11 -22.57
CA THR A 93 12.09 -24.29 -23.59
C THR A 93 11.79 -24.86 -24.97
N TYR A 94 12.05 -26.15 -25.16
CA TYR A 94 11.82 -26.77 -26.45
C TYR A 94 10.38 -27.29 -26.46
N ALA A 95 9.46 -26.47 -26.96
CA ALA A 95 8.01 -26.69 -26.78
C ALA A 95 7.34 -26.65 -28.16
N ASP A 96 6.66 -27.76 -28.51
CA ASP A 96 5.86 -27.84 -29.71
C ASP A 96 4.43 -27.47 -29.29
N VAL A 97 3.90 -26.40 -29.89
CA VAL A 97 2.60 -25.88 -29.52
C VAL A 97 1.54 -26.22 -30.58
N TYR A 98 0.52 -26.97 -30.17
CA TYR A 98 -0.54 -27.40 -31.09
C TYR A 98 -1.87 -26.81 -30.66
N LEU A 99 -2.59 -26.28 -31.62
CA LEU A 99 -3.96 -25.77 -31.36
C LEU A 99 -4.86 -26.36 -32.44
N ASN A 100 -5.86 -27.16 -32.06
CA ASN A 100 -6.90 -27.60 -33.01
C ASN A 100 -6.27 -28.27 -34.23
N GLY A 101 -5.22 -29.05 -34.00
CA GLY A 101 -4.62 -29.83 -35.08
C GLY A 101 -3.52 -29.12 -35.85
N SER A 102 -3.28 -27.84 -35.53
CA SER A 102 -2.22 -27.06 -36.16
C SER A 102 -1.01 -26.92 -35.27
N LEU A 103 0.16 -27.19 -35.83
CA LEU A 103 1.41 -26.85 -35.12
C LEU A 103 1.63 -25.36 -35.30
N LEU A 104 1.45 -24.57 -34.22
CA LEU A 104 1.61 -23.11 -34.33
C LEU A 104 3.07 -22.68 -34.22
N LEU A 105 3.88 -23.44 -33.47
CA LEU A 105 5.21 -22.92 -33.07
C LEU A 105 6.06 -24.07 -32.56
N LYS A 106 7.33 -24.07 -32.93
CA LYS A 106 8.32 -24.92 -32.24
C LYS A 106 9.21 -23.94 -31.51
N ALA A 107 8.88 -23.74 -30.22
CA ALA A 107 9.58 -22.78 -29.41
C ALA A 107 10.97 -23.32 -29.05
N ASP A 108 11.92 -22.40 -28.87
CA ASP A 108 13.32 -22.83 -28.56
C ASP A 108 14.11 -21.76 -27.83
N ASN A 109 13.41 -20.91 -27.08
CA ASN A 109 14.12 -19.91 -26.32
C ASN A 109 13.28 -19.42 -25.19
N MET A 110 13.69 -19.80 -23.97
CA MET A 110 12.94 -19.43 -22.75
C MET A 110 12.70 -17.93 -22.60
N PHE A 111 13.58 -17.12 -23.21
CA PHE A 111 13.64 -15.68 -22.98
C PHE A 111 12.86 -14.89 -24.01
N VAL A 112 12.13 -15.58 -24.88
CA VAL A 112 11.36 -14.91 -25.95
C VAL A 112 9.87 -15.04 -25.74
N GLY A 113 9.14 -13.93 -25.92
CA GLY A 113 7.66 -13.99 -25.90
C GLY A 113 7.21 -14.17 -27.34
N TYR A 114 6.21 -15.00 -27.54
CA TYR A 114 5.74 -15.36 -28.86
C TYR A 114 4.30 -14.86 -29.03
N THR A 115 4.07 -14.05 -30.06
CA THR A 115 2.71 -13.59 -30.41
C THR A 115 2.27 -14.29 -31.70
N LEU A 116 1.16 -15.06 -31.64
CA LEU A 116 0.78 -15.96 -32.75
C LEU A 116 -0.63 -15.58 -33.25
N PRO A 117 -0.74 -15.24 -34.54
CA PRO A 117 -2.12 -15.01 -35.03
C PRO A 117 -2.84 -16.36 -35.13
N VAL A 118 -4.07 -16.47 -34.57
CA VAL A 118 -4.75 -17.75 -34.52
C VAL A 118 -6.21 -17.71 -35.00
N LYS A 119 -6.68 -16.56 -35.46
CA LYS A 119 -8.10 -16.49 -35.85
C LYS A 119 -8.48 -17.64 -36.82
N SER A 120 -7.62 -17.89 -37.82
CA SER A 120 -8.00 -18.93 -38.83
C SER A 120 -8.02 -20.38 -38.31
N VAL A 121 -7.40 -20.62 -37.14
CA VAL A 121 -7.39 -21.97 -36.60
CA VAL A 121 -7.24 -21.91 -36.51
C VAL A 121 -8.31 -22.20 -35.41
N LEU A 122 -8.89 -21.12 -34.84
CA LEU A 122 -9.86 -21.30 -33.79
C LEU A 122 -11.19 -21.77 -34.35
N ARG A 123 -11.99 -22.35 -33.46
CA ARG A 123 -13.29 -22.91 -33.83
C ARG A 123 -14.32 -22.40 -32.83
N LYS A 124 -15.56 -22.28 -33.26
CA LYS A 124 -16.63 -21.96 -32.33
C LYS A 124 -16.84 -23.16 -31.39
N GLY A 125 -17.00 -22.87 -30.10
CA GLY A 125 -17.13 -23.91 -29.08
C GLY A 125 -15.76 -24.26 -28.51
N GLU A 126 -15.53 -25.55 -28.33
CA GLU A 126 -14.32 -26.06 -27.64
C GLU A 126 -13.09 -25.97 -28.55
N ASN A 127 -11.98 -25.51 -27.97
CA ASN A 127 -10.69 -25.40 -28.64
C ASN A 127 -9.70 -26.11 -27.77
N HIS A 128 -8.72 -26.80 -28.39
CA HIS A 128 -7.82 -27.62 -27.61
C HIS A 128 -6.39 -27.20 -27.91
N LEU A 129 -5.68 -26.90 -26.80
CA LEU A 129 -4.30 -26.41 -26.87
C LEU A 129 -3.44 -27.48 -26.19
N TYR A 130 -2.43 -28.01 -26.90
CA TYR A 130 -1.60 -29.07 -26.34
C TYR A 130 -0.17 -28.61 -26.56
N ILE A 131 0.68 -28.79 -25.55
CA ILE A 131 2.08 -28.35 -25.66
C ILE A 131 2.96 -29.51 -25.24
N TYR A 132 3.93 -29.84 -26.10
CA TYR A 132 4.82 -30.93 -25.83
C TYR A 132 6.18 -30.33 -25.53
N PHE A 133 6.67 -30.56 -24.30
CA PHE A 133 7.98 -30.03 -23.84
C PHE A 133 9.03 -31.13 -23.92
N HIS A 134 9.87 -31.04 -24.95
CA HIS A 134 11.02 -31.93 -25.06
C HIS A 134 11.99 -31.70 -23.91
N SER A 135 12.43 -32.77 -23.27
CA SER A 135 13.53 -32.63 -22.30
C SER A 135 14.68 -31.82 -22.92
N PRO A 136 15.10 -30.76 -22.23
CA PRO A 136 16.22 -29.99 -22.74
C PRO A 136 17.52 -30.76 -22.67
N ILE A 137 17.54 -31.82 -21.85
CA ILE A 137 18.68 -32.72 -21.82
C ILE A 137 18.67 -33.63 -23.05
N ARG A 138 17.60 -34.41 -23.25
CA ARG A 138 17.50 -35.34 -24.40
CA ARG A 138 17.57 -35.33 -24.38
C ARG A 138 17.56 -34.60 -25.73
N GLN A 139 16.97 -33.39 -25.77
CA GLN A 139 17.00 -32.55 -26.97
C GLN A 139 18.45 -32.22 -27.43
N THR A 140 19.34 -32.01 -26.46
CA THR A 140 20.70 -31.51 -26.77
C THR A 140 21.81 -32.59 -26.69
N LEU A 141 21.44 -33.81 -26.26
CA LEU A 141 22.47 -34.87 -26.25
C LEU A 141 23.06 -35.13 -27.64
N PRO A 142 22.23 -35.18 -28.70
CA PRO A 142 22.85 -35.42 -30.03
C PRO A 142 23.72 -34.20 -30.43
N GLN A 143 23.29 -33.01 -29.99
CA GLN A 143 24.01 -31.79 -30.30
C GLN A 143 25.40 -31.82 -29.63
N TYR A 144 25.41 -32.20 -28.35
CA TYR A 144 26.66 -32.40 -27.63
C TYR A 144 27.55 -33.48 -28.27
N ALA A 145 26.95 -34.62 -28.61
CA ALA A 145 27.67 -35.69 -29.27
C ALA A 145 28.37 -35.20 -30.55
N SER A 146 27.70 -34.33 -31.29
CA SER A 146 28.26 -33.81 -32.57
C SER A 146 29.38 -32.80 -32.35
N ASN A 147 29.47 -32.29 -31.12
CA ASN A 147 30.32 -31.15 -30.89
C ASN A 147 31.82 -31.48 -30.81
N GLY A 148 32.15 -32.67 -30.32
CA GLY A 148 33.56 -33.09 -30.26
C GLY A 148 34.37 -32.56 -29.08
N PHE A 149 33.74 -31.74 -28.25
CA PHE A 149 34.35 -31.29 -27.01
C PHE A 149 33.25 -30.84 -26.06
N ASN A 150 33.64 -30.68 -24.81
CA ASN A 150 32.72 -30.26 -23.77
C ASN A 150 33.05 -28.81 -23.34
N TYR A 151 32.04 -27.92 -23.42
CA TYR A 151 32.31 -26.52 -23.05
C TYR A 151 32.62 -26.50 -21.55
N PRO A 152 33.52 -25.62 -21.12
CA PRO A 152 34.01 -25.65 -19.72
C PRO A 152 33.07 -24.86 -18.80
N ALA A 153 31.84 -25.35 -18.69
CA ALA A 153 30.83 -24.67 -17.87
C ALA A 153 30.74 -25.40 -16.52
N ASP A 154 31.66 -25.03 -15.60
CA ASP A 154 31.75 -25.68 -14.27
C ASP A 154 30.42 -25.58 -13.48
N ASN A 155 29.67 -24.50 -13.75
CA ASN A 155 28.39 -24.28 -13.08
C ASN A 155 27.24 -25.16 -13.55
N ASP A 156 27.47 -25.87 -14.62
CA ASP A 156 26.46 -26.81 -15.14
C ASP A 156 26.77 -28.17 -14.49
N HIS A 157 25.95 -28.54 -13.52
CA HIS A 157 26.26 -29.68 -12.61
C HIS A 157 25.85 -31.02 -13.21
N HIS A 158 26.61 -31.45 -14.23
CA HIS A 158 26.35 -32.70 -14.96
C HIS A 158 27.68 -32.97 -15.66
N GLU A 159 27.96 -34.25 -15.98
CA GLU A 159 29.18 -34.55 -16.72
CA GLU A 159 29.15 -34.59 -16.75
C GLU A 159 29.23 -33.83 -18.09
N LYS A 160 28.08 -33.71 -18.73
CA LYS A 160 27.92 -33.14 -20.08
C LYS A 160 27.35 -31.75 -19.92
N HIS A 161 28.07 -30.76 -20.43
CA HIS A 161 27.65 -29.38 -20.18
C HIS A 161 26.74 -28.91 -21.30
N LEU A 162 25.50 -29.36 -21.18
CA LEU A 162 24.46 -29.13 -22.17
C LEU A 162 23.83 -27.76 -22.10
N SER A 163 24.01 -27.04 -20.99
CA SER A 163 23.35 -25.75 -20.82
C SER A 163 23.73 -24.79 -21.94
N VAL A 164 25.00 -24.86 -22.41
CA VAL A 164 25.46 -23.79 -23.34
C VAL A 164 24.72 -23.83 -24.68
N PHE A 165 24.15 -24.99 -25.01
CA PHE A 165 23.41 -25.14 -26.29
C PHE A 165 22.00 -24.57 -26.26
N SER A 166 21.49 -24.28 -25.07
CA SER A 166 20.08 -23.95 -24.93
C SER A 166 19.93 -22.56 -24.40
N ARG A 167 19.03 -21.78 -25.00
CA ARG A 167 18.73 -20.46 -24.45
C ARG A 167 17.66 -20.68 -23.39
N LYS A 168 18.16 -20.96 -22.19
CA LYS A 168 17.37 -21.38 -21.04
C LYS A 168 18.17 -20.89 -19.84
N ALA A 169 17.48 -20.45 -18.78
CA ALA A 169 18.10 -19.83 -17.62
C ALA A 169 19.32 -20.67 -17.16
N PRO A 170 20.50 -20.07 -17.26
CA PRO A 170 21.72 -20.84 -16.99
C PRO A 170 21.69 -21.50 -15.62
N TYR A 171 21.17 -20.78 -14.60
CA TYR A 171 21.23 -21.31 -13.25
C TYR A 171 20.35 -22.57 -13.06
N SER A 172 19.41 -22.83 -13.98
CA SER A 172 18.55 -24.03 -13.81
C SER A 172 19.36 -25.36 -13.82
N TYR A 173 20.52 -25.35 -14.46
CA TYR A 173 21.42 -26.51 -14.52
C TYR A 173 22.34 -26.60 -13.30
N GLY A 174 22.12 -25.74 -12.30
CA GLY A 174 23.02 -25.64 -11.15
C GLY A 174 23.77 -24.33 -11.16
N TRP A 175 24.32 -23.96 -10.00
CA TRP A 175 25.25 -22.84 -9.97
C TRP A 175 26.03 -22.92 -8.67
N ASP A 176 26.96 -21.99 -8.49
CA ASP A 176 27.85 -22.03 -7.30
C ASP A 176 27.15 -21.52 -6.03
N TRP A 177 25.85 -21.16 -6.16
CA TRP A 177 24.94 -20.90 -5.04
C TRP A 177 23.62 -21.65 -5.17
N GLY A 178 23.52 -22.54 -6.17
CA GLY A 178 22.18 -22.98 -6.61
C GLY A 178 22.00 -24.49 -6.77
N ILE A 179 20.76 -24.93 -6.53
CA ILE A 179 20.37 -26.34 -6.77
C ILE A 179 20.15 -26.60 -8.29
N ARG A 180 20.43 -27.83 -8.74
CA ARG A 180 20.12 -28.16 -10.13
C ARG A 180 18.65 -28.60 -10.22
N MET A 181 17.85 -27.83 -10.96
CA MET A 181 16.44 -28.23 -11.20
C MET A 181 16.16 -27.78 -12.65
N VAL A 182 16.49 -28.66 -13.58
CA VAL A 182 16.38 -28.36 -15.01
C VAL A 182 14.91 -28.58 -15.38
N THR A 183 14.10 -27.53 -15.14
CA THR A 183 12.65 -27.66 -15.25
C THR A 183 12.16 -27.28 -16.66
N SER A 184 10.84 -27.38 -16.85
CA SER A 184 10.21 -27.09 -18.11
C SER A 184 8.83 -26.55 -17.80
N GLY A 185 8.18 -25.93 -18.78
CA GLY A 185 6.77 -25.55 -18.60
C GLY A 185 6.43 -24.19 -19.15
N VAL A 186 5.18 -23.81 -18.91
CA VAL A 186 4.67 -22.54 -19.40
C VAL A 186 4.97 -21.56 -18.25
N TRP A 187 6.12 -20.89 -18.35
CA TRP A 187 6.66 -20.20 -17.16
C TRP A 187 6.20 -18.75 -16.98
N ARG A 188 5.56 -18.19 -18.03
CA ARG A 188 4.92 -16.88 -17.95
C ARG A 188 3.51 -16.98 -18.57
N PRO A 189 2.66 -15.96 -18.38
CA PRO A 189 1.27 -16.08 -18.80
C PRO A 189 1.02 -16.37 -20.27
N VAL A 190 -0.13 -17.01 -20.48
CA VAL A 190 -0.67 -17.25 -21.81
C VAL A 190 -1.96 -16.45 -21.93
N THR A 191 -2.10 -15.69 -22.99
CA THR A 191 -3.30 -14.88 -23.19
CA THR A 191 -3.33 -14.88 -23.19
C THR A 191 -3.83 -14.97 -24.63
N LEU A 192 -5.16 -14.84 -24.76
CA LEU A 192 -5.79 -14.80 -26.06
C LEU A 192 -6.39 -13.40 -26.16
N ARG A 193 -6.04 -12.64 -27.19
CA ARG A 193 -6.57 -11.27 -27.36
C ARG A 193 -7.44 -11.24 -28.61
N PHE A 194 -8.71 -10.85 -28.46
CA PHE A 194 -9.67 -10.70 -29.55
C PHE A 194 -9.80 -9.19 -29.81
N TYR A 195 -9.61 -8.76 -31.05
CA TYR A 195 -9.52 -7.32 -31.27
C TYR A 195 -9.97 -6.91 -32.67
N ASP A 196 -10.13 -5.61 -32.84
CA ASP A 196 -10.48 -5.09 -34.13
C ASP A 196 -9.40 -4.26 -34.70
N ILE A 197 -9.30 -4.38 -36.02
CA ILE A 197 -8.43 -3.55 -36.86
C ILE A 197 -6.93 -3.84 -36.72
N ALA A 198 -6.39 -3.61 -35.52
CA ALA A 198 -4.95 -3.61 -35.37
C ALA A 198 -4.58 -3.78 -33.91
N THR A 199 -3.32 -4.14 -33.70
CA THR A 199 -2.72 -4.06 -32.34
C THR A 199 -1.48 -3.16 -32.39
N ILE A 200 -1.10 -2.59 -31.24
CA ILE A 200 0.16 -1.85 -31.12
C ILE A 200 1.18 -2.90 -30.73
N SER A 201 2.04 -3.23 -31.69
CA SER A 201 3.07 -4.26 -31.48
CA SER A 201 2.99 -4.29 -31.37
C SER A 201 4.20 -3.75 -30.57
N ASP A 202 4.46 -2.44 -30.65
CA ASP A 202 5.49 -1.81 -29.85
C ASP A 202 5.20 -0.35 -29.69
N TYR A 203 5.42 0.15 -28.49
CA TYR A 203 5.34 1.58 -28.23
C TYR A 203 6.60 1.95 -27.49
N TYR A 204 7.39 2.83 -28.07
CA TYR A 204 8.68 3.23 -27.51
C TYR A 204 8.69 4.74 -27.36
N VAL A 205 8.90 5.20 -26.12
CA VAL A 205 9.01 6.61 -25.86
C VAL A 205 10.50 7.00 -25.83
N ARG A 206 10.97 7.53 -26.94
CA ARG A 206 12.33 7.97 -27.05
C ARG A 206 12.52 9.39 -26.51
N GLN A 207 13.47 9.56 -25.61
CA GLN A 207 13.81 10.87 -25.07
C GLN A 207 14.90 11.49 -25.95
N LEU A 208 14.51 12.51 -26.71
CA LEU A 208 15.49 13.20 -27.58
C LEU A 208 16.42 14.14 -26.85
N SER A 209 15.88 14.84 -25.86
CA SER A 209 16.65 15.79 -25.06
C SER A 209 15.92 16.04 -23.76
N LEU A 210 16.69 16.42 -22.77
CA LEU A 210 16.14 16.78 -21.48
C LEU A 210 16.97 17.88 -20.87
N THR A 211 16.30 18.97 -20.53
CA THR A 211 16.90 20.06 -19.78
C THR A 211 15.91 20.41 -18.65
N ASP A 212 16.30 21.27 -17.73
CA ASP A 212 15.33 21.71 -16.70
C ASP A 212 14.10 22.37 -17.31
N GLU A 213 14.27 22.97 -18.51
CA GLU A 213 13.19 23.73 -19.16
C GLU A 213 12.28 22.92 -20.05
N ASN A 214 12.81 21.82 -20.62
CA ASN A 214 12.01 21.10 -21.60
C ASN A 214 12.46 19.66 -21.75
N ALA A 215 11.48 18.77 -21.92
CA ALA A 215 11.75 17.39 -22.32
C ALA A 215 11.14 17.20 -23.68
N ARG A 216 11.97 16.76 -24.63
CA ARG A 216 11.52 16.47 -25.99
C ARG A 216 11.49 14.99 -26.20
N LEU A 217 10.30 14.48 -26.50
CA LEU A 217 10.06 13.05 -26.66
C LEU A 217 9.65 12.72 -28.09
N SER A 218 9.96 11.49 -28.49
CA SER A 218 9.49 10.95 -29.76
C SER A 218 8.71 9.67 -29.48
N ASN A 219 7.40 9.67 -29.73
CA ASN A 219 6.57 8.48 -29.50
C ASN A 219 6.57 7.62 -30.75
N GLU A 220 7.24 6.47 -30.66
CA GLU A 220 7.39 5.59 -31.84
C GLU A 220 6.50 4.38 -31.66
N LEU A 221 5.60 4.20 -32.61
CA LEU A 221 4.66 3.11 -32.57
C LEU A 221 4.85 2.17 -33.75
N ILE A 222 4.73 0.87 -33.48
CA ILE A 222 4.63 -0.13 -34.52
C ILE A 222 3.25 -0.71 -34.42
N VAL A 223 2.46 -0.58 -35.48
CA VAL A 223 1.08 -0.99 -35.44
C VAL A 223 0.85 -2.08 -36.46
N ASN A 224 0.31 -3.23 -36.04
CA ASN A 224 0.10 -4.33 -36.98
C ASN A 224 -1.37 -4.39 -37.29
N GLN A 225 -1.69 -4.03 -38.55
CA GLN A 225 -3.09 -3.94 -39.00
C GLN A 225 -3.44 -5.25 -39.68
N ILE A 226 -4.55 -5.87 -39.24
CA ILE A 226 -4.87 -7.25 -39.55
C ILE A 226 -6.04 -7.42 -40.58
N VAL A 227 -6.53 -6.30 -41.08
CA VAL A 227 -7.68 -6.36 -42.01
C VAL A 227 -7.21 -6.02 -43.44
N PRO A 228 -7.96 -6.51 -44.47
CA PRO A 228 -7.64 -6.33 -45.90
C PRO A 228 -7.64 -4.86 -46.36
N GLN A 229 -8.48 -4.03 -45.71
CA GLN A 229 -8.75 -2.64 -46.15
C GLN A 229 -7.73 -1.62 -45.64
N LYS A 230 -7.72 -0.45 -46.27
CA LYS A 230 -6.97 0.73 -45.79
C LYS A 230 -7.88 1.44 -44.78
N ILE A 231 -7.36 1.71 -43.57
CA ILE A 231 -8.21 2.17 -42.46
C ILE A 231 -7.79 3.55 -41.96
N PRO A 232 -8.63 4.58 -42.16
CA PRO A 232 -8.33 5.88 -41.55
C PRO A 232 -8.29 5.76 -40.01
N ALA A 233 -7.33 6.41 -39.40
CA ALA A 233 -7.20 6.34 -37.94
C ALA A 233 -6.62 7.64 -37.43
N GLU A 234 -6.82 7.92 -36.15
CA GLU A 234 -6.16 9.02 -35.49
C GLU A 234 -5.35 8.34 -34.38
N VAL A 235 -4.06 8.61 -34.41
CA VAL A 235 -3.16 8.20 -33.33
C VAL A 235 -3.08 9.33 -32.32
N ARG A 236 -3.28 8.98 -31.05
CA ARG A 236 -3.24 9.96 -29.96
C ARG A 236 -2.22 9.51 -28.92
N VAL A 237 -1.44 10.45 -28.42
CA VAL A 237 -0.64 10.19 -27.22
C VAL A 237 -1.02 11.20 -26.15
N ASN A 238 -1.36 10.69 -24.97
CA ASN A 238 -1.68 11.53 -23.82
C ASN A 238 -0.60 11.33 -22.77
N VAL A 239 -0.05 12.43 -22.23
CA VAL A 239 0.97 12.37 -21.22
C VAL A 239 0.26 12.95 -20.01
N SER A 240 0.21 12.20 -18.91
CA SER A 240 -0.40 12.70 -17.68
CA SER A 240 -0.44 12.66 -17.67
C SER A 240 0.44 12.42 -16.46
N LEU A 241 0.16 13.14 -15.39
CA LEU A 241 0.83 12.93 -14.12
C LEU A 241 -0.23 12.93 -13.04
N ASN A 242 -0.26 11.87 -12.23
CA ASN A 242 -1.19 11.79 -11.12
C ASN A 242 -2.66 12.00 -11.58
N GLY A 243 -2.99 11.47 -12.76
CA GLY A 243 -4.35 11.52 -13.28
C GLY A 243 -4.76 12.77 -14.02
N THR A 244 -3.85 13.72 -14.18
CA THR A 244 -4.09 14.99 -14.86
C THR A 244 -3.23 15.16 -16.12
N THR A 245 -3.89 15.46 -17.25
CA THR A 245 -3.15 15.60 -18.49
C THR A 245 -2.14 16.74 -18.46
N VAL A 246 -0.92 16.43 -18.90
CA VAL A 246 0.15 17.41 -19.05
C VAL A 246 0.20 17.89 -20.48
N THR A 247 0.16 16.96 -21.43
CA THR A 247 0.19 17.31 -22.85
C THR A 247 -0.47 16.18 -23.66
N GLU A 248 -1.04 16.53 -24.82
CA GLU A 248 -1.71 15.55 -25.64
C GLU A 248 -1.38 15.92 -27.08
N VAL A 249 -1.10 14.89 -27.88
CA VAL A 249 -0.81 15.10 -29.30
C VAL A 249 -1.56 14.06 -30.12
N LYS A 250 -1.83 14.43 -31.39
CA LYS A 250 -2.55 13.52 -32.26
C LYS A 250 -2.02 13.65 -33.69
N GLN A 251 -2.32 12.60 -34.46
CA GLN A 251 -1.85 12.51 -35.84
C GLN A 251 -2.81 11.71 -36.67
N GLN A 252 -3.21 12.23 -37.84
CA GLN A 252 -4.11 11.46 -38.71
C GLN A 252 -3.26 10.56 -39.62
N VAL A 253 -3.69 9.33 -39.77
CA VAL A 253 -3.01 8.38 -40.67
C VAL A 253 -4.05 7.60 -41.41
N THR A 254 -3.61 6.84 -42.40
CA THR A 254 -4.41 5.76 -42.91
C THR A 254 -3.57 4.49 -42.77
N LEU A 255 -4.05 3.56 -41.95
CA LEU A 255 -3.29 2.35 -41.65
C LEU A 255 -3.39 1.43 -42.84
N GLN A 256 -2.23 0.96 -43.28
CA GLN A 256 -2.18 -0.02 -44.36
C GLN A 256 -2.18 -1.42 -43.78
N PRO A 257 -2.68 -2.42 -44.54
CA PRO A 257 -2.56 -3.82 -44.10
C PRO A 257 -1.10 -4.15 -43.72
N GLY A 258 -0.90 -4.87 -42.62
CA GLY A 258 0.44 -5.20 -42.14
C GLY A 258 1.02 -4.16 -41.20
N ILE A 259 2.34 -4.01 -41.22
CA ILE A 259 3.04 -3.15 -40.26
C ILE A 259 2.99 -1.70 -40.69
N ASN A 260 2.70 -0.81 -39.73
CA ASN A 260 2.74 0.62 -39.92
C ASN A 260 3.66 1.24 -38.88
N HIS A 261 4.48 2.18 -39.30
CA HIS A 261 5.41 2.86 -38.41
C HIS A 261 4.95 4.28 -38.23
N ILE A 262 4.67 4.68 -37.00
CA ILE A 262 4.06 5.95 -36.74
C ILE A 262 4.89 6.65 -35.69
N THR A 263 5.22 7.92 -35.91
CA THR A 263 6.00 8.66 -34.92
C THR A 263 5.32 10.00 -34.57
N LEU A 264 5.11 10.25 -33.28
CA LEU A 264 4.49 11.52 -32.83
C LEU A 264 5.38 12.17 -31.80
N PRO A 265 5.87 13.39 -32.10
CA PRO A 265 6.61 14.19 -31.12
C PRO A 265 5.71 14.71 -30.00
N ALA A 266 6.29 14.87 -28.83
CA ALA A 266 5.62 15.50 -27.69
C ALA A 266 6.67 16.18 -26.85
N GLU A 267 6.27 17.23 -26.13
CA GLU A 267 7.20 17.92 -25.25
C GLU A 267 6.52 18.13 -23.91
N VAL A 268 7.34 18.08 -22.88
CA VAL A 268 6.91 18.41 -21.52
C VAL A 268 7.76 19.60 -21.08
N THR A 269 7.10 20.74 -20.84
CA THR A 269 7.87 21.90 -20.39
C THR A 269 8.06 21.80 -18.90
N ASN A 270 9.17 22.35 -18.40
CA ASN A 270 9.48 22.29 -16.96
C ASN A 270 9.25 20.90 -16.36
N PRO A 271 9.91 19.87 -16.96
CA PRO A 271 9.64 18.50 -16.56
C PRO A 271 10.04 18.20 -15.12
N VAL A 272 9.30 17.29 -14.50
CA VAL A 272 9.61 16.83 -13.13
C VAL A 272 10.50 15.58 -13.29
N ARG A 273 11.77 15.67 -12.91
CA ARG A 273 12.69 14.56 -13.24
C ARG A 273 12.54 13.38 -12.32
N TRP A 274 12.75 12.20 -12.87
CA TRP A 274 12.90 10.97 -12.07
C TRP A 274 14.26 11.01 -11.40
N MET A 275 14.27 10.79 -10.08
CA MET A 275 15.50 10.78 -9.28
CA MET A 275 15.52 10.74 -9.33
C MET A 275 15.67 9.39 -8.64
N PRO A 276 16.92 8.94 -8.48
CA PRO A 276 17.17 7.65 -7.85
C PRO A 276 17.06 7.75 -6.34
N ASN A 277 16.93 6.58 -5.72
CA ASN A 277 16.72 6.48 -4.28
C ASN A 277 17.80 7.24 -3.54
N GLY A 278 17.35 8.12 -2.64
CA GLY A 278 18.27 8.92 -1.84
C GLY A 278 18.41 10.34 -2.38
N TRP A 279 18.08 10.55 -3.64
CA TRP A 279 18.23 11.88 -4.29
C TRP A 279 16.91 12.57 -4.61
N GLY A 280 15.82 12.01 -4.15
CA GLY A 280 14.51 12.63 -4.39
C GLY A 280 13.49 11.61 -4.83
N THR A 281 12.46 12.09 -5.52
CA THR A 281 11.29 11.28 -5.84
C THR A 281 11.47 10.62 -7.22
N PRO A 282 11.12 9.34 -7.34
CA PRO A 282 11.20 8.64 -8.64
C PRO A 282 9.93 8.92 -9.47
N THR A 283 9.76 10.18 -9.85
CA THR A 283 8.52 10.63 -10.49
C THR A 283 8.31 9.88 -11.83
N LEU A 284 7.10 9.35 -12.04
CA LEU A 284 6.78 8.62 -13.29
C LEU A 284 5.56 9.26 -13.92
N TYR A 285 5.72 9.67 -15.19
CA TYR A 285 4.63 10.11 -16.04
C TYR A 285 3.89 8.91 -16.62
N ASP A 286 2.61 9.10 -16.95
CA ASP A 286 1.85 8.05 -17.66
C ASP A 286 1.72 8.46 -19.13
N PHE A 287 2.35 7.68 -20.02
CA PHE A 287 2.25 7.93 -21.48
C PHE A 287 1.32 6.86 -22.05
N SER A 288 0.20 7.29 -22.64
CA SER A 288 -0.76 6.37 -23.23
C SER A 288 -0.88 6.69 -24.71
N ALA A 289 -0.63 5.69 -25.55
CA ALA A 289 -0.85 5.75 -27.01
C ALA A 289 -2.15 5.03 -27.37
N GLN A 290 -2.96 5.64 -28.23
CA GLN A 290 -4.23 5.07 -28.60
C GLN A 290 -4.36 5.17 -30.12
N ILE A 291 -4.97 4.15 -30.68
CA ILE A 291 -5.34 4.15 -32.09
C ILE A 291 -6.87 4.22 -32.13
N ALA A 292 -7.39 5.34 -32.66
CA ALA A 292 -8.85 5.55 -32.75
C ALA A 292 -9.29 5.42 -34.22
N CYS A 293 -10.29 4.57 -34.44
CA CYS A 293 -10.89 4.38 -35.75
C CYS A 293 -12.35 4.64 -35.57
N GLY A 294 -12.81 5.70 -36.25
CA GLY A 294 -14.18 6.20 -36.04
C GLY A 294 -14.33 6.59 -34.59
N ASP A 295 -15.38 6.10 -33.94
CA ASP A 295 -15.60 6.50 -32.56
C ASP A 295 -14.85 5.59 -31.55
N ARG A 296 -14.28 4.46 -32.04
CA ARG A 296 -13.74 3.41 -31.14
C ARG A 296 -12.21 3.43 -31.01
N ILE A 297 -11.75 3.16 -29.80
CA ILE A 297 -10.34 3.06 -29.55
C ILE A 297 -9.98 1.60 -29.74
N VAL A 298 -9.36 1.24 -30.88
CA VAL A 298 -9.18 -0.17 -31.18
C VAL A 298 -7.95 -0.79 -30.51
N ALA A 299 -6.99 0.06 -30.17
CA ALA A 299 -5.76 -0.40 -29.48
C ALA A 299 -5.27 0.71 -28.58
N GLU A 300 -4.81 0.33 -27.39
CA GLU A 300 -4.14 1.27 -26.54
C GLU A 300 -2.96 0.57 -25.87
N GLN A 301 -1.90 1.31 -25.64
CA GLN A 301 -0.76 0.80 -24.84
C GLN A 301 -0.19 1.96 -24.04
N SER A 302 0.12 1.70 -22.77
CA SER A 302 0.78 2.73 -21.97
CA SER A 302 0.74 2.71 -21.89
C SER A 302 2.11 2.28 -21.39
N HIS A 303 2.90 3.28 -21.00
CA HIS A 303 4.12 3.02 -20.22
C HIS A 303 4.20 4.09 -19.17
N ARG A 304 4.70 3.72 -18.00
CA ARG A 304 5.18 4.72 -17.05
C ARG A 304 6.58 5.13 -17.50
N ILE A 305 6.77 6.45 -17.58
CA ILE A 305 8.01 7.02 -18.07
C ILE A 305 8.68 7.93 -17.06
N GLY A 306 10.00 7.76 -16.86
CA GLY A 306 10.74 8.66 -15.98
C GLY A 306 11.64 9.52 -16.81
N LEU A 307 11.58 10.82 -16.59
CA LEU A 307 12.35 11.78 -17.35
C LEU A 307 13.66 11.98 -16.61
N ARG A 308 14.73 11.38 -17.11
CA ARG A 308 16.03 11.58 -16.49
C ARG A 308 17.08 11.33 -17.56
N THR A 309 18.30 11.79 -17.31
CA THR A 309 19.43 11.28 -18.10
C THR A 309 20.27 10.32 -17.30
N ILE A 310 20.73 9.26 -17.96
CA ILE A 310 21.73 8.39 -17.34
C ILE A 310 22.87 8.27 -18.34
N ARG A 311 24.07 8.61 -17.88
CA ARG A 311 25.25 8.46 -18.71
C ARG A 311 26.28 7.63 -17.96
N VAL A 312 26.75 6.57 -18.60
CA VAL A 312 27.87 5.81 -18.06
C VAL A 312 29.13 6.42 -18.66
N VAL A 313 30.02 6.80 -17.76
CA VAL A 313 31.25 7.46 -18.14
C VAL A 313 32.35 6.43 -17.93
N ASN A 314 33.02 6.10 -19.04
CA ASN A 314 34.00 5.01 -19.04
C ASN A 314 35.11 5.47 -19.97
N GLU A 315 36.02 6.23 -19.38
CA GLU A 315 37.04 6.99 -20.09
C GLU A 315 38.41 6.82 -19.49
N LYS A 316 39.39 6.85 -20.37
CA LYS A 316 40.77 6.85 -19.93
C LYS A 316 41.02 8.11 -19.12
N ASP A 317 41.74 7.93 -18.02
CA ASP A 317 42.07 9.03 -17.16
C ASP A 317 43.41 8.74 -16.52
N LYS A 318 43.84 9.60 -15.58
CA LYS A 318 45.18 9.46 -15.02
C LYS A 318 45.36 8.20 -14.17
N ASP A 319 44.23 7.67 -13.68
CA ASP A 319 44.25 6.47 -12.82
C ASP A 319 44.02 5.15 -13.60
N GLY A 320 43.68 5.24 -14.88
CA GLY A 320 43.42 4.06 -15.73
C GLY A 320 42.24 4.35 -16.64
N GLU A 321 41.11 3.73 -16.33
CA GLU A 321 39.83 4.01 -17.02
C GLU A 321 38.74 4.06 -15.97
N SER A 322 38.01 5.17 -15.97
CA SER A 322 36.95 5.37 -15.01
C SER A 322 35.77 4.50 -15.36
N PHE A 323 34.88 4.29 -14.40
CA PHE A 323 33.63 3.57 -14.69
C PHE A 323 32.61 4.09 -13.69
N TYR A 324 31.73 4.96 -14.14
CA TYR A 324 30.74 5.48 -13.20
C TYR A 324 29.47 5.97 -13.91
N PHE A 325 28.46 6.25 -13.11
CA PHE A 325 27.17 6.66 -13.59
C PHE A 325 26.93 8.13 -13.25
N GLU A 326 26.41 8.89 -14.24
CA GLU A 326 26.01 10.28 -14.04
CA GLU A 326 26.02 10.28 -14.05
C GLU A 326 24.50 10.29 -14.21
N VAL A 327 23.78 10.75 -13.20
CA VAL A 327 22.32 10.74 -13.26
C VAL A 327 21.84 12.18 -13.18
N ASN A 328 21.07 12.60 -14.20
CA ASN A 328 20.65 14.00 -14.28
C ASN A 328 21.81 14.98 -14.19
N GLY A 329 22.93 14.56 -14.77
CA GLY A 329 24.15 15.37 -14.87
C GLY A 329 25.06 15.31 -13.65
N ILE A 330 24.69 14.52 -12.64
CA ILE A 330 25.44 14.48 -11.39
C ILE A 330 26.04 13.09 -11.18
N PRO A 331 27.37 13.02 -10.98
CA PRO A 331 27.94 11.70 -10.67
C PRO A 331 27.34 11.10 -9.42
N MET A 332 26.88 9.86 -9.60
CA MET A 332 26.16 9.16 -8.54
C MET A 332 26.96 7.93 -8.16
N PHE A 333 27.48 7.95 -6.93
CA PHE A 333 28.22 6.78 -6.45
C PHE A 333 27.21 5.61 -6.28
N ALA A 334 27.48 4.48 -6.95
CA ALA A 334 26.52 3.37 -6.98
C ALA A 334 26.62 2.58 -5.69
N LYS A 335 25.45 2.28 -5.13
CA LYS A 335 25.39 1.44 -3.90
C LYS A 335 24.33 0.39 -4.10
N GLY A 336 24.75 -0.85 -4.13
CA GLY A 336 23.72 -1.89 -4.26
C GLY A 336 24.30 -3.28 -4.25
N ALA A 337 23.71 -4.16 -5.06
CA ALA A 337 24.05 -5.57 -4.98
C ALA A 337 23.69 -6.26 -6.30
N ASN A 338 24.22 -7.47 -6.43
CA ASN A 338 23.88 -8.39 -7.53
C ASN A 338 22.65 -9.20 -7.18
N TYR A 339 21.70 -9.22 -8.10
CA TYR A 339 20.48 -9.96 -7.92
C TYR A 339 20.50 -11.27 -8.75
N ILE A 340 20.08 -12.38 -8.12
CA ILE A 340 19.94 -13.69 -8.81
C ILE A 340 18.44 -14.04 -8.80
N PRO A 341 18.04 -15.07 -9.55
CA PRO A 341 16.65 -15.54 -9.45
C PRO A 341 16.20 -15.78 -7.99
N GLN A 342 14.94 -15.45 -7.72
CA GLN A 342 14.43 -15.59 -6.38
C GLN A 342 13.99 -17.01 -6.05
N ASP A 343 14.02 -17.93 -7.02
CA ASP A 343 13.62 -19.28 -6.70
C ASP A 343 14.13 -20.19 -7.78
N ALA A 344 14.36 -21.43 -7.39
CA ALA A 344 14.62 -22.49 -8.36
C ALA A 344 13.47 -22.67 -9.36
N LEU A 345 12.24 -22.37 -8.93
CA LEU A 345 11.08 -22.50 -9.80
C LEU A 345 10.46 -21.11 -9.96
N LEU A 346 10.78 -20.49 -11.10
CA LEU A 346 10.50 -19.08 -11.30
C LEU A 346 9.02 -18.66 -11.04
N PRO A 347 8.05 -19.44 -11.55
CA PRO A 347 6.65 -19.04 -11.33
C PRO A 347 6.18 -19.08 -9.87
N ASN A 348 7.01 -19.70 -9.02
CA ASN A 348 6.70 -19.74 -7.58
C ASN A 348 6.96 -18.41 -6.90
N VAL A 349 7.72 -17.52 -7.57
CA VAL A 349 7.97 -16.21 -6.99
C VAL A 349 6.74 -15.32 -7.13
N THR A 350 6.21 -14.90 -6.00
CA THR A 350 4.97 -14.17 -5.96
C THR A 350 5.17 -12.67 -6.09
N THR A 351 4.10 -11.94 -6.43
CA THR A 351 4.11 -10.48 -6.51
C THR A 351 4.55 -9.89 -5.19
N GLU A 352 4.04 -10.48 -4.10
CA GLU A 352 4.46 -10.02 -2.76
C GLU A 352 5.98 -10.15 -2.49
N ARG A 353 6.54 -11.25 -2.96
CA ARG A 353 7.97 -11.50 -2.82
CA ARG A 353 7.96 -11.51 -2.84
C ARG A 353 8.78 -10.42 -3.59
N TYR A 354 8.36 -10.10 -4.82
CA TYR A 354 9.04 -9.02 -5.57
C TYR A 354 8.95 -7.68 -4.82
N GLN A 355 7.72 -7.35 -4.38
CA GLN A 355 7.53 -6.11 -3.62
C GLN A 355 8.43 -6.07 -2.37
N THR A 356 8.49 -7.18 -1.64
CA THR A 356 9.25 -7.19 -0.40
C THR A 356 10.72 -7.00 -0.73
N LEU A 357 11.19 -7.69 -1.78
CA LEU A 357 12.61 -7.56 -2.14
C LEU A 357 12.98 -6.12 -2.49
N PHE A 358 12.09 -5.40 -3.21
CA PHE A 358 12.40 -4.01 -3.47
C PHE A 358 12.35 -3.12 -2.24
N ARG A 359 11.44 -3.46 -1.31
CA ARG A 359 11.43 -2.76 -0.04
C ARG A 359 12.77 -2.96 0.70
N ASP A 360 13.29 -4.19 0.64
CA ASP A 360 14.64 -4.52 1.22
C ASP A 360 15.76 -3.71 0.60
N MET A 361 15.70 -3.52 -0.73
CA MET A 361 16.72 -2.73 -1.40
C MET A 361 16.60 -1.26 -1.04
N LYS A 362 15.38 -0.71 -1.13
CA LYS A 362 15.15 0.72 -0.89
C LYS A 362 15.54 1.06 0.56
N GLU A 363 15.15 0.18 1.50
CA GLU A 363 15.36 0.45 2.91
C GLU A 363 16.83 0.33 3.29
N ALA A 364 17.59 -0.41 2.49
CA ALA A 364 19.07 -0.44 2.67
C ALA A 364 19.81 0.68 1.92
N ASN A 365 19.09 1.73 1.49
CA ASN A 365 19.71 2.91 0.88
C ASN A 365 20.37 2.60 -0.46
N MET A 366 19.96 1.51 -1.09
CA MET A 366 20.54 1.16 -2.40
C MET A 366 20.02 2.05 -3.55
N ASN A 367 20.89 2.28 -4.53
CA ASN A 367 20.40 3.00 -5.73
C ASN A 367 20.63 2.22 -7.00
N MET A 368 21.13 0.98 -6.87
CA MET A 368 21.40 0.15 -8.07
C MET A 368 21.31 -1.32 -7.77
N VAL A 369 20.90 -2.07 -8.80
CA VAL A 369 20.87 -3.53 -8.74
C VAL A 369 21.37 -4.06 -10.08
N ARG A 370 22.24 -5.06 -10.00
CA ARG A 370 22.70 -5.74 -11.22
C ARG A 370 21.86 -7.02 -11.37
N ILE A 371 21.18 -7.12 -12.52
CA ILE A 371 20.48 -8.37 -12.88
C ILE A 371 21.51 -9.23 -13.62
N TRP A 372 22.11 -10.11 -12.84
CA TRP A 372 23.30 -10.86 -13.27
C TRP A 372 22.97 -11.95 -14.32
N GLY A 373 23.92 -12.23 -15.21
CA GLY A 373 23.66 -12.96 -16.45
C GLY A 373 23.47 -14.48 -16.40
N GLY A 374 23.48 -15.11 -15.21
CA GLY A 374 23.13 -16.56 -15.16
C GLY A 374 21.68 -16.83 -14.76
N GLY A 375 20.89 -15.75 -14.72
CA GLY A 375 19.47 -15.81 -14.28
C GLY A 375 18.49 -15.74 -15.45
N THR A 376 17.52 -14.82 -15.32
CA THR A 376 16.66 -14.50 -16.46
C THR A 376 16.61 -12.97 -16.69
N TYR A 377 16.15 -12.57 -17.87
CA TYR A 377 15.67 -11.20 -18.01
C TYR A 377 14.36 -11.17 -17.19
N GLU A 378 14.29 -10.26 -16.23
CA GLU A 378 13.27 -10.42 -15.22
C GLU A 378 11.88 -10.06 -15.71
N ASN A 379 10.91 -10.36 -14.88
CA ASN A 379 9.56 -10.03 -15.28
C ASN A 379 9.28 -8.53 -15.29
N ASN A 380 8.18 -8.18 -15.93
CA ASN A 380 7.90 -6.74 -16.07
C ASN A 380 7.79 -6.08 -14.70
N LEU A 381 7.23 -6.82 -13.76
CA LEU A 381 6.99 -6.32 -12.39
C LEU A 381 8.32 -5.86 -11.75
N PHE A 382 9.38 -6.65 -11.95
CA PHE A 382 10.66 -6.29 -11.38
C PHE A 382 11.07 -4.89 -11.81
N TYR A 383 11.02 -4.63 -13.10
CA TYR A 383 11.43 -3.31 -13.63
C TYR A 383 10.44 -2.19 -13.22
N ASP A 384 9.17 -2.51 -13.15
CA ASP A 384 8.21 -1.55 -12.62
C ASP A 384 8.57 -1.15 -11.20
N LEU A 385 8.94 -2.13 -10.37
CA LEU A 385 9.29 -1.80 -8.99
C LEU A 385 10.58 -1.00 -8.92
N ALA A 386 11.55 -1.34 -9.77
CA ALA A 386 12.78 -0.57 -9.82
C ALA A 386 12.50 0.90 -10.23
N ASP A 387 11.58 1.05 -11.17
CA ASP A 387 11.15 2.40 -11.56
C ASP A 387 10.61 3.18 -10.37
N GLU A 388 9.66 2.55 -9.64
CA GLU A 388 8.96 3.31 -8.58
C GLU A 388 9.73 3.39 -7.24
N ASN A 389 10.86 2.69 -7.16
CA ASN A 389 11.74 2.77 -6.00
C ASN A 389 13.07 3.50 -6.28
N GLY A 390 13.27 3.99 -7.51
CA GLY A 390 14.47 4.81 -7.77
C GLY A 390 15.74 3.96 -7.77
N ILE A 391 15.65 2.72 -8.25
CA ILE A 391 16.81 1.85 -8.31
CA ILE A 391 16.79 1.80 -8.31
C ILE A 391 17.23 1.62 -9.76
N LEU A 392 18.42 2.10 -10.09
CA LEU A 392 18.99 1.86 -11.42
C LEU A 392 19.20 0.35 -11.60
N VAL A 393 19.04 -0.08 -12.84
CA VAL A 393 19.25 -1.48 -13.20
C VAL A 393 20.40 -1.63 -14.22
N TRP A 394 21.40 -2.41 -13.82
CA TRP A 394 22.44 -2.92 -14.71
C TRP A 394 21.95 -4.28 -15.19
N GLN A 395 21.70 -4.37 -16.50
CA GLN A 395 21.12 -5.59 -17.07
C GLN A 395 22.16 -6.39 -17.86
N ASP A 396 22.62 -7.50 -17.29
CA ASP A 396 23.44 -8.43 -18.12
C ASP A 396 22.53 -9.15 -19.15
N PHE A 397 23.07 -9.43 -20.32
CA PHE A 397 22.42 -10.47 -21.11
C PHE A 397 22.69 -11.83 -20.43
N MET A 398 21.92 -12.85 -20.81
CA MET A 398 21.91 -14.09 -20.05
C MET A 398 23.02 -15.10 -20.51
N PHE A 399 24.25 -14.65 -20.30
CA PHE A 399 25.44 -15.48 -20.58
C PHE A 399 26.37 -15.33 -19.40
N ALA A 400 26.84 -16.46 -18.83
CA ALA A 400 27.66 -16.36 -17.63
C ALA A 400 28.63 -17.51 -17.45
N CYS A 401 29.88 -17.13 -17.25
CA CYS A 401 30.95 -17.96 -16.69
C CYS A 401 31.62 -18.89 -17.68
N THR A 402 30.96 -19.20 -18.76
CA THR A 402 31.48 -20.13 -19.80
C THR A 402 31.52 -19.44 -21.16
N PRO A 403 32.46 -19.80 -22.03
CA PRO A 403 32.25 -19.45 -23.43
C PRO A 403 31.03 -20.20 -23.97
N TYR A 404 30.39 -19.63 -25.00
CA TYR A 404 29.20 -20.23 -25.59
C TYR A 404 29.49 -20.55 -27.06
N PRO A 405 28.61 -21.32 -27.70
CA PRO A 405 28.68 -21.52 -29.17
C PRO A 405 28.47 -20.18 -29.89
N SER A 406 28.70 -20.21 -31.19
CA SER A 406 28.55 -18.99 -31.97
C SER A 406 28.19 -19.33 -33.41
N ASP A 407 27.57 -20.50 -33.59
CA ASP A 407 27.16 -20.93 -34.93
C ASP A 407 25.92 -20.11 -35.36
N PRO A 408 25.67 -20.05 -36.66
CA PRO A 408 24.52 -19.22 -37.13
C PRO A 408 23.18 -19.47 -36.44
N THR A 409 22.78 -20.74 -36.25
CA THR A 409 21.47 -20.99 -35.64
C THR A 409 21.45 -20.44 -34.22
N PHE A 410 22.56 -20.68 -33.49
CA PHE A 410 22.64 -20.26 -32.13
C PHE A 410 22.55 -18.72 -32.11
N LEU A 411 23.31 -18.05 -32.98
CA LEU A 411 23.30 -16.58 -32.94
C LEU A 411 21.92 -16.01 -33.34
N LYS A 412 21.20 -16.73 -34.21
CA LYS A 412 19.80 -16.35 -34.53
C LYS A 412 18.87 -16.45 -33.31
N ARG A 413 19.01 -17.51 -32.50
CA ARG A 413 18.22 -17.59 -31.25
C ARG A 413 18.55 -16.42 -30.37
N VAL A 414 19.85 -16.11 -30.26
CA VAL A 414 20.28 -15.01 -29.39
C VAL A 414 19.75 -13.67 -29.91
N GLU A 415 19.84 -13.45 -31.21
CA GLU A 415 19.34 -12.18 -31.77
C GLU A 415 17.86 -12.00 -31.40
N ALA A 416 17.09 -13.08 -31.56
CA ALA A 416 15.67 -13.04 -31.24
C ALA A 416 15.44 -12.61 -29.77
N GLU A 417 16.18 -13.24 -28.83
CA GLU A 417 15.99 -12.85 -27.43
C GLU A 417 16.46 -11.42 -27.12
N ALA A 418 17.52 -10.98 -27.80
CA ALA A 418 18.05 -9.63 -27.56
C ALA A 418 17.04 -8.59 -28.06
N VAL A 419 16.53 -8.76 -29.26
CA VAL A 419 15.49 -7.85 -29.77
C VAL A 419 14.27 -7.83 -28.88
N TYR A 420 13.77 -9.00 -28.54
CA TYR A 420 12.59 -9.09 -27.70
C TYR A 420 12.76 -8.38 -26.34
N ASN A 421 13.85 -8.69 -25.63
CA ASN A 421 13.99 -8.15 -24.30
C ASN A 421 14.40 -6.68 -24.32
N ILE A 422 15.18 -6.26 -25.33
CA ILE A 422 15.57 -4.82 -25.39
C ILE A 422 14.23 -4.05 -25.62
N ARG A 423 13.40 -4.50 -26.57
CA ARG A 423 12.13 -3.76 -26.79
C ARG A 423 11.22 -3.82 -25.57
N ARG A 424 11.28 -4.95 -24.85
CA ARG A 424 10.41 -5.15 -23.70
C ARG A 424 10.80 -4.21 -22.58
N LEU A 425 12.11 -3.94 -22.42
CA LEU A 425 12.63 -3.25 -21.22
C LEU A 425 13.00 -1.80 -21.43
N ARG A 426 13.10 -1.37 -22.71
CA ARG A 426 13.75 -0.10 -22.98
C ARG A 426 12.97 1.15 -22.52
N ASN A 427 11.69 1.00 -22.19
CA ASN A 427 10.96 2.18 -21.68
C ASN A 427 11.09 2.40 -20.19
N HIS A 428 11.81 1.50 -19.51
CA HIS A 428 11.92 1.66 -18.06
C HIS A 428 12.90 2.73 -17.62
N ALA A 429 12.43 3.67 -16.78
CA ALA A 429 13.33 4.67 -16.21
C ALA A 429 14.56 4.06 -15.51
N SER A 430 14.33 2.92 -14.86
CA SER A 430 15.34 2.31 -14.03
C SER A 430 16.47 1.73 -14.92
N LEU A 431 16.15 1.33 -16.15
CA LEU A 431 17.19 0.62 -16.97
C LEU A 431 18.36 1.56 -17.28
N ALA A 432 19.57 1.15 -16.86
CA ALA A 432 20.75 2.05 -16.91
C ALA A 432 21.84 1.65 -17.90
N MET A 433 21.98 0.36 -18.15
CA MET A 433 23.03 -0.14 -19.09
C MET A 433 22.81 -1.62 -19.35
N TRP A 434 23.48 -2.09 -20.39
CA TRP A 434 23.46 -3.50 -20.81
C TRP A 434 24.88 -4.00 -20.72
N CYS A 435 25.04 -5.26 -20.32
CA CYS A 435 26.37 -5.91 -20.21
C CYS A 435 26.32 -7.26 -20.92
N GLY A 436 27.25 -7.52 -21.86
CA GLY A 436 27.16 -8.73 -22.68
C GLY A 436 27.09 -10.04 -21.87
N ASN A 437 27.86 -10.11 -20.79
CA ASN A 437 27.96 -11.32 -20.01
C ASN A 437 28.66 -11.11 -18.68
N ASN A 438 28.51 -12.13 -17.83
CA ASN A 438 29.29 -12.22 -16.59
C ASN A 438 30.55 -13.11 -16.78
N GLU A 439 31.72 -12.47 -16.67
CA GLU A 439 33.02 -13.16 -16.47
C GLU A 439 33.49 -14.09 -17.60
N ILE A 440 32.91 -13.97 -18.80
CA ILE A 440 33.32 -14.92 -19.85
C ILE A 440 34.74 -14.61 -20.37
N LEU A 441 35.01 -13.33 -20.64
CA LEU A 441 36.39 -12.98 -21.10
C LEU A 441 37.38 -13.37 -20.02
N GLU A 442 37.06 -13.09 -18.76
CA GLU A 442 37.92 -13.55 -17.65
C GLU A 442 38.21 -15.07 -17.71
N ALA A 443 37.18 -15.87 -17.89
CA ALA A 443 37.36 -17.31 -18.09
C ALA A 443 38.27 -17.65 -19.29
N LEU A 444 37.99 -17.05 -20.45
CA LEU A 444 38.79 -17.26 -21.68
C LEU A 444 40.28 -16.85 -21.50
N LYS A 445 40.54 -15.81 -20.72
CA LYS A 445 41.93 -15.36 -20.48
C LYS A 445 42.67 -16.07 -19.36
N TYR A 446 41.95 -16.40 -18.30
CA TYR A 446 42.59 -16.68 -16.99
C TYR A 446 42.36 -18.05 -16.41
N TRP A 447 41.69 -18.95 -17.15
CA TRP A 447 41.51 -20.33 -16.70
C TRP A 447 42.34 -21.34 -17.54
N GLY A 448 43.22 -20.83 -18.40
CA GLY A 448 44.18 -21.67 -19.12
C GLY A 448 43.58 -22.66 -20.11
N PHE A 449 42.53 -22.21 -20.81
CA PHE A 449 41.86 -23.01 -21.81
C PHE A 449 42.84 -23.26 -22.96
N GLU A 450 43.92 -22.48 -23.02
CA GLU A 450 45.00 -22.73 -23.98
C GLU A 450 45.49 -24.19 -23.94
N LYS A 451 45.46 -24.78 -22.74
CA LYS A 451 45.96 -26.14 -22.50
C LYS A 451 44.88 -27.18 -22.17
N LYS A 452 43.61 -26.76 -22.16
CA LYS A 452 42.48 -27.65 -21.87
C LYS A 452 41.77 -28.03 -23.19
N PHE A 453 42.06 -27.28 -24.24
CA PHE A 453 41.48 -27.50 -25.56
C PHE A 453 42.55 -27.41 -26.59
N THR A 454 42.30 -27.98 -27.77
CA THR A 454 43.24 -27.85 -28.86
C THR A 454 43.37 -26.37 -29.28
N PRO A 455 44.47 -26.00 -29.97
CA PRO A 455 44.56 -24.61 -30.47
C PRO A 455 43.38 -24.21 -31.39
N GLU A 456 42.93 -25.15 -32.22
CA GLU A 456 41.83 -24.91 -33.12
C GLU A 456 40.56 -24.64 -32.33
N VAL A 457 40.28 -25.48 -31.33
CA VAL A 457 39.04 -25.29 -30.54
C VAL A 457 39.13 -23.96 -29.78
N TYR A 458 40.28 -23.70 -29.18
CA TYR A 458 40.44 -22.44 -28.42
C TYR A 458 40.30 -21.21 -29.33
N GLN A 459 40.86 -21.26 -30.52
CA GLN A 459 40.70 -20.15 -31.46
C GLN A 459 39.24 -19.99 -31.82
N GLY A 460 38.54 -21.10 -32.01
CA GLY A 460 37.08 -21.04 -32.28
C GLY A 460 36.32 -20.35 -31.15
N LEU A 461 36.66 -20.69 -29.91
CA LEU A 461 36.11 -20.02 -28.73
C LEU A 461 36.37 -18.51 -28.74
N MET A 462 37.60 -18.13 -29.00
CA MET A 462 37.93 -16.70 -29.02
C MET A 462 37.20 -15.91 -30.14
N HIS A 463 37.16 -16.47 -31.37
CA HIS A 463 36.42 -15.87 -32.49
C HIS A 463 34.93 -15.82 -32.12
N GLY A 464 34.44 -16.90 -31.51
CA GLY A 464 33.01 -16.97 -31.13
C GLY A 464 32.64 -15.92 -30.10
N TYR A 465 33.53 -15.67 -29.16
CA TYR A 465 33.34 -14.60 -28.19
C TYR A 465 33.09 -13.26 -28.90
N ASP A 466 33.97 -12.91 -29.83
CA ASP A 466 33.80 -11.68 -30.57
C ASP A 466 32.50 -11.63 -31.33
N LYS A 467 32.13 -12.71 -31.99
CA LYS A 467 30.91 -12.71 -32.82
C LYS A 467 29.69 -12.40 -31.96
N LEU A 468 29.66 -12.95 -30.75
CA LEU A 468 28.46 -12.75 -29.91
C LEU A 468 28.56 -11.42 -29.12
N PHE A 469 29.68 -11.19 -28.40
CA PHE A 469 29.74 -10.11 -27.39
C PHE A 469 30.31 -8.80 -27.92
N ARG A 470 31.08 -8.89 -29.01
CA ARG A 470 31.66 -7.65 -29.59
C ARG A 470 30.98 -7.25 -30.90
N GLU A 471 30.05 -8.07 -31.38
CA GLU A 471 29.37 -7.78 -32.65
C GLU A 471 27.85 -7.86 -32.48
N LEU A 472 27.31 -9.06 -32.32
CA LEU A 472 25.85 -9.21 -32.30
C LEU A 472 25.19 -8.39 -31.21
N LEU A 473 25.60 -8.61 -29.95
CA LEU A 473 24.89 -7.90 -28.87
C LEU A 473 25.05 -6.36 -28.95
N PRO A 474 26.28 -5.85 -29.11
CA PRO A 474 26.38 -4.35 -29.18
C PRO A 474 25.70 -3.77 -30.41
N SER A 475 25.67 -4.50 -31.52
CA SER A 475 24.93 -4.01 -32.69
CA SER A 475 24.94 -3.98 -32.68
C SER A 475 23.43 -3.92 -32.39
N THR A 476 22.92 -4.91 -31.66
CA THR A 476 21.50 -4.95 -31.35
C THR A 476 21.13 -3.80 -30.38
N VAL A 477 21.98 -3.54 -29.41
CA VAL A 477 21.74 -2.43 -28.48
C VAL A 477 21.80 -1.10 -29.27
N LYS A 478 22.73 -1.02 -30.20
CA LYS A 478 22.88 0.25 -30.96
C LYS A 478 21.62 0.50 -31.79
N GLU A 479 21.03 -0.57 -32.33
CA GLU A 479 19.82 -0.48 -33.15
C GLU A 479 18.59 -0.17 -32.34
N PHE A 480 18.43 -0.88 -31.21
CA PHE A 480 17.14 -0.80 -30.48
C PHE A 480 17.16 -0.01 -29.17
N ASP A 481 18.34 0.34 -28.68
CA ASP A 481 18.43 1.09 -27.41
C ASP A 481 19.66 1.98 -27.51
N SER A 482 19.66 2.85 -28.52
CA SER A 482 20.90 3.55 -28.90
C SER A 482 21.44 4.52 -27.84
N ASP A 483 20.54 4.96 -26.96
CA ASP A 483 20.87 5.92 -25.90
C ASP A 483 21.42 5.23 -24.64
N ARG A 484 21.54 3.89 -24.64
CA ARG A 484 22.01 3.19 -23.44
C ARG A 484 23.38 2.58 -23.67
N PHE A 485 24.19 2.60 -22.61
CA PHE A 485 25.56 2.05 -22.60
C PHE A 485 25.54 0.52 -22.69
N TYR A 486 26.54 -0.01 -23.41
CA TYR A 486 26.79 -1.45 -23.48
C TYR A 486 28.27 -1.68 -23.23
N VAL A 487 28.57 -2.68 -22.42
CA VAL A 487 29.95 -3.19 -22.30
C VAL A 487 29.94 -4.70 -22.54
N HIS A 488 30.98 -5.24 -23.16
CA HIS A 488 30.89 -6.63 -23.61
C HIS A 488 30.91 -7.67 -22.46
N SER A 489 31.48 -7.30 -21.31
CA SER A 489 31.63 -8.23 -20.18
C SER A 489 31.83 -7.46 -18.89
N SER A 490 31.45 -8.09 -17.78
CA SER A 490 31.82 -7.64 -16.44
C SER A 490 32.59 -8.77 -15.72
N PRO A 491 33.82 -8.52 -15.26
CA PRO A 491 34.58 -7.24 -15.36
C PRO A 491 35.19 -7.16 -16.77
N TYR A 492 35.27 -5.97 -17.37
CA TYR A 492 35.71 -5.97 -18.76
C TYR A 492 37.22 -6.16 -18.95
N LEU A 493 37.98 -5.84 -17.91
CA LEU A 493 39.44 -5.97 -18.00
CA LEU A 493 39.43 -6.00 -18.01
C LEU A 493 40.09 -6.40 -16.71
N ALA A 494 39.75 -5.72 -15.62
CA ALA A 494 40.38 -5.96 -14.31
C ALA A 494 40.19 -7.37 -13.89
N ASN A 495 41.25 -7.93 -13.31
CA ASN A 495 41.22 -9.31 -12.80
C ASN A 495 41.73 -9.30 -11.37
N TRP A 496 41.16 -10.12 -10.48
CA TRP A 496 41.46 -10.00 -9.05
C TRP A 496 42.88 -10.49 -8.72
N GLY A 497 43.47 -11.21 -9.66
CA GLY A 497 44.85 -11.71 -9.46
C GLY A 497 45.93 -10.78 -10.00
N ARG A 498 45.50 -9.65 -10.55
CA ARG A 498 46.38 -8.74 -11.29
C ARG A 498 46.21 -7.31 -10.78
N PRO A 499 46.91 -6.96 -9.66
CA PRO A 499 46.75 -5.62 -9.05
C PRO A 499 46.91 -4.45 -10.05
N GLU A 500 47.74 -4.64 -11.07
CA GLU A 500 48.01 -3.59 -12.08
C GLU A 500 46.79 -3.24 -12.96
N SER A 501 45.80 -4.14 -12.97
CA SER A 501 44.58 -3.97 -13.80
C SER A 501 43.45 -3.22 -13.06
N TRP A 502 43.59 -3.01 -11.75
CA TRP A 502 42.48 -2.54 -10.91
C TRP A 502 42.05 -1.10 -11.18
N GLY A 503 42.97 -0.33 -11.75
CA GLY A 503 42.61 1.03 -12.14
C GLY A 503 41.79 1.12 -13.42
N THR A 504 41.46 -0.03 -14.03
CA THR A 504 40.86 -0.04 -15.37
C THR A 504 39.48 -0.66 -15.33
N GLY A 505 38.46 0.20 -15.28
CA GLY A 505 37.06 -0.28 -15.36
C GLY A 505 36.62 -0.98 -14.08
N ASP A 506 35.59 -1.86 -14.20
CA ASP A 506 35.03 -2.46 -13.03
C ASP A 506 35.79 -3.71 -12.59
N SER A 507 35.74 -3.98 -11.29
CA SER A 507 36.35 -5.15 -10.67
C SER A 507 35.34 -6.12 -10.09
N HIS A 508 35.59 -7.40 -10.32
CA HIS A 508 35.04 -8.47 -9.46
C HIS A 508 36.23 -8.90 -8.59
N ASN A 509 36.40 -8.21 -7.46
CA ASN A 509 37.58 -8.54 -6.66
C ASN A 509 37.28 -9.66 -5.68
N TRP A 510 37.66 -10.86 -6.11
CA TRP A 510 37.39 -12.06 -5.32
C TRP A 510 38.62 -12.53 -4.49
N GLY A 511 39.53 -11.58 -4.21
CA GLY A 511 40.59 -11.85 -3.23
C GLY A 511 39.99 -12.31 -1.88
N VAL A 512 39.02 -11.57 -1.35
CA VAL A 512 38.21 -12.04 -0.23
C VAL A 512 37.28 -13.18 -0.69
N TRP A 513 37.21 -14.22 0.13
CA TRP A 513 36.52 -15.51 -0.21
C TRP A 513 37.46 -16.37 -1.08
N TYR A 514 37.45 -16.20 -2.42
CA TYR A 514 38.21 -17.12 -3.27
C TYR A 514 39.73 -17.06 -3.09
N GLY A 515 40.25 -15.85 -2.85
CA GLY A 515 41.70 -15.68 -2.60
C GLY A 515 42.07 -15.81 -1.12
N LYS A 516 41.07 -16.06 -0.27
CA LYS A 516 41.23 -16.14 1.20
C LYS A 516 41.79 -14.88 1.87
N LYS A 517 41.73 -13.75 1.18
CA LYS A 517 42.33 -12.52 1.74
C LYS A 517 41.57 -12.07 2.96
N PRO A 518 42.26 -11.43 3.89
CA PRO A 518 41.54 -10.84 5.03
C PRO A 518 40.65 -9.65 4.55
N PHE A 519 39.60 -9.35 5.29
CA PHE A 519 38.73 -8.17 4.97
C PHE A 519 39.51 -6.85 4.90
N GLU A 520 40.59 -6.74 5.67
CA GLU A 520 41.41 -5.54 5.59
C GLU A 520 41.98 -5.28 4.21
N SER A 521 42.11 -6.33 3.35
CA SER A 521 42.64 -6.13 2.03
C SER A 521 41.75 -5.18 1.22
N LEU A 522 40.49 -5.09 1.63
CA LEU A 522 39.54 -4.22 0.88
C LEU A 522 39.89 -2.72 1.02
N ASP A 523 40.69 -2.41 2.05
CA ASP A 523 41.17 -1.03 2.21
C ASP A 523 42.24 -0.63 1.21
N THR A 524 43.01 -1.61 0.75
CA THR A 524 44.15 -1.36 -0.09
C THR A 524 43.87 -1.73 -1.56
N ASP A 525 43.06 -2.77 -1.76
CA ASP A 525 42.89 -3.37 -3.09
C ASP A 525 41.73 -2.69 -3.82
N LEU A 526 41.88 -1.39 -4.10
CA LEU A 526 40.69 -0.58 -4.49
C LEU A 526 40.36 -0.68 -5.97
N PRO A 527 39.05 -0.73 -6.30
CA PRO A 527 38.66 -0.68 -7.68
C PRO A 527 38.18 0.70 -8.13
N ARG A 528 37.99 0.87 -9.42
CA ARG A 528 37.30 2.07 -9.97
C ARG A 528 35.80 1.94 -9.78
N PHE A 529 35.34 0.69 -9.69
CA PHE A 529 33.89 0.40 -9.47
C PHE A 529 33.90 -1.08 -9.10
N MET A 530 33.28 -1.43 -7.97
CA MET A 530 33.28 -2.84 -7.53
C MET A 530 31.99 -3.46 -7.99
N SER A 531 32.01 -4.20 -9.09
CA SER A 531 30.74 -4.81 -9.54
C SER A 531 30.48 -6.18 -8.93
N GLU A 532 31.49 -6.77 -8.27
CA GLU A 532 31.27 -7.94 -7.39
C GLU A 532 32.39 -7.97 -6.36
N PHE A 533 31.97 -8.26 -5.13
CA PHE A 533 32.88 -8.82 -4.08
C PHE A 533 31.95 -9.43 -3.04
N GLY A 534 32.45 -10.36 -2.24
CA GLY A 534 31.52 -11.05 -1.36
C GLY A 534 32.10 -12.00 -0.34
N PHE A 535 31.22 -12.46 0.53
CA PHE A 535 31.61 -13.39 1.60
C PHE A 535 30.40 -14.14 2.05
N GLN A 536 30.58 -15.44 2.30
CA GLN A 536 29.42 -16.30 2.60
C GLN A 536 28.98 -16.33 4.05
N SER A 537 27.73 -16.77 4.26
CA SER A 537 27.32 -17.18 5.61
C SER A 537 26.25 -18.26 5.54
N PHE A 538 26.28 -19.16 6.54
CA PHE A 538 25.14 -20.03 6.82
C PHE A 538 23.99 -19.05 7.14
N PRO A 539 22.77 -19.41 6.67
CA PRO A 539 21.61 -18.61 7.09
C PRO A 539 21.22 -18.92 8.53
N GLU A 540 20.32 -18.14 9.13
CA GLU A 540 20.04 -18.33 10.55
C GLU A 540 19.32 -19.66 10.81
N MET A 541 19.25 -20.07 12.08
CA MET A 541 18.71 -21.40 12.41
C MET A 541 17.31 -21.74 11.89
N LYS A 542 16.38 -20.79 11.88
CA LYS A 542 15.04 -21.12 11.41
C LYS A 542 15.07 -21.51 9.92
N THR A 543 16.01 -20.95 9.19
CA THR A 543 16.25 -21.41 7.81
C THR A 543 17.01 -22.71 7.71
N ILE A 544 18.05 -22.89 8.55
CA ILE A 544 18.74 -24.18 8.55
C ILE A 544 17.75 -25.33 8.86
N ALA A 545 16.88 -25.10 9.84
CA ALA A 545 15.87 -26.08 10.26
C ALA A 545 14.95 -26.48 9.10
N ALA A 546 14.81 -25.61 8.11
CA ALA A 546 14.01 -25.88 6.92
C ALA A 546 14.65 -26.87 5.95
N PHE A 547 15.96 -27.07 6.02
CA PHE A 547 16.59 -28.04 5.13
C PHE A 547 17.42 -29.13 5.83
N ALA A 548 17.49 -29.05 7.17
CA ALA A 548 18.38 -29.97 7.89
C ALA A 548 17.78 -30.36 9.24
N ALA A 549 18.15 -31.55 9.68
CA ALA A 549 17.86 -32.06 11.04
C ALA A 549 19.00 -31.77 12.01
N PRO A 550 18.69 -31.77 13.32
CA PRO A 550 19.81 -31.57 14.28
C PRO A 550 21.03 -32.46 14.11
N GLU A 551 20.84 -33.71 13.67
CA GLU A 551 21.94 -34.63 13.42
C GLU A 551 22.92 -34.13 12.36
N ASP A 552 22.44 -33.17 11.55
CA ASP A 552 23.20 -32.63 10.43
C ASP A 552 23.90 -31.34 10.82
N TYR A 553 23.75 -30.90 12.08
CA TYR A 553 24.36 -29.62 12.56
C TYR A 553 25.87 -29.68 12.80
N GLN A 554 26.62 -29.89 11.72
CA GLN A 554 28.08 -29.79 11.72
C GLN A 554 28.41 -29.12 10.37
N ILE A 555 29.38 -28.23 10.37
CA ILE A 555 29.60 -27.41 9.17
C ILE A 555 30.03 -28.20 7.93
N GLU A 556 30.57 -29.40 8.13
CA GLU A 556 30.91 -30.26 6.97
C GLU A 556 30.15 -31.57 6.99
N SER A 557 28.96 -31.55 7.57
CA SER A 557 28.10 -32.71 7.49
C SER A 557 27.66 -32.94 6.03
N GLU A 558 27.19 -34.15 5.72
CA GLU A 558 26.76 -34.44 4.33
C GLU A 558 25.71 -33.42 3.88
N VAL A 559 24.75 -33.11 4.75
CA VAL A 559 23.68 -32.15 4.43
C VAL A 559 24.19 -30.72 4.30
N MET A 560 25.02 -30.23 5.24
CA MET A 560 25.57 -28.90 5.06
C MET A 560 26.39 -28.77 3.79
N ASN A 561 27.18 -29.81 3.45
CA ASN A 561 27.96 -29.74 2.21
C ASN A 561 27.05 -29.80 0.99
N ALA A 562 25.93 -30.50 1.11
CA ALA A 562 24.94 -30.57 0.02
C ALA A 562 24.28 -29.22 -0.20
N HIS A 563 24.36 -28.34 0.80
CA HIS A 563 23.82 -27.00 0.68
C HIS A 563 24.94 -25.93 0.62
N GLN A 564 26.08 -26.34 0.09
CA GLN A 564 27.17 -25.44 -0.25
C GLN A 564 27.57 -25.76 -1.67
N LYS A 565 27.63 -24.73 -2.54
CA LYS A 565 27.89 -25.03 -3.95
C LYS A 565 29.14 -24.36 -4.51
N SER A 566 29.89 -23.65 -3.65
CA SER A 566 31.08 -22.94 -4.12
C SER A 566 32.25 -23.91 -4.25
N SER A 567 33.24 -23.53 -5.07
CA SER A 567 34.46 -24.31 -5.21
C SER A 567 35.32 -24.30 -3.92
N ILE A 568 35.03 -23.40 -2.99
CA ILE A 568 35.61 -23.55 -1.62
C ILE A 568 34.46 -23.52 -0.68
N GLY A 569 34.52 -24.38 0.33
CA GLY A 569 33.32 -24.68 1.11
C GLY A 569 33.24 -24.08 2.50
N ASN A 570 32.39 -24.73 3.30
CA ASN A 570 31.99 -24.25 4.60
C ASN A 570 33.16 -24.08 5.56
N SER A 571 34.18 -24.93 5.43
CA SER A 571 35.38 -24.81 6.30
C SER A 571 36.04 -23.42 6.18
N LEU A 572 35.94 -22.77 5.02
CA LEU A 572 36.53 -21.44 4.85
C LEU A 572 35.88 -20.41 5.79
N ILE A 573 34.60 -20.61 6.10
CA ILE A 573 33.93 -19.69 7.06
C ILE A 573 34.60 -19.82 8.44
N ARG A 574 34.83 -21.06 8.90
CA ARG A 574 35.56 -21.22 10.20
C ARG A 574 36.96 -20.56 10.15
N THR A 575 37.67 -20.74 9.03
CA THR A 575 39.00 -20.18 8.85
C THR A 575 38.97 -18.66 9.02
N TYR A 576 38.05 -17.98 8.32
CA TYR A 576 37.93 -16.54 8.52
C TYR A 576 37.48 -16.18 9.94
N MET A 577 36.56 -16.95 10.51
CA MET A 577 35.97 -16.59 11.82
C MET A 577 37.08 -16.54 12.84
N GLU A 578 37.99 -17.51 12.74
CA GLU A 578 39.10 -17.66 13.74
C GLU A 578 40.02 -16.43 13.74
N ARG A 579 40.11 -15.73 12.60
CA ARG A 579 40.95 -14.54 12.51
C ARG A 579 40.43 -13.38 13.40
N ASP A 580 39.12 -13.33 13.63
CA ASP A 580 38.47 -12.20 14.27
C ASP A 580 37.61 -12.49 15.50
N TYR A 581 37.23 -13.76 15.67
CA TYR A 581 36.31 -14.20 16.72
C TYR A 581 36.80 -15.47 17.39
N ILE A 582 36.38 -15.63 18.63
CA ILE A 582 36.49 -16.91 19.31
C ILE A 582 35.50 -17.86 18.65
N ILE A 583 35.97 -19.04 18.23
CA ILE A 583 35.04 -19.99 17.59
C ILE A 583 34.14 -20.68 18.63
N PRO A 584 32.81 -20.46 18.56
CA PRO A 584 31.92 -21.10 19.53
C PRO A 584 31.90 -22.62 19.42
N GLU A 585 31.67 -23.30 20.55
CA GLU A 585 31.53 -24.73 20.55
C GLU A 585 30.23 -25.23 19.93
N SER A 586 29.14 -24.46 20.08
CA SER A 586 27.87 -24.97 19.57
C SER A 586 27.60 -24.48 18.15
N PHE A 587 26.90 -25.33 17.41
CA PHE A 587 26.59 -25.06 15.98
C PHE A 587 25.74 -23.79 15.89
N GLU A 588 24.69 -23.70 16.70
N GLU A 588 24.70 -23.68 16.71
CA GLU A 588 23.85 -22.48 16.71
CA GLU A 588 23.85 -22.47 16.68
C GLU A 588 24.66 -21.19 16.96
C GLU A 588 24.62 -21.19 17.01
N ASP A 589 25.58 -21.26 17.92
CA ASP A 589 26.44 -20.10 18.20
C ASP A 589 27.37 -19.78 17.03
N PHE A 590 27.90 -20.83 16.40
CA PHE A 590 28.75 -20.67 15.22
C PHE A 590 27.99 -19.90 14.11
N VAL A 591 26.75 -20.34 13.90
CA VAL A 591 25.88 -19.76 12.85
C VAL A 591 25.63 -18.29 13.16
N TYR A 592 25.31 -17.98 14.42
CA TYR A 592 25.19 -16.60 14.83
C TYR A 592 26.47 -15.76 14.56
N VAL A 593 27.64 -16.25 14.99
CA VAL A 593 28.87 -15.50 14.83
C VAL A 593 29.20 -15.39 13.33
N GLY A 594 28.84 -16.41 12.57
CA GLY A 594 29.06 -16.41 11.13
C GLY A 594 28.23 -15.31 10.45
N LEU A 595 27.01 -15.09 10.91
CA LEU A 595 26.23 -13.93 10.39
C LEU A 595 26.94 -12.62 10.72
N VAL A 596 27.35 -12.49 11.99
CA VAL A 596 28.07 -11.30 12.41
C VAL A 596 29.34 -11.05 11.61
N LEU A 597 30.15 -12.11 11.43
CA LEU A 597 31.36 -12.09 10.65
C LEU A 597 31.10 -11.57 9.22
N GLN A 598 30.10 -12.15 8.54
CA GLN A 598 29.88 -11.76 7.13
C GLN A 598 29.49 -10.26 7.09
N GLY A 599 28.66 -9.84 8.04
CA GLY A 599 28.17 -8.43 8.07
C GLY A 599 29.31 -7.49 8.35
N GLN A 600 30.16 -7.83 9.33
CA GLN A 600 31.27 -6.94 9.69
C GLN A 600 32.34 -6.83 8.61
N GLY A 601 32.69 -7.97 8.03
CA GLY A 601 33.74 -8.01 7.03
C GLY A 601 33.34 -7.26 5.76
N MET A 602 32.14 -7.58 5.29
CA MET A 602 31.60 -6.95 4.12
C MET A 602 31.33 -5.44 4.29
N ARG A 603 30.77 -5.04 5.43
CA ARG A 603 30.62 -3.61 5.74
C ARG A 603 31.98 -2.89 5.65
N HIS A 604 33.05 -3.53 6.10
CA HIS A 604 34.35 -2.89 5.99
C HIS A 604 34.70 -2.57 4.53
N GLY A 605 34.37 -3.47 3.61
CA GLY A 605 34.67 -3.24 2.21
C GLY A 605 33.74 -2.13 1.65
N LEU A 606 32.45 -2.17 2.00
CA LEU A 606 31.51 -1.17 1.47
C LEU A 606 31.99 0.22 1.90
N GLU A 607 32.44 0.29 3.14
CA GLU A 607 33.01 1.54 3.67
C GLU A 607 34.27 1.99 2.94
N ALA A 608 35.21 1.06 2.68
CA ALA A 608 36.39 1.38 1.89
C ALA A 608 36.03 1.95 0.55
N HIS A 609 34.99 1.38 -0.09
CA HIS A 609 34.63 1.79 -1.42
C HIS A 609 34.12 3.22 -1.41
N ARG A 610 33.20 3.50 -0.49
CA ARG A 610 32.67 4.86 -0.38
C ARG A 610 33.76 5.83 0.05
N ARG A 611 34.62 5.39 0.97
CA ARG A 611 35.63 6.32 1.54
C ARG A 611 36.58 6.80 0.44
N ASN A 612 36.82 5.92 -0.53
CA ASN A 612 37.75 6.18 -1.63
C ASN A 612 37.11 6.77 -2.90
N ARG A 613 35.92 7.38 -2.75
CA ARG A 613 35.41 8.24 -3.81
C ARG A 613 36.33 9.50 -3.94
N PRO A 614 36.60 9.97 -5.18
CA PRO A 614 36.09 9.50 -6.48
C PRO A 614 36.92 8.45 -7.22
N TYR A 615 38.03 7.98 -6.64
CA TYR A 615 38.80 6.91 -7.33
C TYR A 615 37.88 5.71 -7.64
N CYS A 616 37.17 5.33 -6.60
CA CYS A 616 36.08 4.35 -6.65
C CYS A 616 34.73 5.07 -6.71
N MET A 617 33.87 4.58 -7.59
CA MET A 617 32.59 5.22 -7.86
C MET A 617 31.42 4.27 -7.72
N GLY A 618 31.62 3.11 -7.11
CA GLY A 618 30.45 2.29 -6.85
C GLY A 618 30.84 0.97 -6.23
N THR A 619 29.85 0.34 -5.61
CA THR A 619 30.02 -0.99 -5.02
C THR A 619 28.69 -1.74 -5.09
N LEU A 620 28.74 -2.90 -5.74
CA LEU A 620 27.60 -3.80 -5.79
C LEU A 620 28.11 -5.10 -5.22
N TYR A 621 27.63 -5.46 -4.02
CA TYR A 621 28.16 -6.70 -3.45
C TYR A 621 27.52 -7.93 -4.07
N TRP A 622 28.25 -9.03 -4.00
CA TRP A 622 27.75 -10.35 -4.40
C TRP A 622 27.39 -11.04 -3.07
N GLN A 623 26.13 -11.34 -2.76
CA GLN A 623 24.92 -11.23 -3.60
C GLN A 623 23.75 -10.78 -2.72
N LEU A 624 22.70 -10.26 -3.33
CA LEU A 624 21.52 -9.79 -2.54
C LEU A 624 20.79 -10.94 -1.91
N ASN A 625 20.49 -11.94 -2.72
CA ASN A 625 19.42 -12.86 -2.36
C ASN A 625 19.69 -14.32 -2.71
N ASP A 626 18.76 -15.22 -2.32
CA ASP A 626 18.94 -16.66 -2.54
C ASP A 626 17.80 -17.28 -3.30
N SER A 627 18.10 -18.34 -4.05
CA SER A 627 17.06 -19.06 -4.78
C SER A 627 16.45 -20.28 -4.06
N TRP A 628 17.07 -20.60 -2.91
CA TRP A 628 16.71 -21.79 -2.12
C TRP A 628 17.47 -21.67 -0.79
N PRO A 629 17.14 -22.54 0.19
CA PRO A 629 17.89 -22.57 1.47
C PRO A 629 19.28 -23.11 1.23
N VAL A 630 20.27 -22.28 1.50
CA VAL A 630 21.64 -22.62 1.09
C VAL A 630 22.61 -21.76 1.89
N VAL A 631 23.87 -22.21 1.91
CA VAL A 631 24.99 -21.41 2.42
C VAL A 631 25.51 -20.60 1.24
N SER A 632 25.48 -19.28 1.34
CA SER A 632 25.83 -18.44 0.17
C SER A 632 26.30 -17.04 0.58
N TRP A 633 26.60 -16.23 -0.42
CA TRP A 633 27.04 -14.88 -0.19
C TRP A 633 25.88 -13.87 0.06
N SER A 634 24.64 -14.35 0.16
CA SER A 634 23.47 -13.46 0.19
C SER A 634 23.40 -12.63 1.47
N SER A 635 22.71 -11.51 1.38
CA SER A 635 22.41 -10.69 2.59
C SER A 635 20.98 -10.92 3.10
N ILE A 636 20.16 -11.52 2.29
CA ILE A 636 18.80 -11.89 2.66
C ILE A 636 18.62 -13.36 2.29
N ASP A 637 18.28 -14.21 3.27
CA ASP A 637 18.14 -15.65 2.94
C ASP A 637 16.87 -15.96 2.13
N TYR A 638 16.70 -17.22 1.73
CA TYR A 638 15.60 -17.59 0.86
C TYR A 638 14.19 -17.26 1.45
N TYR A 639 14.07 -17.31 2.78
CA TYR A 639 12.79 -17.00 3.47
C TYR A 639 12.59 -15.54 3.78
N GLY A 640 13.50 -14.71 3.27
CA GLY A 640 13.34 -13.26 3.38
C GLY A 640 13.91 -12.66 4.66
N ASN A 641 14.59 -13.48 5.45
CA ASN A 641 15.22 -12.96 6.70
C ASN A 641 16.47 -12.14 6.34
N TRP A 642 16.53 -10.91 6.85
CA TRP A 642 17.77 -10.14 6.70
C TRP A 642 18.88 -10.80 7.53
N LYS A 643 19.99 -11.11 6.84
CA LYS A 643 21.21 -11.48 7.59
C LYS A 643 21.79 -10.22 8.22
N ALA A 644 22.74 -10.37 9.14
CA ALA A 644 23.47 -9.17 9.60
C ALA A 644 23.97 -8.28 8.46
N LEU A 645 24.42 -8.90 7.35
CA LEU A 645 24.95 -8.16 6.24
C LEU A 645 23.90 -7.14 5.70
N HIS A 646 22.62 -7.47 5.75
CA HIS A 646 21.67 -6.55 5.15
C HIS A 646 21.55 -5.27 6.00
N TYR A 647 21.50 -5.45 7.31
CA TYR A 647 21.54 -4.27 8.22
C TYR A 647 22.85 -3.53 8.02
N GLN A 648 23.97 -4.25 7.89
CA GLN A 648 25.26 -3.58 7.77
C GLN A 648 25.36 -2.80 6.46
N ALA A 649 24.76 -3.33 5.39
CA ALA A 649 24.71 -2.62 4.12
C ALA A 649 23.88 -1.35 4.24
N LYS A 650 22.69 -1.48 4.83
CA LYS A 650 21.86 -0.31 5.14
C LYS A 650 22.69 0.80 5.82
N ARG A 651 23.46 0.42 6.85
CA ARG A 651 24.26 1.40 7.59
C ARG A 651 25.38 1.98 6.75
N ALA A 652 26.08 1.12 6.01
CA ALA A 652 27.24 1.52 5.25
C ALA A 652 26.83 2.36 4.06
N PHE A 653 25.55 2.26 3.67
CA PHE A 653 25.04 2.97 2.52
C PHE A 653 24.24 4.22 2.92
N ALA A 654 24.19 4.51 4.23
CA ALA A 654 23.41 5.69 4.70
C ALA A 654 23.92 6.94 3.97
N PRO A 655 22.99 7.81 3.57
CA PRO A 655 23.43 9.01 2.82
C PRO A 655 24.60 9.77 3.49
N VAL A 656 24.56 9.95 4.81
CA VAL A 656 25.69 10.54 5.55
C VAL A 656 26.24 9.50 6.49
N LEU A 657 27.54 9.23 6.36
CA LEU A 657 28.22 8.21 7.15
C LEU A 657 29.49 8.79 7.75
N ILE A 658 29.64 8.57 9.06
CA ILE A 658 30.90 8.81 9.74
C ILE A 658 31.67 7.50 9.64
N ASN A 659 32.85 7.56 9.03
CA ASN A 659 33.68 6.37 8.80
C ASN A 659 35.05 6.48 9.53
N PRO A 660 35.12 6.03 10.78
CA PRO A 660 36.43 5.89 11.42
C PRO A 660 37.16 4.70 10.81
N ILE A 661 38.42 4.86 10.45
CA ILE A 661 39.20 3.76 9.88
C ILE A 661 40.56 3.74 10.61
N GLN A 662 40.89 2.59 11.18
CA GLN A 662 42.14 2.46 11.93
C GLN A 662 43.10 1.54 11.18
N GLN A 663 44.28 2.08 10.85
CA GLN A 663 45.35 1.33 10.19
C GLN A 663 46.67 1.74 10.85
N ASN A 664 47.58 0.76 10.98
CA ASN A 664 48.94 1.06 11.48
C ASN A 664 48.88 1.83 12.80
N ASP A 665 47.98 1.41 13.68
CA ASP A 665 47.83 1.98 15.05
C ASP A 665 47.43 3.47 15.07
N SER A 666 46.89 3.98 13.95
CA SER A 666 46.41 5.34 13.85
C SER A 666 44.95 5.33 13.40
N LEU A 667 44.15 6.26 13.94
CA LEU A 667 42.71 6.42 13.59
C LEU A 667 42.50 7.63 12.69
N SER A 668 41.77 7.43 11.59
CA SER A 668 41.34 8.53 10.76
C SER A 668 39.82 8.53 10.73
N VAL A 669 39.22 9.70 10.70
CA VAL A 669 37.75 9.76 10.62
C VAL A 669 37.36 10.50 9.37
N TYR A 670 36.61 9.80 8.53
CA TYR A 670 36.07 10.37 7.30
C TYR A 670 34.60 10.69 7.45
N LEU A 671 34.19 11.83 6.89
CA LEU A 671 32.79 12.20 6.71
C LEU A 671 32.42 11.93 5.25
N ILE A 672 31.42 11.09 5.05
CA ILE A 672 31.07 10.65 3.71
C ILE A 672 29.63 11.05 3.45
N SER A 673 29.38 11.85 2.42
CA SER A 673 28.00 12.27 2.08
C SER A 673 27.62 12.00 0.61
N ASP A 674 26.45 11.37 0.38
CA ASP A 674 25.87 11.27 -0.96
C ASP A 674 24.67 12.19 -1.07
N ARG A 675 24.54 13.12 -0.14
CA ARG A 675 23.51 14.13 -0.26
C ARG A 675 23.81 15.07 -1.42
N LEU A 676 22.76 15.64 -1.99
CA LEU A 676 22.92 16.63 -3.06
C LEU A 676 23.25 18.03 -2.54
N ASP A 677 23.01 18.26 -1.26
CA ASP A 677 23.31 19.55 -0.61
C ASP A 677 24.55 19.43 0.27
N THR A 678 25.30 20.52 0.39
CA THR A 678 26.43 20.61 1.28
C THR A 678 25.91 20.93 2.70
N MET A 679 26.50 20.30 3.71
CA MET A 679 26.19 20.61 5.09
C MET A 679 27.32 21.47 5.64
N GLU A 680 26.94 22.54 6.34
CA GLU A 680 27.85 23.58 6.83
C GLU A 680 27.88 23.68 8.36
N GLN A 681 29.03 24.14 8.89
CA GLN A 681 29.19 24.40 10.35
C GLN A 681 28.80 23.20 11.18
N MET A 682 29.37 22.05 10.82
CA MET A 682 29.13 20.80 11.52
C MET A 682 30.17 20.59 12.61
N THR A 683 29.76 19.82 13.61
CA THR A 683 30.63 19.37 14.69
C THR A 683 30.69 17.85 14.74
N LEU A 684 31.92 17.34 14.71
CA LEU A 684 32.16 15.95 15.04
C LEU A 684 32.54 15.87 16.52
N GLU A 685 31.77 15.12 17.28
CA GLU A 685 32.10 14.84 18.68
C GLU A 685 32.39 13.35 18.93
N MET A 686 33.50 13.10 19.62
CA MET A 686 33.95 11.74 19.88
C MET A 686 34.26 11.59 21.33
N LYS A 687 33.99 10.41 21.87
CA LYS A 687 34.43 10.08 23.21
C LYS A 687 34.65 8.57 23.39
N VAL A 688 35.65 8.24 24.18
CA VAL A 688 35.96 6.86 24.53
C VAL A 688 35.10 6.48 25.73
N VAL A 689 34.43 5.34 25.62
CA VAL A 689 33.51 4.85 26.66
C VAL A 689 33.92 3.42 26.99
N ASP A 690 34.11 3.10 28.26
CA ASP A 690 34.41 1.69 28.56
C ASP A 690 33.15 0.82 28.49
N PHE A 691 33.33 -0.49 28.61
CA PHE A 691 32.18 -1.42 28.53
C PHE A 691 31.17 -1.35 29.70
N ASP A 692 31.48 -0.55 30.73
CA ASP A 692 30.54 -0.30 31.82
C ASP A 692 29.80 1.01 31.61
N GLY A 693 30.15 1.76 30.58
CA GLY A 693 29.46 3.01 30.28
C GLY A 693 30.17 4.27 30.74
N LYS A 694 31.37 4.08 31.29
CA LYS A 694 32.14 5.18 31.85
C LYS A 694 33.01 5.82 30.77
N THR A 695 32.92 7.14 30.63
CA THR A 695 33.75 7.89 29.71
C THR A 695 35.18 7.91 30.19
N LEU A 696 36.12 7.71 29.27
CA LEU A 696 37.56 7.75 29.57
C LEU A 696 38.19 8.97 28.88
N GLY A 697 38.79 9.86 29.68
CA GLY A 697 39.35 11.10 29.16
C GLY A 697 38.26 12.12 28.91
N LYS A 698 38.57 13.14 28.12
CA LYS A 698 37.62 14.17 27.73
C LYS A 698 36.98 13.86 26.37
N LYS A 699 35.78 14.40 26.14
CA LYS A 699 35.22 14.49 24.80
C LYS A 699 36.20 15.19 23.86
N ILE A 700 36.25 14.73 22.62
CA ILE A 700 37.03 15.38 21.59
C ILE A 700 36.03 16.06 20.65
N GLN A 701 36.24 17.35 20.37
CA GLN A 701 35.33 18.08 19.50
C GLN A 701 36.07 18.69 18.33
N VAL A 702 35.55 18.41 17.13
CA VAL A 702 36.03 19.03 15.91
C VAL A 702 34.88 19.86 15.33
N HIS A 703 35.05 21.19 15.35
CA HIS A 703 34.02 22.15 14.97
C HIS A 703 34.26 22.72 13.58
N SER A 704 33.24 23.42 13.10
CA SER A 704 33.24 24.21 11.86
C SER A 704 33.56 23.35 10.64
N LEU A 705 32.96 22.17 10.61
CA LEU A 705 33.23 21.26 9.51
C LEU A 705 32.23 21.46 8.38
N GLU A 706 32.72 21.37 7.15
CA GLU A 706 31.86 21.38 5.96
C GLU A 706 31.82 19.93 5.47
N VAL A 707 30.63 19.45 5.08
CA VAL A 707 30.55 18.12 4.44
C VAL A 707 29.97 18.39 3.04
N PRO A 708 30.83 18.63 2.03
CA PRO A 708 30.28 18.96 0.71
C PRO A 708 29.43 17.81 0.12
N ALA A 709 28.44 18.15 -0.71
CA ALA A 709 27.62 17.17 -1.41
C ALA A 709 28.54 16.18 -2.14
N ASN A 710 28.20 14.89 -2.06
CA ASN A 710 28.86 13.86 -2.88
C ASN A 710 30.38 13.83 -2.72
N THR A 711 30.83 13.84 -1.47
CA THR A 711 32.25 13.73 -1.18
C THR A 711 32.51 12.84 0.03
N SER A 712 33.78 12.43 0.11
CA SER A 712 34.34 11.71 1.25
CA SER A 712 34.34 11.71 1.23
C SER A 712 35.63 12.43 1.61
N LYS A 713 35.71 12.89 2.85
CA LYS A 713 36.84 13.72 3.34
C LYS A 713 37.28 13.35 4.75
N CYS A 714 38.59 13.28 4.97
CA CYS A 714 39.13 13.04 6.29
C CYS A 714 39.07 14.34 7.12
N VAL A 715 38.54 14.25 8.33
CA VAL A 715 38.37 15.46 9.18
C VAL A 715 39.15 15.34 10.49
N TYR A 716 39.72 14.17 10.76
CA TYR A 716 40.39 13.92 12.02
C TYR A 716 41.37 12.76 11.91
N ARG A 717 42.55 12.93 12.48
CA ARG A 717 43.53 11.84 12.54
C ARG A 717 44.19 11.90 13.89
N ALA A 718 44.38 10.74 14.51
CA ALA A 718 45.11 10.65 15.78
C ALA A 718 45.78 9.30 15.96
N LYS A 719 47.04 9.35 16.40
CA LYS A 719 47.73 8.13 16.81
CA LYS A 719 47.77 8.16 16.86
C LYS A 719 47.11 7.55 18.08
N LEU A 720 47.09 6.24 18.18
CA LEU A 720 46.59 5.60 19.39
C LEU A 720 47.59 5.74 20.53
N ASP A 721 48.88 5.59 20.19
CA ASP A 721 50.02 5.78 21.12
C ASP A 721 49.98 7.17 21.77
N GLY A 722 49.84 7.18 23.10
CA GLY A 722 49.78 8.42 23.85
C GLY A 722 48.36 8.90 24.05
N TRP A 723 47.41 8.17 23.48
CA TRP A 723 45.99 8.49 23.66
C TRP A 723 45.29 7.38 24.43
N LEU A 724 45.44 6.14 23.98
CA LEU A 724 44.89 4.98 24.67
C LEU A 724 46.00 3.95 24.92
N THR A 725 45.91 3.30 26.07
CA THR A 725 46.80 2.17 26.39
C THR A 725 46.30 0.91 25.65
N PRO A 726 47.20 -0.08 25.43
CA PRO A 726 46.68 -1.33 24.86
C PRO A 726 45.54 -1.93 25.68
N GLU A 727 45.53 -1.66 26.98
CA GLU A 727 44.49 -2.21 27.85
C GLU A 727 43.13 -1.53 27.64
N ASP A 728 43.14 -0.22 27.44
CA ASP A 728 41.92 0.53 27.13
C ASP A 728 41.40 0.12 25.75
N CYS A 729 42.34 -0.16 24.84
CA CYS A 729 42.01 -0.61 23.48
C CYS A 729 41.17 -1.90 23.47
N ARG A 730 41.35 -2.76 24.47
CA ARG A 730 40.55 -3.98 24.58
C ARG A 730 39.30 -3.88 25.44
N ARG A 731 39.05 -2.70 26.03
CA ARG A 731 37.94 -2.58 26.97
C ARG A 731 37.14 -1.28 26.87
N SER A 732 37.30 -0.59 25.74
CA SER A 732 36.55 0.62 25.45
C SER A 732 36.21 0.71 23.96
N PHE A 733 35.27 1.58 23.64
CA PHE A 733 34.97 1.84 22.24
C PHE A 733 34.95 3.36 22.03
N LEU A 734 35.03 3.78 20.77
CA LEU A 734 34.82 5.18 20.46
C LEU A 734 33.39 5.46 20.00
N LYS A 735 32.71 6.36 20.70
CA LYS A 735 31.39 6.84 20.23
C LYS A 735 31.61 8.09 19.36
N LEU A 736 31.08 8.11 18.13
CA LEU A 736 31.23 9.25 17.24
C LEU A 736 29.84 9.79 16.87
N ILE A 737 29.71 11.12 16.90
CA ILE A 737 28.44 11.80 16.58
C ILE A 737 28.74 13.01 15.70
N LEU A 738 27.92 13.18 14.67
CA LEU A 738 27.97 14.36 13.81
C LEU A 738 26.68 15.16 14.01
N LYS A 739 26.83 16.40 14.45
CA LYS A 739 25.70 17.27 14.68
C LYS A 739 25.89 18.57 13.94
N ASP A 740 24.77 19.19 13.59
CA ASP A 740 24.80 20.51 12.98
C ASP A 740 25.09 21.60 14.02
N LYS A 741 25.11 22.84 13.55
CA LYS A 741 25.46 24.01 14.36
C LYS A 741 24.58 24.14 15.62
N SER A 742 23.31 23.76 15.48
CA SER A 742 22.34 23.86 16.58
C SER A 742 22.37 22.67 17.55
N GLY A 743 23.08 21.60 17.17
CA GLY A 743 23.25 20.42 18.02
C GLY A 743 22.44 19.19 17.63
N HIS A 744 21.74 19.26 16.50
CA HIS A 744 20.94 18.14 16.03
CA HIS A 744 20.92 18.16 15.97
C HIS A 744 21.82 17.09 15.34
N GLN A 745 21.66 15.84 15.77
CA GLN A 745 22.49 14.73 15.29
C GLN A 745 22.04 14.26 13.91
N VAL A 746 23.00 14.18 13.00
CA VAL A 746 22.71 13.72 11.65
C VAL A 746 23.29 12.34 11.33
N ALA A 747 24.29 11.93 12.11
CA ALA A 747 24.96 10.64 11.93
C ALA A 747 25.59 10.22 13.27
N GLU A 748 25.73 8.92 13.46
CA GLU A 748 26.51 8.37 14.56
C GLU A 748 27.19 7.07 14.14
N SER A 749 28.33 6.81 14.77
CA SER A 749 29.00 5.55 14.53
CA SER A 749 29.10 5.60 14.52
C SER A 749 29.64 5.09 15.85
N VAL A 750 30.07 3.82 15.86
CA VAL A 750 30.86 3.27 16.97
CA VAL A 750 30.81 3.24 16.99
C VAL A 750 32.07 2.59 16.38
N HIS A 751 33.22 2.76 17.04
CA HIS A 751 34.45 2.15 16.58
C HIS A 751 35.10 1.32 17.67
N PHE A 752 35.57 0.14 17.27
CA PHE A 752 36.32 -0.75 18.17
C PHE A 752 37.78 -0.74 17.73
N PHE A 753 38.68 -0.71 18.71
CA PHE A 753 40.11 -0.54 18.44
C PHE A 753 40.84 -1.87 18.31
N ARG A 754 40.15 -2.97 18.59
CA ARG A 754 40.73 -4.30 18.50
C ARG A 754 39.73 -5.25 17.89
N LYS A 755 40.25 -6.39 17.43
CA LYS A 755 39.42 -7.46 16.90
C LYS A 755 38.52 -7.99 17.98
N THR A 756 37.33 -8.45 17.61
CA THR A 756 36.38 -8.89 18.59
C THR A 756 36.90 -9.98 19.55
N LYS A 757 37.71 -10.91 19.04
CA LYS A 757 38.31 -11.96 19.88
C LYS A 757 39.25 -11.43 20.96
N ASP A 758 39.80 -10.23 20.71
CA ASP A 758 40.75 -9.54 21.59
C ASP A 758 40.05 -8.59 22.57
N LEU A 759 38.73 -8.43 22.43
CA LEU A 759 37.98 -7.58 23.36
C LEU A 759 37.71 -8.30 24.68
N GLN A 760 37.87 -7.55 25.77
CA GLN A 760 37.57 -8.05 27.08
C GLN A 760 36.10 -7.74 27.37
N LEU A 761 35.21 -8.50 26.75
CA LEU A 761 33.77 -8.33 26.90
C LEU A 761 33.26 -8.85 28.24
N PRO A 762 32.51 -8.01 28.98
CA PRO A 762 31.97 -8.46 30.26
C PRO A 762 30.75 -9.37 30.07
N PRO A 763 30.62 -10.42 30.91
CA PRO A 763 29.31 -11.10 30.94
C PRO A 763 28.21 -10.10 31.27
N THR A 764 27.07 -10.21 30.56
CA THR A 764 25.95 -9.31 30.77
C THR A 764 24.63 -9.94 30.35
N SER A 765 23.59 -9.65 31.14
CA SER A 765 22.27 -10.18 30.90
C SER A 765 21.47 -9.09 30.19
N VAL A 766 21.09 -9.35 28.94
CA VAL A 766 20.26 -8.36 28.24
C VAL A 766 18.80 -8.56 28.63
N SER A 767 18.22 -7.53 29.27
CA SER A 767 16.80 -7.57 29.59
C SER A 767 16.01 -6.88 28.50
N TYR A 768 14.74 -7.24 28.38
CA TYR A 768 13.83 -6.50 27.52
C TYR A 768 12.41 -6.48 28.08
N GLN A 769 11.67 -5.43 27.74
CA GLN A 769 10.23 -5.35 27.93
C GLN A 769 9.60 -5.46 26.55
N MET A 770 8.47 -6.17 26.47
CA MET A 770 7.76 -6.41 25.22
C MET A 770 6.34 -5.88 25.28
N LYS A 771 5.93 -5.22 24.21
CA LYS A 771 4.54 -4.82 24.03
C LYS A 771 4.05 -5.41 22.69
N GLN A 772 3.21 -6.45 22.77
CA GLN A 772 2.74 -7.15 21.56
C GLN A 772 1.27 -6.89 21.23
N THR A 773 1.05 -6.52 19.96
CA THR A 773 -0.27 -6.33 19.36
C THR A 773 -0.35 -7.10 18.04
N ASP A 774 -1.48 -7.03 17.34
CA ASP A 774 -1.59 -7.72 16.04
C ASP A 774 -0.55 -7.17 15.06
N GLY A 775 0.19 -8.07 14.43
CA GLY A 775 1.17 -7.68 13.41
C GLY A 775 2.48 -7.10 13.94
N LYS A 776 2.60 -6.95 15.26
CA LYS A 776 3.69 -6.15 15.82
C LYS A 776 4.14 -6.50 17.25
N CYS A 777 5.47 -6.52 17.42
CA CYS A 777 6.06 -6.72 18.72
CA CYS A 777 6.09 -6.70 18.73
C CYS A 777 7.06 -5.58 18.98
N GLU A 778 6.80 -4.75 19.99
CA GLU A 778 7.70 -3.66 20.36
C GLU A 778 8.57 -4.10 21.54
N LEU A 779 9.89 -4.09 21.36
CA LEU A 779 10.84 -4.50 22.41
C LEU A 779 11.68 -3.32 22.85
N THR A 780 11.85 -3.13 24.15
CA THR A 780 12.83 -2.18 24.62
C THR A 780 13.89 -2.99 25.32
N LEU A 781 15.13 -2.89 24.82
CA LEU A 781 16.26 -3.69 25.29
C LEU A 781 17.15 -2.83 26.18
N PHE A 782 17.70 -3.45 27.21
CA PHE A 782 18.65 -2.74 28.07
C PHE A 782 19.76 -3.65 28.61
N SER A 783 20.95 -3.09 28.70
CA SER A 783 22.07 -3.74 29.37
C SER A 783 22.96 -2.66 30.02
N SER A 784 23.33 -2.85 31.29
CA SER A 784 24.27 -1.94 31.94
C SER A 784 25.68 -1.97 31.34
N MET A 785 25.98 -3.02 30.60
CA MET A 785 27.32 -3.24 30.06
C MET A 785 27.15 -3.52 28.56
N LEU A 786 28.21 -3.25 27.81
CA LEU A 786 28.19 -3.50 26.36
C LEU A 786 27.76 -4.96 26.09
N ALA A 787 26.82 -5.13 25.16
CA ALA A 787 26.52 -6.46 24.61
C ALA A 787 26.82 -6.30 23.13
N LYS A 788 27.72 -7.14 22.63
CA LYS A 788 28.36 -6.97 21.33
C LYS A 788 27.56 -7.71 20.24
N ASP A 789 27.25 -7.01 19.15
CA ASP A 789 26.61 -7.60 17.96
C ASP A 789 25.40 -8.41 18.32
N ILE A 790 24.43 -7.79 18.99
CA ILE A 790 23.21 -8.48 19.46
CA ILE A 790 23.30 -8.59 19.45
C ILE A 790 22.43 -9.01 18.28
N PHE A 791 21.95 -10.23 18.39
CA PHE A 791 21.01 -10.79 17.42
C PHE A 791 19.73 -11.11 18.18
N ILE A 792 18.64 -10.45 17.80
CA ILE A 792 17.34 -10.79 18.36
C ILE A 792 16.71 -11.83 17.47
N GLU A 793 16.65 -13.07 17.97
CA GLU A 793 16.23 -14.23 17.17
C GLU A 793 14.81 -14.65 17.51
N THR A 794 13.97 -14.79 16.47
CA THR A 794 12.60 -15.20 16.64
C THR A 794 12.37 -16.35 15.69
N PRO A 795 11.46 -17.28 16.02
CA PRO A 795 11.24 -18.42 15.13
C PRO A 795 10.35 -18.12 13.92
N LEU A 796 9.75 -16.94 13.89
CA LEU A 796 8.74 -16.63 12.87
C LEU A 796 9.43 -16.24 11.57
N GLN A 797 9.24 -17.06 10.52
CA GLN A 797 9.90 -16.82 9.24
C GLN A 797 9.55 -15.49 8.61
N GLY A 798 10.58 -14.82 8.09
CA GLY A 798 10.38 -13.51 7.40
C GLY A 798 10.05 -12.32 8.29
N ALA A 799 10.01 -12.53 9.62
CA ALA A 799 9.83 -11.38 10.53
C ALA A 799 10.80 -10.26 10.23
N ARG A 800 10.29 -9.03 10.28
CA ARG A 800 11.06 -7.83 9.95
C ARG A 800 11.39 -7.06 11.21
N TYR A 801 12.60 -6.49 11.27
CA TYR A 801 13.06 -5.75 12.43
C TYR A 801 13.43 -4.34 12.06
N SER A 802 13.07 -3.36 12.91
CA SER A 802 13.57 -2.00 12.70
C SER A 802 15.11 -1.97 12.75
N ASP A 803 15.70 -2.85 13.56
CA ASP A 803 17.17 -3.00 13.64
C ASP A 803 17.46 -4.36 14.27
N ASN A 804 18.65 -4.85 13.99
CA ASN A 804 19.08 -6.13 14.57
C ASN A 804 20.58 -6.15 14.28
N PHE A 805 21.34 -7.04 14.91
CA PHE A 805 22.77 -7.12 14.64
C PHE A 805 23.50 -5.81 14.89
N PHE A 806 23.23 -5.23 16.06
CA PHE A 806 23.85 -3.97 16.46
C PHE A 806 24.48 -4.17 17.85
N ASP A 807 25.42 -3.30 18.19
CA ASP A 807 25.95 -3.25 19.56
C ASP A 807 24.96 -2.52 20.48
N LEU A 808 24.65 -3.14 21.62
CA LEU A 808 23.79 -2.55 22.66
C LEU A 808 24.75 -1.89 23.64
N LEU A 809 24.74 -0.56 23.64
CA LEU A 809 25.72 0.23 24.37
C LEU A 809 25.37 0.30 25.86
N PRO A 810 26.40 0.35 26.73
CA PRO A 810 26.17 0.26 28.17
C PRO A 810 25.19 1.35 28.66
N GLY A 811 24.11 0.91 29.29
CA GLY A 811 23.09 1.82 29.88
C GLY A 811 22.20 2.59 28.92
N GLU A 812 22.32 2.31 27.61
CA GLU A 812 21.57 3.05 26.60
C GLU A 812 20.47 2.16 26.05
N ARG A 813 19.23 2.39 26.50
CA ARG A 813 18.11 1.56 26.06
C ARG A 813 17.91 1.65 24.54
N LYS A 814 17.39 0.57 23.99
CA LYS A 814 17.23 0.44 22.55
C LYS A 814 15.85 -0.13 22.25
N LYS A 815 15.10 0.58 21.40
CA LYS A 815 13.78 0.12 21.00
C LYS A 815 13.86 -0.60 19.65
N VAL A 816 13.23 -1.77 19.57
CA VAL A 816 13.19 -2.54 18.33
C VAL A 816 11.75 -2.95 18.06
N ILE A 817 11.31 -2.70 16.84
CA ILE A 817 9.96 -3.08 16.46
C ILE A 817 10.05 -4.29 15.53
N ILE A 818 9.42 -5.39 15.91
CA ILE A 818 9.40 -6.56 15.04
C ILE A 818 8.01 -6.65 14.40
N THR A 819 7.97 -6.88 13.10
CA THR A 819 6.67 -6.94 12.40
C THR A 819 6.56 -8.16 11.52
N SER A 820 5.34 -8.65 11.45
CA SER A 820 4.97 -9.77 10.63
C SER A 820 3.45 -9.86 10.65
N PRO A 821 2.83 -10.19 9.50
CA PRO A 821 1.36 -10.35 9.53
C PRO A 821 0.94 -11.48 10.47
N ARG A 822 1.88 -12.35 10.83
CA ARG A 822 1.55 -13.50 11.68
C ARG A 822 1.70 -13.28 13.19
N ILE A 823 2.17 -12.11 13.60
CA ILE A 823 2.19 -11.77 15.01
C ILE A 823 0.74 -11.52 15.46
N LYS A 824 0.31 -12.23 16.50
CA LYS A 824 -1.05 -12.08 17.02
C LYS A 824 -1.06 -11.49 18.43
N LYS A 825 -2.01 -10.58 18.68
CA LYS A 825 -2.21 -10.06 20.04
C LYS A 825 -2.50 -11.20 21.01
N GLY A 826 -1.78 -11.20 22.14
CA GLY A 826 -1.90 -12.26 23.16
C GLY A 826 -1.32 -13.62 22.79
N GLU A 827 -0.42 -13.67 21.81
CA GLU A 827 0.24 -14.92 21.42
C GLU A 827 1.75 -14.67 21.35
N GLU A 828 2.35 -14.62 22.55
CA GLU A 828 3.68 -14.04 22.80
C GLU A 828 4.77 -14.56 21.86
N LEU A 829 5.39 -13.65 21.10
CA LEU A 829 6.46 -14.03 20.17
C LEU A 829 7.70 -14.48 20.94
N PRO A 830 8.15 -15.71 20.69
CA PRO A 830 9.37 -16.15 21.35
C PRO A 830 10.55 -15.32 20.88
N VAL A 831 11.40 -14.99 21.84
CA VAL A 831 12.53 -14.10 21.62
C VAL A 831 13.75 -14.69 22.29
N ASN A 832 14.84 -14.78 21.52
CA ASN A 832 16.13 -15.25 22.01
C ASN A 832 17.19 -14.22 21.66
N ILE A 833 17.75 -13.57 22.67
CA ILE A 833 18.76 -12.57 22.42
C ILE A 833 20.15 -13.16 22.57
N LYS A 834 20.89 -13.15 21.47
CA LYS A 834 22.29 -13.59 21.47
C LYS A 834 23.24 -12.39 21.44
N HIS A 835 24.42 -12.56 22.03
CA HIS A 835 25.48 -11.57 21.89
C HIS A 835 26.83 -12.29 22.06
N ILE A 836 27.90 -11.61 21.70
CA ILE A 836 29.16 -12.31 21.42
C ILE A 836 29.68 -13.02 22.67
N ARG A 837 29.72 -12.28 23.78
CA ARG A 837 30.23 -12.85 25.06
C ARG A 837 29.54 -14.15 25.49
N GLU A 838 28.27 -14.32 25.13
CA GLU A 838 27.53 -15.51 25.51
C GLU A 838 28.00 -16.78 24.77
N THR A 839 28.84 -16.61 23.75
CA THR A 839 29.19 -17.73 22.85
C THR A 839 30.39 -18.54 23.31
N TYR A 840 30.99 -18.12 24.41
CA TYR A 840 32.20 -18.76 24.94
C TYR A 840 32.36 -18.54 26.44
N LYS A 841 33.22 -19.37 27.02
CA LYS A 841 33.58 -19.31 28.45
C LYS A 841 35.02 -18.81 28.65
N GLY B 4 5.53 23.56 8.63
CA GLY B 4 5.80 24.03 7.22
C GLY B 4 7.28 23.94 6.87
N ASN B 5 7.59 24.15 5.58
CA ASN B 5 8.97 24.26 5.08
CA ASN B 5 8.97 24.26 5.14
C ASN B 5 9.43 25.68 5.43
N ASP B 6 9.91 25.85 6.65
CA ASP B 6 10.33 27.17 7.17
C ASP B 6 11.42 26.96 8.19
N THR B 7 11.85 28.02 8.87
CA THR B 7 12.97 27.90 9.78
C THR B 7 12.56 27.48 11.18
N SER B 8 11.27 27.21 11.41
CA SER B 8 10.82 26.80 12.73
C SER B 8 11.27 25.35 13.00
N GLU B 9 11.38 25.02 14.27
CA GLU B 9 11.69 23.65 14.67
C GLU B 9 10.50 23.13 15.44
N VAL B 10 10.09 21.91 15.13
CA VAL B 10 8.95 21.31 15.81
C VAL B 10 9.46 20.13 16.61
N MET B 11 9.19 20.12 17.92
CA MET B 11 9.47 18.98 18.79
CA MET B 11 9.46 18.96 18.76
C MET B 11 8.14 18.28 19.09
N LEU B 12 8.04 17.00 18.73
CA LEU B 12 6.83 16.22 19.05
C LEU B 12 6.96 15.65 20.45
N LEU B 13 5.98 15.94 21.30
CA LEU B 13 5.99 15.35 22.65
C LEU B 13 5.20 14.04 22.62
N ASP B 14 5.80 13.03 22.00
CA ASP B 14 5.09 11.78 21.72
C ASP B 14 5.68 10.55 22.44
N THR B 15 6.62 10.79 23.33
CA THR B 15 7.32 9.74 24.09
C THR B 15 7.60 10.19 25.53
N GLY B 16 7.81 9.23 26.42
CA GLY B 16 8.20 9.56 27.77
C GLY B 16 7.06 10.01 28.66
N TRP B 17 5.81 9.73 28.25
CA TRP B 17 4.69 10.09 29.13
C TRP B 17 4.41 8.99 30.13
N GLU B 18 3.93 9.39 31.29
CA GLU B 18 3.44 8.46 32.32
C GLU B 18 2.07 8.92 32.78
N PHE B 19 1.29 7.99 33.35
CA PHE B 19 -0.02 8.36 33.89
C PHE B 19 -0.22 7.74 35.26
N SER B 20 -1.16 8.29 36.02
CA SER B 20 -1.50 7.85 37.36
CA SER B 20 -1.52 7.82 37.34
C SER B 20 -2.97 8.11 37.64
N GLN B 21 -3.62 7.18 38.35
CA GLN B 21 -4.93 7.43 38.93
C GLN B 21 -4.71 8.45 40.06
N SER B 22 -5.42 9.57 40.03
CA SER B 22 -5.25 10.57 41.11
C SER B 22 -5.52 9.95 42.48
N GLY B 23 -4.65 10.28 43.42
CA GLY B 23 -4.77 9.82 44.83
C GLY B 23 -3.92 8.59 45.13
N THR B 24 -3.36 7.99 44.08
CA THR B 24 -2.62 6.74 44.24
C THR B 24 -1.10 6.87 44.37
N GLU B 25 -0.52 7.96 43.82
CA GLU B 25 0.94 8.18 43.77
C GLU B 25 1.69 7.17 42.87
N LYS B 26 0.93 6.39 42.10
CA LYS B 26 1.54 5.29 41.33
C LYS B 26 1.53 5.62 39.86
N TRP B 27 2.70 5.71 39.27
CA TRP B 27 2.86 6.14 37.89
C TRP B 27 3.27 4.97 37.00
N MET B 28 2.74 4.94 35.78
CA MET B 28 2.99 3.89 34.81
C MET B 28 3.15 4.46 33.40
N PRO B 29 3.90 3.77 32.52
CA PRO B 29 4.03 4.24 31.16
C PRO B 29 2.70 4.48 30.46
N ALA B 30 2.65 5.55 29.69
CA ALA B 30 1.47 5.85 28.89
C ALA B 30 1.86 6.03 27.42
N THR B 31 0.86 5.98 26.53
CA THR B 31 1.06 6.23 25.12
C THR B 31 0.25 7.49 24.77
N VAL B 32 0.92 8.48 24.21
CA VAL B 32 0.27 9.75 23.83
C VAL B 32 0.63 10.03 22.35
N PRO B 33 -0.35 10.39 21.51
CA PRO B 33 -1.79 10.52 21.86
C PRO B 33 -2.36 9.18 22.37
N GLY B 34 -3.33 9.27 23.27
CA GLY B 34 -3.96 8.03 23.74
C GLY B 34 -5.12 8.36 24.67
N THR B 35 -5.52 7.33 25.44
CA THR B 35 -6.67 7.43 26.32
C THR B 35 -6.34 6.72 27.62
N VAL B 36 -6.97 7.16 28.71
CA VAL B 36 -6.82 6.46 30.00
C VAL B 36 -7.17 4.97 29.85
N HIS B 37 -8.25 4.67 29.15
CA HIS B 37 -8.67 3.26 29.04
C HIS B 37 -7.62 2.40 28.32
N GLN B 38 -7.07 2.91 27.23
CA GLN B 38 -6.06 2.13 26.47
C GLN B 38 -4.82 2.02 27.34
N ASP B 39 -4.47 3.10 28.04
CA ASP B 39 -3.31 3.01 28.94
C ASP B 39 -3.52 1.94 30.02
N LEU B 40 -4.71 1.88 30.62
CA LEU B 40 -5.03 0.83 31.61
C LEU B 40 -5.02 -0.57 30.97
N ILE B 41 -5.62 -0.70 29.80
CA ILE B 41 -5.62 -2.00 29.04
C ILE B 41 -4.22 -2.52 28.76
N SER B 42 -3.32 -1.61 28.37
CA SER B 42 -1.91 -1.92 28.08
CA SER B 42 -1.96 -2.01 28.04
C SER B 42 -1.21 -2.55 29.27
N HIS B 43 -1.66 -2.17 30.47
CA HIS B 43 -1.09 -2.73 31.70
C HIS B 43 -1.95 -3.80 32.31
N GLU B 44 -2.91 -4.33 31.55
CA GLU B 44 -3.85 -5.36 32.03
C GLU B 44 -4.63 -4.92 33.28
N LEU B 45 -4.93 -3.62 33.40
CA LEU B 45 -5.72 -3.10 34.52
C LEU B 45 -7.19 -2.87 34.15
N LEU B 46 -7.50 -3.20 32.91
CA LEU B 46 -8.88 -3.40 32.47
C LEU B 46 -8.92 -4.65 31.63
N PRO B 47 -10.06 -5.39 31.66
CA PRO B 47 -10.28 -6.52 30.74
C PRO B 47 -10.59 -5.94 29.36
N ASN B 48 -10.66 -6.78 28.34
CA ASN B 48 -11.12 -6.34 26.99
C ASN B 48 -12.50 -5.72 27.15
N PRO B 49 -12.60 -4.38 26.93
CA PRO B 49 -13.90 -3.72 27.16
C PRO B 49 -15.02 -4.26 26.26
N PHE B 50 -14.62 -4.87 25.12
CA PHE B 50 -15.59 -5.23 24.09
C PHE B 50 -16.10 -6.65 24.24
N TYR B 51 -15.55 -7.41 25.18
CA TYR B 51 -15.89 -8.83 25.27
C TYR B 51 -17.06 -9.07 26.21
N GLY B 52 -18.02 -9.88 25.79
CA GLY B 52 -19.05 -10.40 26.70
C GLY B 52 -19.78 -9.32 27.48
N MET B 53 -19.78 -9.48 28.80
CA MET B 53 -20.46 -8.53 29.71
C MET B 53 -19.49 -7.52 30.33
N ASN B 54 -18.33 -7.32 29.70
CA ASN B 54 -17.31 -6.43 30.25
C ASN B 54 -17.65 -4.93 30.30
N GLU B 55 -18.66 -4.49 29.54
CA GLU B 55 -18.99 -3.05 29.57
C GLU B 55 -19.22 -2.58 31.04
N LYS B 56 -19.97 -3.37 31.84
CA LYS B 56 -20.25 -3.00 33.23
C LYS B 56 -18.97 -2.88 34.04
N LYS B 57 -17.97 -3.69 33.70
CA LYS B 57 -16.74 -3.84 34.49
C LYS B 57 -15.74 -2.73 34.30
N ILE B 58 -15.97 -1.89 33.29
CA ILE B 58 -14.98 -0.83 32.99
C ILE B 58 -15.50 0.58 33.32
N GLN B 59 -16.73 0.68 33.82
CA GLN B 59 -17.39 1.96 34.11
C GLN B 59 -16.68 2.74 35.21
N TRP B 60 -15.97 2.02 36.10
CA TRP B 60 -15.33 2.71 37.24
C TRP B 60 -14.38 3.86 36.85
N VAL B 61 -13.73 3.71 35.68
CA VAL B 61 -12.71 4.63 35.20
C VAL B 61 -13.28 6.06 35.18
N GLU B 62 -14.55 6.21 34.77
CA GLU B 62 -15.11 7.55 34.55
C GLU B 62 -15.30 8.32 35.84
N ASN B 63 -15.26 7.60 36.97
CA ASN B 63 -15.40 8.25 38.29
C ASN B 63 -14.11 8.73 38.92
N GLU B 64 -12.97 8.37 38.33
CA GLU B 64 -11.66 8.74 38.88
C GLU B 64 -11.11 9.93 38.12
N ASP B 65 -10.19 10.66 38.74
CA ASP B 65 -9.40 11.66 38.04
C ASP B 65 -8.09 10.99 37.61
N TRP B 66 -7.47 11.54 36.56
CA TRP B 66 -6.31 10.89 35.95
C TRP B 66 -5.26 11.92 35.67
N GLU B 67 -4.00 11.60 35.98
CA GLU B 67 -2.91 12.57 35.78
C GLU B 67 -1.91 12.03 34.76
N TYR B 68 -1.36 12.93 33.97
CA TYR B 68 -0.36 12.59 32.94
C TYR B 68 0.84 13.50 33.11
N ARG B 69 2.05 13.00 32.83
CA ARG B 69 3.22 13.86 32.96
C ARG B 69 4.25 13.42 31.95
N THR B 70 5.07 14.37 31.52
CA THR B 70 6.28 14.07 30.76
C THR B 70 7.31 15.15 31.06
N SER B 71 8.55 14.88 30.70
CA SER B 71 9.62 15.89 30.79
CA SER B 71 9.63 15.88 30.80
C SER B 71 10.31 15.93 29.45
N PHE B 72 10.93 17.07 29.14
CA PHE B 72 11.62 17.22 27.87
C PHE B 72 12.74 18.26 28.05
N ILE B 73 13.75 18.13 27.22
CA ILE B 73 14.90 19.00 27.28
C ILE B 73 14.77 20.16 26.31
N VAL B 74 15.16 21.34 26.76
CA VAL B 74 15.23 22.52 25.88
C VAL B 74 16.67 23.07 25.94
N SER B 75 17.24 23.30 24.77
CA SER B 75 18.63 23.78 24.69
C SER B 75 18.71 25.29 24.76
N GLU B 76 19.92 25.81 24.99
CA GLU B 76 20.17 27.24 24.93
C GLU B 76 19.73 27.84 23.58
N GLU B 77 20.08 27.17 22.49
CA GLU B 77 19.74 27.60 21.13
C GLU B 77 18.20 27.73 20.96
N GLN B 78 17.50 26.70 21.43
CA GLN B 78 16.04 26.65 21.32
C GLN B 78 15.42 27.76 22.17
N LEU B 79 15.98 27.97 23.36
CA LEU B 79 15.50 29.04 24.22
C LEU B 79 15.71 30.44 23.66
N ASN B 80 16.63 30.58 22.71
CA ASN B 80 16.93 31.89 22.12
CA ASN B 80 16.94 31.88 22.12
C ASN B 80 16.06 32.25 20.92
N ARG B 81 15.19 31.31 20.48
CA ARG B 81 14.28 31.64 19.41
C ARG B 81 13.30 32.72 19.85
N ASP B 82 12.74 33.48 18.91
CA ASP B 82 11.89 34.60 19.26
C ASP B 82 10.63 34.18 19.99
N GLY B 83 10.06 33.05 19.57
CA GLY B 83 8.81 32.57 20.17
C GLY B 83 8.86 31.06 20.32
N ILE B 84 8.10 30.55 21.31
CA ILE B 84 7.98 29.08 21.49
C ILE B 84 6.54 28.82 21.90
N GLN B 85 5.87 27.99 21.11
CA GLN B 85 4.47 27.64 21.36
C GLN B 85 4.36 26.19 21.73
N LEU B 86 3.46 25.93 22.68
CA LEU B 86 3.09 24.56 23.01
C LEU B 86 1.67 24.35 22.46
N ILE B 87 1.51 23.34 21.61
CA ILE B 87 0.27 23.16 20.88
C ILE B 87 -0.37 21.82 21.28
N PHE B 88 -1.61 21.90 21.74
CA PHE B 88 -2.41 20.70 22.08
C PHE B 88 -3.51 20.58 21.05
N GLU B 89 -3.39 19.61 20.16
CA GLU B 89 -4.43 19.45 19.17
C GLU B 89 -5.72 18.86 19.76
N GLY B 90 -5.63 18.29 20.94
CA GLY B 90 -6.85 17.77 21.58
C GLY B 90 -6.62 17.31 23.00
N LEU B 91 -7.46 17.83 23.90
CA LEU B 91 -7.47 17.41 25.31
C LEU B 91 -8.87 17.01 25.67
N ASP B 92 -9.03 15.77 26.16
CA ASP B 92 -10.37 15.25 26.48
C ASP B 92 -10.48 15.10 28.01
N THR B 93 -11.10 16.03 28.78
CA THR B 93 -11.70 17.29 28.33
C THR B 93 -11.40 18.40 29.34
N TYR B 94 -11.73 18.17 30.60
CA TYR B 94 -11.43 19.17 31.64
C TYR B 94 -10.00 18.94 32.13
N ALA B 95 -9.04 19.64 31.54
CA ALA B 95 -7.64 19.33 31.82
C ALA B 95 -6.92 20.61 32.27
N ASP B 96 -6.26 20.55 33.42
CA ASP B 96 -5.46 21.67 33.93
C ASP B 96 -4.03 21.31 33.48
N VAL B 97 -3.41 22.22 32.72
CA VAL B 97 -2.12 21.97 32.11
C VAL B 97 -1.10 22.83 32.85
N TYR B 98 -0.10 22.17 33.47
CA TYR B 98 1.01 22.81 34.19
C TYR B 98 2.36 22.59 33.53
N LEU B 99 3.13 23.68 33.41
CA LEU B 99 4.47 23.58 32.83
C LEU B 99 5.40 24.39 33.74
N ASN B 100 6.34 23.69 34.37
CA ASN B 100 7.35 24.35 35.20
C ASN B 100 6.74 25.28 36.25
N GLY B 101 5.68 24.79 36.91
CA GLY B 101 5.01 25.56 37.97
C GLY B 101 3.94 26.58 37.54
N SER B 102 3.74 26.75 36.22
CA SER B 102 2.75 27.67 35.69
C SER B 102 1.53 26.90 35.24
N LEU B 103 0.37 27.33 35.67
CA LEU B 103 -0.89 26.85 35.08
C LEU B 103 -1.07 27.56 33.71
N LEU B 104 -0.91 26.82 32.64
CA LEU B 104 -1.01 27.40 31.31
C LEU B 104 -2.44 27.55 30.83
N LEU B 105 -3.29 26.61 31.26
CA LEU B 105 -4.55 26.41 30.57
C LEU B 105 -5.47 25.52 31.43
N LYS B 106 -6.74 25.93 31.58
CA LYS B 106 -7.80 25.06 32.12
C LYS B 106 -8.67 24.73 30.92
N ALA B 107 -8.38 23.58 30.31
CA ALA B 107 -9.04 23.23 29.02
C ALA B 107 -10.44 22.70 29.36
N ASP B 108 -11.38 22.89 28.43
CA ASP B 108 -12.75 22.46 28.69
C ASP B 108 -13.54 22.15 27.44
N ASN B 109 -12.83 21.76 26.39
CA ASN B 109 -13.56 21.46 25.16
C ASN B 109 -12.69 20.54 24.30
N MET B 110 -13.16 19.29 24.21
CA MET B 110 -12.41 18.25 23.47
C MET B 110 -12.13 18.62 22.04
N PHE B 111 -12.97 19.49 21.49
CA PHE B 111 -13.00 19.78 20.06
C PHE B 111 -12.17 21.00 19.70
N VAL B 112 -11.46 21.56 20.68
CA VAL B 112 -10.65 22.78 20.40
C VAL B 112 -9.17 22.46 20.46
N GLY B 113 -8.40 23.01 19.52
CA GLY B 113 -6.92 22.87 19.61
C GLY B 113 -6.42 24.13 20.33
N TYR B 114 -5.46 23.98 21.24
CA TYR B 114 -4.97 25.13 22.00
C TYR B 114 -3.53 25.41 21.63
N THR B 115 -3.22 26.69 21.36
CA THR B 115 -1.84 27.09 21.06
C THR B 115 -1.42 28.05 22.15
N LEU B 116 -0.37 27.70 22.89
CA LEU B 116 -0.02 28.41 24.12
C LEU B 116 1.40 29.00 24.01
N PRO B 117 1.55 30.34 24.16
CA PRO B 117 2.96 30.85 24.14
C PRO B 117 3.66 30.41 25.44
N VAL B 118 4.85 29.80 25.35
CA VAL B 118 5.52 29.28 26.55
C VAL B 118 7.00 29.69 26.71
N LYS B 119 7.50 30.54 25.81
CA LYS B 119 8.96 30.84 25.90
C LYS B 119 9.31 31.33 27.31
N SER B 120 8.49 32.21 27.88
CA SER B 120 8.87 32.79 29.19
C SER B 120 8.81 31.82 30.35
N VAL B 121 8.14 30.66 30.18
CA VAL B 121 8.08 29.68 31.25
C VAL B 121 9.01 28.50 31.05
N LEU B 122 9.56 28.34 29.85
CA LEU B 122 10.53 27.27 29.62
C LEU B 122 11.87 27.57 30.27
N ARG B 123 12.62 26.51 30.53
CA ARG B 123 13.93 26.60 31.17
C ARG B 123 14.93 25.82 30.34
N LYS B 124 16.20 26.24 30.36
CA LYS B 124 17.26 25.41 29.78
C LYS B 124 17.38 24.12 30.58
N GLY B 125 17.55 22.99 29.89
CA GLY B 125 17.61 21.70 30.54
C GLY B 125 16.23 21.09 30.65
N GLU B 126 15.97 20.41 31.77
CA GLU B 126 14.72 19.64 31.93
CA GLU B 126 14.73 19.66 31.96
C GLU B 126 13.52 20.55 32.20
N ASN B 127 12.41 20.19 31.58
CA ASN B 127 11.13 20.94 31.69
C ASN B 127 10.07 19.90 32.00
N HIS B 128 9.12 20.22 32.89
CA HIS B 128 8.15 19.23 33.37
C HIS B 128 6.75 19.72 32.99
N LEU B 129 6.02 18.86 32.29
CA LEU B 129 4.66 19.10 31.86
C LEU B 129 3.77 18.12 32.63
N TYR B 130 2.76 18.61 33.33
CA TYR B 130 1.84 17.75 34.10
C TYR B 130 0.43 18.19 33.71
N ILE B 131 -0.46 17.21 33.50
CA ILE B 131 -1.82 17.52 33.09
C ILE B 131 -2.74 16.74 34.02
N TYR B 132 -3.71 17.45 34.60
CA TYR B 132 -4.63 16.87 35.52
C TYR B 132 -6.00 16.80 34.81
N PHE B 133 -6.48 15.58 34.55
CA PHE B 133 -7.78 15.41 33.90
C PHE B 133 -8.86 15.17 34.93
N HIS B 134 -9.68 16.17 35.15
CA HIS B 134 -10.83 16.00 36.01
C HIS B 134 -11.83 15.04 35.39
N SER B 135 -12.32 14.10 36.19
CA SER B 135 -13.41 13.22 35.70
C SER B 135 -14.53 14.12 35.12
N PRO B 136 -14.99 13.84 33.87
CA PRO B 136 -16.06 14.66 33.32
C PRO B 136 -17.39 14.39 33.99
N ILE B 137 -17.50 13.26 34.67
CA ILE B 137 -18.65 12.94 35.48
C ILE B 137 -18.60 13.79 36.77
N ARG B 138 -17.54 13.64 37.58
CA ARG B 138 -17.45 14.44 38.83
CA ARG B 138 -17.52 14.41 38.81
C ARG B 138 -17.46 15.93 38.56
N GLN B 139 -16.85 16.34 37.44
CA GLN B 139 -16.81 17.77 37.11
C GLN B 139 -18.20 18.38 36.94
N THR B 140 -19.12 17.57 36.41
CA THR B 140 -20.45 18.09 36.05
C THR B 140 -21.61 17.68 36.98
N LEU B 141 -21.35 16.84 37.99
CA LEU B 141 -22.40 16.49 38.96
C LEU B 141 -22.94 17.74 39.67
N PRO B 142 -22.06 18.69 40.06
CA PRO B 142 -22.64 19.89 40.71
C PRO B 142 -23.45 20.73 39.72
N GLN B 143 -23.02 20.74 38.47
CA GLN B 143 -23.72 21.50 37.42
C GLN B 143 -25.10 20.86 37.21
N TYR B 144 -25.14 19.54 37.10
CA TYR B 144 -26.42 18.81 37.02
C TYR B 144 -27.33 19.07 38.24
N ALA B 145 -26.75 18.98 39.43
CA ALA B 145 -27.51 19.26 40.65
C ALA B 145 -28.11 20.68 40.63
N SER B 146 -27.39 21.65 40.05
CA SER B 146 -27.91 23.03 40.02
C SER B 146 -29.03 23.21 39.00
N ASN B 147 -29.18 22.21 38.11
CA ASN B 147 -30.01 22.44 36.91
C ASN B 147 -31.49 22.27 37.14
N GLY B 148 -31.82 21.41 38.09
CA GLY B 148 -33.24 21.22 38.44
C GLY B 148 -34.08 20.34 37.51
N PHE B 149 -33.46 19.81 36.43
CA PHE B 149 -34.11 18.84 35.59
C PHE B 149 -33.02 18.08 34.87
N ASN B 150 -33.40 16.95 34.28
CA ASN B 150 -32.45 16.08 33.57
C ASN B 150 -32.75 16.21 32.09
N TYR B 151 -31.77 16.66 31.30
CA TYR B 151 -32.00 16.74 29.82
C TYR B 151 -32.34 15.35 29.26
N PRO B 152 -33.27 15.28 28.28
CA PRO B 152 -33.76 13.98 27.79
C PRO B 152 -32.81 13.35 26.77
N ALA B 153 -31.60 13.08 27.19
CA ALA B 153 -30.58 12.48 26.31
C ALA B 153 -30.57 10.97 26.52
N ASP B 154 -31.45 10.24 25.85
CA ASP B 154 -31.55 8.78 26.14
C ASP B 154 -30.30 8.00 25.69
N ASN B 155 -29.54 8.61 24.79
CA ASN B 155 -28.28 8.02 24.36
C ASN B 155 -27.14 8.14 25.37
N ASP B 156 -27.36 8.88 26.43
CA ASP B 156 -26.37 9.04 27.47
C ASP B 156 -26.72 7.96 28.50
N HIS B 157 -25.92 6.90 28.55
CA HIS B 157 -26.28 5.65 29.30
C HIS B 157 -25.89 5.75 30.76
N HIS B 158 -26.61 6.63 31.47
CA HIS B 158 -26.43 6.84 32.91
C HIS B 158 -27.74 7.47 33.40
N GLU B 159 -28.06 7.28 34.69
CA GLU B 159 -29.23 7.93 35.32
C GLU B 159 -29.23 9.46 35.09
N LYS B 160 -28.04 10.05 35.21
CA LYS B 160 -27.84 11.49 35.08
C LYS B 160 -27.28 11.76 33.71
N HIS B 161 -27.95 12.62 32.95
CA HIS B 161 -27.52 12.88 31.58
C HIS B 161 -26.53 14.05 31.53
N LEU B 162 -25.31 13.72 31.95
CA LEU B 162 -24.25 14.71 32.12
C LEU B 162 -23.56 15.13 30.82
N SER B 163 -23.76 14.33 29.77
CA SER B 163 -23.12 14.62 28.48
C SER B 163 -23.42 16.01 27.98
N VAL B 164 -24.65 16.50 28.17
CA VAL B 164 -25.05 17.71 27.50
C VAL B 164 -24.27 18.93 28.03
N PHE B 165 -23.76 18.83 29.26
CA PHE B 165 -22.99 19.94 29.84
C PHE B 165 -21.55 20.04 29.32
N SER B 166 -21.06 19.00 28.62
CA SER B 166 -19.64 18.92 28.32
C SER B 166 -19.46 18.90 26.81
N ARG B 167 -18.53 19.74 26.33
CA ARG B 167 -18.13 19.69 24.93
C ARG B 167 -17.12 18.56 24.78
N LYS B 168 -17.68 17.37 24.61
CA LYS B 168 -16.96 16.09 24.58
C LYS B 168 -17.77 15.17 23.68
N ALA B 169 -17.08 14.33 22.92
CA ALA B 169 -17.72 13.42 21.97
C ALA B 169 -18.96 12.78 22.58
N PRO B 170 -20.12 13.13 22.00
CA PRO B 170 -21.37 12.60 22.58
C PRO B 170 -21.42 11.08 22.75
N TYR B 171 -20.92 10.34 21.73
CA TYR B 171 -21.04 8.88 21.76
C TYR B 171 -20.22 8.26 22.91
N SER B 172 -19.27 9.00 23.47
CA SER B 172 -18.41 8.40 24.54
C SER B 172 -19.25 7.98 25.75
N TYR B 173 -20.40 8.65 25.93
CA TYR B 173 -21.32 8.36 27.02
C TYR B 173 -22.28 7.18 26.69
N GLY B 174 -22.06 6.57 25.53
CA GLY B 174 -22.96 5.51 25.04
C GLY B 174 -23.70 6.02 23.82
N TRP B 175 -24.30 5.11 23.07
CA TRP B 175 -25.22 5.53 22.01
C TRP B 175 -26.03 4.28 21.62
N ASP B 176 -26.96 4.47 20.67
CA ASP B 176 -27.84 3.36 20.28
C ASP B 176 -27.14 2.32 19.39
N TRP B 177 -25.83 2.50 19.16
CA TRP B 177 -24.95 1.50 18.50
C TRP B 177 -23.63 1.32 19.24
N GLY B 178 -23.56 1.91 20.44
CA GLY B 178 -22.23 2.17 21.08
C GLY B 178 -22.12 1.81 22.54
N ILE B 179 -20.92 1.37 22.90
CA ILE B 179 -20.54 1.13 24.28
C ILE B 179 -20.27 2.47 25.01
N ARG B 180 -20.54 2.48 26.31
CA ARG B 180 -20.19 3.63 27.12
C ARG B 180 -18.76 3.50 27.58
N MET B 181 -17.89 4.40 27.10
N MET B 181 -17.93 4.44 27.10
CA MET B 181 -16.52 4.49 27.62
CA MET B 181 -16.52 4.52 27.51
C MET B 181 -16.10 5.94 27.69
C MET B 181 -16.16 5.99 27.64
N VAL B 182 -16.46 6.55 28.81
CA VAL B 182 -16.27 7.97 29.05
C VAL B 182 -14.82 8.17 29.42
N THR B 183 -14.04 8.34 28.36
CA THR B 183 -12.57 8.30 28.51
C THR B 183 -12.05 9.73 28.67
N SER B 184 -10.73 9.84 28.85
CA SER B 184 -10.06 11.12 29.02
C SER B 184 -8.66 10.97 28.47
N GLY B 185 -7.96 12.10 28.26
CA GLY B 185 -6.56 12.04 27.94
C GLY B 185 -6.17 12.99 26.81
N VAL B 186 -4.92 12.83 26.37
CA VAL B 186 -4.34 13.72 25.37
C VAL B 186 -4.64 13.01 24.05
N TRP B 187 -5.77 13.33 23.44
CA TRP B 187 -6.30 12.46 22.40
C TRP B 187 -5.81 12.79 20.98
N ARG B 188 -5.12 13.92 20.83
CA ARG B 188 -4.43 14.29 19.58
C ARG B 188 -3.00 14.83 19.94
N PRO B 189 -2.12 15.02 18.93
CA PRO B 189 -0.70 15.33 19.19
C PRO B 189 -0.43 16.57 20.00
N VAL B 190 0.68 16.53 20.75
CA VAL B 190 1.21 17.70 21.46
C VAL B 190 2.55 18.03 20.82
N THR B 191 2.74 19.31 20.46
CA THR B 191 3.91 19.77 19.72
C THR B 191 4.47 21.02 20.39
N LEU B 192 5.78 21.18 20.34
CA LEU B 192 6.42 22.45 20.68
C LEU B 192 6.98 23.04 19.43
N ARG B 193 6.69 24.31 19.15
CA ARG B 193 7.21 24.95 17.94
CA ARG B 193 7.17 24.98 17.94
C ARG B 193 8.09 26.13 18.35
N PHE B 194 9.35 26.07 17.94
CA PHE B 194 10.35 27.14 18.26
C PHE B 194 10.53 27.93 16.95
N TYR B 195 10.37 29.24 16.98
CA TYR B 195 10.33 29.95 15.70
C TYR B 195 10.80 31.38 15.83
N ASP B 196 11.07 32.00 14.70
CA ASP B 196 11.43 33.40 14.68
C ASP B 196 10.36 34.29 14.09
N ILE B 197 10.26 35.50 14.66
CA ILE B 197 9.44 36.61 14.13
C ILE B 197 7.92 36.37 14.27
N ALA B 198 7.40 35.33 13.61
CA ALA B 198 5.96 35.20 13.52
C ALA B 198 5.55 33.81 13.13
N THR B 199 4.29 33.46 13.41
CA THR B 199 3.70 32.26 12.85
C THR B 199 2.53 32.65 11.95
N ILE B 200 2.16 31.72 11.05
CA ILE B 200 0.92 31.87 10.31
C ILE B 200 -0.16 31.16 11.12
N SER B 201 -1.06 31.93 11.73
CA SER B 201 -2.07 31.29 12.55
CA SER B 201 -2.14 31.39 12.55
C SER B 201 -3.20 30.74 11.68
N ASP B 202 -3.40 31.31 10.49
CA ASP B 202 -4.38 30.77 9.56
C ASP B 202 -4.02 31.16 8.13
N TYR B 203 -4.21 30.21 7.22
CA TYR B 203 -4.12 30.49 5.80
C TYR B 203 -5.39 29.93 5.16
N TYR B 204 -6.14 30.80 4.50
CA TYR B 204 -7.40 30.40 3.88
C TYR B 204 -7.32 30.77 2.40
N VAL B 205 -7.60 29.81 1.53
CA VAL B 205 -7.67 30.10 0.08
C VAL B 205 -9.13 30.24 -0.32
N ARG B 206 -9.54 31.48 -0.54
CA ARG B 206 -10.93 31.77 -0.88
C ARG B 206 -11.11 31.72 -2.39
N GLN B 207 -12.05 30.93 -2.85
CA GLN B 207 -12.35 30.91 -4.28
C GLN B 207 -13.40 32.01 -4.56
N LEU B 208 -13.00 33.08 -5.25
CA LEU B 208 -13.91 34.20 -5.60
C LEU B 208 -14.81 33.85 -6.78
N SER B 209 -14.27 33.13 -7.74
CA SER B 209 -15.03 32.74 -8.92
C SER B 209 -14.33 31.62 -9.65
N LEU B 210 -15.12 30.82 -10.35
CA LEU B 210 -14.54 29.72 -11.11
C LEU B 210 -15.32 29.56 -12.37
N THR B 211 -14.62 29.67 -13.51
CA THR B 211 -15.14 29.30 -14.81
C THR B 211 -14.15 28.34 -15.46
N ASP B 212 -14.51 27.79 -16.62
CA ASP B 212 -13.55 26.95 -17.38
C ASP B 212 -12.29 27.73 -17.76
N GLU B 213 -12.41 29.06 -17.93
CA GLU B 213 -11.30 29.90 -18.36
C GLU B 213 -10.36 30.37 -17.26
N ASN B 214 -10.88 30.50 -16.03
CA ASN B 214 -10.12 31.15 -14.99
C ASN B 214 -10.69 30.90 -13.58
N ALA B 215 -9.81 30.62 -12.64
CA ALA B 215 -10.18 30.63 -11.24
C ALA B 215 -9.60 31.87 -10.60
N ARG B 216 -10.42 32.64 -9.89
CA ARG B 216 -9.92 33.78 -9.12
C ARG B 216 -9.92 33.45 -7.64
N LEU B 217 -8.74 33.54 -7.04
CA LEU B 217 -8.54 33.21 -5.64
C LEU B 217 -8.12 34.41 -4.81
N SER B 218 -8.40 34.34 -3.53
CA SER B 218 -7.89 35.32 -2.58
C SER B 218 -7.18 34.58 -1.46
N ASN B 219 -5.88 34.79 -1.32
CA ASN B 219 -5.09 34.15 -0.30
C ASN B 219 -5.17 35.01 0.94
N GLU B 220 -5.78 34.49 2.01
CA GLU B 220 -5.99 35.26 3.25
C GLU B 220 -5.15 34.69 4.34
N LEU B 221 -4.25 35.54 4.83
CA LEU B 221 -3.35 35.13 5.90
C LEU B 221 -3.60 35.91 7.18
N ILE B 222 -3.51 35.20 8.29
CA ILE B 222 -3.47 35.82 9.63
C ILE B 222 -2.09 35.42 10.17
N VAL B 223 -1.27 36.44 10.41
CA VAL B 223 0.10 36.24 10.85
C VAL B 223 0.27 36.90 12.23
N ASN B 224 0.71 36.10 13.21
CA ASN B 224 0.93 36.56 14.58
C ASN B 224 2.41 36.82 14.82
N GLN B 225 2.76 38.10 14.97
CA GLN B 225 4.15 38.46 15.20
C GLN B 225 4.45 38.58 16.70
N ILE B 226 5.54 37.94 17.11
CA ILE B 226 5.88 37.79 18.51
C ILE B 226 6.99 38.79 18.94
N VAL B 227 7.56 39.49 17.98
CA VAL B 227 8.62 40.46 18.31
C VAL B 227 8.06 41.87 18.31
N PRO B 228 8.66 42.78 19.13
CA PRO B 228 8.06 44.11 19.31
C PRO B 228 8.31 45.14 18.21
N GLN B 229 9.35 44.96 17.41
CA GLN B 229 9.67 45.91 16.35
C GLN B 229 8.85 45.67 15.08
N LYS B 230 8.78 46.69 14.23
CA LYS B 230 8.16 46.57 12.92
C LYS B 230 9.14 45.74 12.08
N ILE B 231 8.61 44.79 11.29
CA ILE B 231 9.43 43.86 10.52
C ILE B 231 9.10 43.91 9.04
N PRO B 232 10.07 44.34 8.19
CA PRO B 232 9.89 44.27 6.74
C PRO B 232 9.84 42.79 6.32
N ALA B 233 8.76 42.41 5.66
CA ALA B 233 8.58 41.03 5.24
C ALA B 233 8.07 41.02 3.82
N GLU B 234 8.08 39.83 3.23
CA GLU B 234 7.42 39.66 1.97
C GLU B 234 6.62 38.37 2.08
N VAL B 235 5.35 38.48 1.75
CA VAL B 235 4.47 37.32 1.66
C VAL B 235 4.58 36.76 0.24
N ARG B 236 4.76 35.43 0.12
CA ARG B 236 4.88 34.83 -1.21
C ARG B 236 3.92 33.66 -1.27
N VAL B 237 3.14 33.59 -2.32
CA VAL B 237 2.25 32.44 -2.51
C VAL B 237 2.64 31.74 -3.82
N ASN B 238 2.83 30.43 -3.72
CA ASN B 238 3.15 29.59 -4.88
C ASN B 238 2.01 28.67 -5.05
N VAL B 239 1.46 28.63 -6.27
CA VAL B 239 0.44 27.68 -6.67
C VAL B 239 1.09 26.70 -7.63
N SER B 240 1.06 25.41 -7.28
N SER B 240 1.04 25.41 -7.30
CA SER B 240 1.61 24.39 -8.17
CA SER B 240 1.60 24.40 -8.21
C SER B 240 0.57 23.28 -8.43
C SER B 240 0.68 23.18 -8.35
N LEU B 241 0.83 22.49 -9.49
CA LEU B 241 -0.01 21.33 -9.79
C LEU B 241 0.94 20.22 -10.16
N ASN B 242 0.95 19.16 -9.32
CA ASN B 242 1.82 18.01 -9.52
C ASN B 242 3.29 18.39 -9.81
N GLY B 243 3.82 19.32 -9.02
CA GLY B 243 5.25 19.61 -8.97
C GLY B 243 5.67 20.63 -10.00
N THR B 244 4.71 21.26 -10.65
CA THR B 244 5.01 22.38 -11.56
C THR B 244 4.27 23.66 -11.13
N THR B 245 5.02 24.76 -11.00
CA THR B 245 4.42 26.04 -10.65
C THR B 245 3.48 26.51 -11.74
N VAL B 246 2.29 26.92 -11.32
CA VAL B 246 1.34 27.49 -12.28
CA VAL B 246 1.24 27.43 -12.16
C VAL B 246 1.20 28.96 -12.11
N THR B 247 1.28 29.45 -10.87
CA THR B 247 1.37 30.86 -10.63
C THR B 247 2.01 31.15 -9.28
N GLU B 248 2.61 32.34 -9.23
CA GLU B 248 3.24 32.84 -8.03
C GLU B 248 2.89 34.32 -7.90
N VAL B 249 2.65 34.73 -6.66
CA VAL B 249 2.35 36.14 -6.34
C VAL B 249 3.08 36.52 -5.07
N LYS B 250 3.45 37.80 -4.95
CA LYS B 250 4.09 38.23 -3.75
C LYS B 250 3.65 39.64 -3.38
N GLN B 251 3.87 39.97 -2.12
CA GLN B 251 3.51 41.30 -1.61
C GLN B 251 4.43 41.70 -0.48
N GLN B 252 4.97 42.91 -0.56
CA GLN B 252 5.77 43.45 0.54
C GLN B 252 4.82 43.86 1.64
N VAL B 253 5.20 43.57 2.87
CA VAL B 253 4.40 43.94 4.03
C VAL B 253 5.29 44.33 5.16
N THR B 254 4.84 45.28 5.97
CA THR B 254 5.52 45.56 7.21
C THR B 254 4.69 44.94 8.31
N LEU B 255 5.23 43.92 8.94
CA LEU B 255 4.52 43.24 10.01
C LEU B 255 4.67 44.05 11.30
N GLN B 256 3.57 44.16 12.03
CA GLN B 256 3.57 44.76 13.37
CA GLN B 256 3.55 44.76 13.38
C GLN B 256 3.36 43.71 14.46
N PRO B 257 3.80 44.00 15.72
CA PRO B 257 3.56 43.06 16.81
C PRO B 257 2.09 42.67 16.90
N GLY B 258 1.86 41.39 17.17
CA GLY B 258 0.50 40.87 17.28
C GLY B 258 -0.07 40.42 15.95
N ILE B 259 -1.37 40.60 15.79
CA ILE B 259 -2.09 40.04 14.63
C ILE B 259 -1.96 40.95 13.41
N ASN B 260 -1.70 40.32 12.26
CA ASN B 260 -1.59 40.99 10.97
C ASN B 260 -2.50 40.24 10.00
N HIS B 261 -3.29 40.97 9.23
CA HIS B 261 -4.17 40.42 8.22
C HIS B 261 -3.63 40.80 6.86
N ILE B 262 -3.35 39.81 6.01
CA ILE B 262 -2.74 40.04 4.71
C ILE B 262 -3.58 39.28 3.69
N THR B 263 -3.93 39.94 2.59
CA THR B 263 -4.64 39.30 1.47
C THR B 263 -3.86 39.49 0.18
N LEU B 264 -3.68 38.41 -0.58
CA LEU B 264 -3.01 38.44 -1.89
C LEU B 264 -3.90 37.72 -2.90
N PRO B 265 -4.34 38.39 -3.98
CA PRO B 265 -5.10 37.73 -5.04
C PRO B 265 -4.19 36.81 -5.84
N ALA B 266 -4.76 35.74 -6.40
CA ALA B 266 -4.04 34.92 -7.40
C ALA B 266 -5.07 34.36 -8.38
N GLU B 267 -4.63 34.03 -9.59
CA GLU B 267 -5.56 33.45 -10.55
C GLU B 267 -4.89 32.26 -11.20
N VAL B 268 -5.71 31.29 -11.54
CA VAL B 268 -5.25 30.08 -12.25
C VAL B 268 -6.04 30.04 -13.56
N THR B 269 -5.32 30.12 -14.69
CA THR B 269 -5.99 30.12 -16.00
C THR B 269 -6.26 28.66 -16.41
N ASN B 270 -7.40 28.44 -17.06
CA ASN B 270 -7.80 27.13 -17.55
C ASN B 270 -7.68 26.09 -16.42
N PRO B 271 -8.34 26.37 -15.30
CA PRO B 271 -8.09 25.53 -14.11
C PRO B 271 -8.58 24.09 -14.34
N VAL B 272 -7.87 23.15 -13.73
CA VAL B 272 -8.26 21.76 -13.80
C VAL B 272 -9.14 21.47 -12.60
N ARG B 273 -10.41 21.19 -12.84
CA ARG B 273 -11.33 21.08 -11.71
C ARG B 273 -11.18 19.80 -10.90
N TRP B 274 -11.54 19.94 -9.63
CA TRP B 274 -11.70 18.79 -8.74
C TRP B 274 -13.08 18.19 -9.06
N MET B 275 -13.11 16.88 -9.33
CA MET B 275 -14.36 16.14 -9.60
CA MET B 275 -14.39 16.20 -9.55
C MET B 275 -14.59 15.10 -8.50
N PRO B 276 -15.87 14.84 -8.15
CA PRO B 276 -16.18 13.80 -7.17
C PRO B 276 -16.06 12.41 -7.78
N ASN B 277 -15.97 11.40 -6.89
CA ASN B 277 -15.78 10.01 -7.29
C ASN B 277 -16.78 9.57 -8.33
N GLY B 278 -16.27 9.07 -9.47
CA GLY B 278 -17.09 8.59 -10.58
C GLY B 278 -17.19 9.60 -11.73
N TRP B 279 -16.80 10.85 -11.49
CA TRP B 279 -16.91 11.94 -12.50
C TRP B 279 -15.53 12.46 -12.93
N GLY B 280 -14.49 11.70 -12.58
CA GLY B 280 -13.15 12.07 -12.98
C GLY B 280 -12.17 12.22 -11.83
N THR B 281 -11.13 13.01 -12.08
CA THR B 281 -9.99 13.08 -11.18
C THR B 281 -10.32 14.12 -10.11
N PRO B 282 -10.05 13.77 -8.83
CA PRO B 282 -10.17 14.69 -7.69
C PRO B 282 -8.92 15.57 -7.64
N THR B 283 -8.76 16.39 -8.69
CA THR B 283 -7.55 17.15 -8.89
C THR B 283 -7.33 18.13 -7.76
N LEU B 284 -6.11 18.12 -7.23
CA LEU B 284 -5.72 19.00 -6.12
C LEU B 284 -4.47 19.78 -6.46
N TYR B 285 -4.58 21.10 -6.36
CA TYR B 285 -3.42 22.00 -6.49
C TYR B 285 -2.73 22.15 -5.14
N ASP B 286 -1.44 22.47 -5.13
CA ASP B 286 -0.74 22.77 -3.90
C ASP B 286 -0.56 24.29 -3.79
N PHE B 287 -1.18 24.86 -2.74
CA PHE B 287 -1.05 26.30 -2.45
C PHE B 287 -0.16 26.49 -1.25
N SER B 288 0.97 27.21 -1.42
CA SER B 288 1.92 27.37 -0.33
C SER B 288 2.15 28.85 -0.07
N ALA B 289 1.95 29.26 1.18
CA ALA B 289 2.19 30.67 1.58
C ALA B 289 3.40 30.74 2.50
N GLN B 290 4.32 31.66 2.18
CA GLN B 290 5.54 31.83 2.95
C GLN B 290 5.61 33.27 3.46
N ILE B 291 6.13 33.42 4.66
CA ILE B 291 6.52 34.75 5.15
C ILE B 291 8.04 34.78 5.11
N ALA B 292 8.56 35.69 4.28
CA ALA B 292 10.02 35.80 4.09
C ALA B 292 10.47 37.06 4.83
N CYS B 293 11.48 36.90 5.68
CA CYS B 293 12.14 38.04 6.33
C CYS B 293 13.62 37.98 5.94
N GLY B 294 14.01 38.82 4.98
CA GLY B 294 15.29 38.61 4.28
C GLY B 294 15.35 37.22 3.64
N ASP B 295 16.44 36.50 3.92
CA ASP B 295 16.67 35.17 3.34
C ASP B 295 15.81 34.13 4.08
N ARG B 296 15.30 34.48 5.26
CA ARG B 296 14.70 33.48 6.16
C ARG B 296 13.22 33.30 5.81
N ILE B 297 12.80 32.08 5.47
CA ILE B 297 11.34 31.77 5.43
C ILE B 297 10.93 31.43 6.86
N VAL B 298 10.49 32.45 7.60
CA VAL B 298 10.20 32.29 9.03
C VAL B 298 8.95 31.41 9.29
N ALA B 299 8.02 31.44 8.35
CA ALA B 299 6.76 30.67 8.49
C ALA B 299 6.28 30.24 7.12
N GLU B 300 5.73 29.02 7.03
CA GLU B 300 5.15 28.61 5.78
C GLU B 300 3.96 27.73 6.12
N GLN B 301 2.91 27.84 5.32
CA GLN B 301 1.72 26.96 5.47
C GLN B 301 1.22 26.61 4.09
N SER B 302 0.89 25.31 3.89
CA SER B 302 0.38 24.85 2.60
CA SER B 302 0.36 24.87 2.60
C SER B 302 -0.98 24.19 2.80
N HIS B 303 -1.79 24.18 1.74
CA HIS B 303 -3.03 23.39 1.71
C HIS B 303 -3.13 22.79 0.33
N ARG B 304 -3.66 21.58 0.25
CA ARG B 304 -4.10 21.06 -1.03
C ARG B 304 -5.49 21.67 -1.29
N ILE B 305 -5.65 22.25 -2.49
CA ILE B 305 -6.87 22.91 -2.88
C ILE B 305 -7.52 22.31 -4.11
N GLY B 306 -8.82 22.08 -4.03
CA GLY B 306 -9.57 21.56 -5.19
C GLY B 306 -10.39 22.73 -5.74
N LEU B 307 -10.22 23.01 -7.02
CA LEU B 307 -11.02 24.04 -7.67
C LEU B 307 -12.31 23.46 -8.19
N ARG B 308 -13.41 23.79 -7.51
CA ARG B 308 -14.73 23.30 -7.93
C ARG B 308 -15.76 24.21 -7.32
N THR B 309 -16.98 24.14 -7.82
CA THR B 309 -18.08 24.74 -7.12
C THR B 309 -18.96 23.67 -6.54
N ILE B 310 -19.39 23.92 -5.32
CA ILE B 310 -20.43 23.05 -4.74
C ILE B 310 -21.55 23.97 -4.29
N ARG B 311 -22.75 23.71 -4.80
CA ARG B 311 -23.91 24.52 -4.39
C ARG B 311 -24.97 23.54 -3.91
N VAL B 312 -25.45 23.79 -2.70
CA VAL B 312 -26.60 23.04 -2.15
C VAL B 312 -27.84 23.81 -2.55
N VAL B 313 -28.65 23.15 -3.34
CA VAL B 313 -29.89 23.78 -3.80
C VAL B 313 -31.01 23.33 -2.93
N ASN B 314 -31.61 24.28 -2.22
CA ASN B 314 -32.69 23.97 -1.30
C ASN B 314 -33.76 25.06 -1.47
N GLU B 315 -34.67 24.79 -2.39
CA GLU B 315 -35.63 25.79 -2.88
C GLU B 315 -37.00 25.20 -2.93
N LYS B 316 -38.01 26.04 -2.66
CA LYS B 316 -39.38 25.68 -2.92
C LYS B 316 -39.55 25.34 -4.40
N ASP B 317 -40.28 24.25 -4.63
CA ASP B 317 -40.57 23.81 -5.99
C ASP B 317 -41.93 23.12 -6.03
N LYS B 318 -42.26 22.52 -7.18
CA LYS B 318 -43.61 22.01 -7.36
C LYS B 318 -43.90 20.86 -6.41
N ASP B 319 -42.84 20.19 -5.93
CA ASP B 319 -42.99 19.02 -5.07
C ASP B 319 -42.80 19.27 -3.59
N GLY B 320 -42.41 20.49 -3.24
CA GLY B 320 -42.25 20.86 -1.84
C GLY B 320 -41.00 21.74 -1.74
N GLU B 321 -39.91 21.19 -1.19
CA GLU B 321 -38.62 21.88 -1.15
C GLU B 321 -37.52 20.88 -1.55
N SER B 322 -36.82 21.21 -2.61
CA SER B 322 -35.70 20.37 -3.11
C SER B 322 -34.56 20.37 -2.07
N PHE B 323 -33.67 19.38 -2.20
CA PHE B 323 -32.45 19.35 -1.38
C PHE B 323 -31.45 18.53 -2.16
N TYR B 324 -30.52 19.20 -2.83
CA TYR B 324 -29.56 18.43 -3.61
C TYR B 324 -28.29 19.23 -3.82
N PHE B 325 -27.27 18.54 -4.34
CA PHE B 325 -25.94 19.09 -4.50
C PHE B 325 -25.67 19.27 -5.99
N GLU B 326 -25.18 20.47 -6.34
CA GLU B 326 -24.74 20.74 -7.71
C GLU B 326 -23.22 20.95 -7.62
N VAL B 327 -22.50 20.12 -8.36
CA VAL B 327 -21.03 20.11 -8.31
C VAL B 327 -20.52 20.49 -9.69
N ASN B 328 -19.72 21.56 -9.73
CA ASN B 328 -19.26 22.11 -11.00
C ASN B 328 -20.42 22.39 -11.97
N GLY B 329 -21.53 22.86 -11.38
CA GLY B 329 -22.73 23.22 -12.16
C GLY B 329 -23.63 22.06 -12.60
N ILE B 330 -23.29 20.83 -12.17
CA ILE B 330 -24.03 19.62 -12.59
C ILE B 330 -24.71 19.02 -11.35
N PRO B 331 -26.06 18.83 -11.38
CA PRO B 331 -26.73 18.12 -10.26
C PRO B 331 -26.16 16.72 -10.08
N MET B 332 -25.66 16.47 -8.87
CA MET B 332 -25.01 15.22 -8.57
C MET B 332 -25.89 14.45 -7.60
N PHE B 333 -26.42 13.31 -8.03
CA PHE B 333 -27.22 12.50 -7.09
C PHE B 333 -26.28 11.89 -6.04
N ALA B 334 -26.56 12.14 -4.76
CA ALA B 334 -25.64 11.74 -3.66
C ALA B 334 -25.80 10.25 -3.35
N LYS B 335 -24.67 9.56 -3.23
CA LYS B 335 -24.68 8.14 -2.89
C LYS B 335 -23.65 7.95 -1.80
N GLY B 336 -24.10 7.53 -0.63
CA GLY B 336 -23.10 7.32 0.41
C GLY B 336 -23.73 6.84 1.69
N ALA B 337 -23.15 7.24 2.80
CA ALA B 337 -23.52 6.71 4.10
C ALA B 337 -23.17 7.70 5.18
N ASN B 338 -23.73 7.43 6.35
CA ASN B 338 -23.43 8.16 7.57
C ASN B 338 -22.24 7.49 8.30
N TYR B 339 -21.26 8.33 8.64
CA TYR B 339 -20.06 7.87 9.31
C TYR B 339 -20.13 8.19 10.80
N ILE B 340 -19.73 7.19 11.60
CA ILE B 340 -19.62 7.38 13.06
C ILE B 340 -18.14 7.17 13.44
N PRO B 341 -17.77 7.50 14.70
CA PRO B 341 -16.37 7.22 15.11
C PRO B 341 -15.95 5.75 14.84
N GLN B 342 -14.69 5.56 14.47
CA GLN B 342 -14.22 4.20 14.10
C GLN B 342 -13.90 3.36 15.34
N ASP B 343 -13.90 3.96 16.53
CA ASP B 343 -13.51 3.22 17.72
C ASP B 343 -14.03 3.93 18.93
N ALA B 344 -14.32 3.15 19.98
CA ALA B 344 -14.55 3.71 21.32
C ALA B 344 -13.35 4.52 21.81
N LEU B 345 -12.14 4.16 21.35
CA LEU B 345 -10.93 4.85 21.78
C LEU B 345 -10.26 5.48 20.58
N LEU B 346 -10.51 6.79 20.41
CA LEU B 346 -10.22 7.47 19.15
C LEU B 346 -8.74 7.39 18.68
N PRO B 347 -7.77 7.54 19.62
CA PRO B 347 -6.35 7.45 19.19
C PRO B 347 -5.89 6.08 18.73
N ASN B 348 -6.72 5.07 18.98
CA ASN B 348 -6.43 3.73 18.49
C ASN B 348 -6.65 3.57 17.01
N VAL B 349 -7.38 4.49 16.39
CA VAL B 349 -7.60 4.44 14.97
C VAL B 349 -6.37 4.91 14.21
N THR B 350 -5.71 3.97 13.51
CA THR B 350 -4.47 4.25 12.81
C THR B 350 -4.66 4.90 11.44
N THR B 351 -3.58 5.39 10.85
CA THR B 351 -3.62 5.90 9.48
C THR B 351 -4.11 4.81 8.51
N GLU B 352 -3.62 3.58 8.71
CA GLU B 352 -4.03 2.44 7.86
CA GLU B 352 -4.01 2.48 7.84
C GLU B 352 -5.54 2.24 7.92
N ARG B 353 -6.12 2.33 9.12
CA ARG B 353 -7.57 2.16 9.27
C ARG B 353 -8.37 3.25 8.54
N TYR B 354 -7.93 4.50 8.64
CA TYR B 354 -8.60 5.57 7.88
C TYR B 354 -8.50 5.30 6.39
N GLN B 355 -7.31 4.90 5.93
CA GLN B 355 -7.12 4.64 4.51
C GLN B 355 -8.01 3.51 4.02
N THR B 356 -8.11 2.46 4.83
CA THR B 356 -8.95 1.31 4.45
C THR B 356 -10.42 1.73 4.33
N LEU B 357 -10.88 2.50 5.31
CA LEU B 357 -12.28 2.92 5.28
C LEU B 357 -12.59 3.76 4.02
N PHE B 358 -11.65 4.63 3.63
CA PHE B 358 -11.84 5.40 2.40
C PHE B 358 -11.82 4.53 1.16
N ARG B 359 -10.94 3.55 1.15
CA ARG B 359 -10.98 2.52 0.09
C ARG B 359 -12.36 1.85 0.03
N ASP B 360 -12.89 1.50 1.18
CA ASP B 360 -14.25 0.87 1.26
C ASP B 360 -15.34 1.80 0.69
N MET B 361 -15.27 3.10 1.00
CA MET B 361 -16.24 4.04 0.41
C MET B 361 -16.07 4.20 -1.09
N LYS B 362 -14.83 4.40 -1.54
CA LYS B 362 -14.54 4.66 -2.97
C LYS B 362 -14.92 3.45 -3.83
N GLU B 363 -14.62 2.26 -3.33
CA GLU B 363 -14.91 1.00 -4.07
C GLU B 363 -16.39 0.72 -4.10
N ALA B 364 -17.15 1.27 -3.15
CA ALA B 364 -18.61 1.10 -3.19
C ALA B 364 -19.30 2.20 -4.00
N ASN B 365 -18.50 2.95 -4.79
CA ASN B 365 -19.04 3.97 -5.73
C ASN B 365 -19.66 5.21 -5.03
N MET B 366 -19.28 5.41 -3.78
CA MET B 366 -19.87 6.49 -3.00
C MET B 366 -19.28 7.83 -3.46
N ASN B 367 -20.05 8.89 -3.28
CA ASN B 367 -19.55 10.25 -3.57
C ASN B 367 -19.87 11.19 -2.43
N MET B 368 -20.36 10.64 -1.31
CA MET B 368 -20.64 11.48 -0.15
C MET B 368 -20.57 10.73 1.15
N VAL B 369 -20.13 11.42 2.21
CA VAL B 369 -20.18 10.81 3.55
C VAL B 369 -20.68 11.91 4.49
N ARG B 370 -21.55 11.53 5.42
CA ARG B 370 -21.99 12.48 6.45
C ARG B 370 -21.26 12.19 7.74
N ILE B 371 -20.52 13.18 8.22
CA ILE B 371 -19.88 13.07 9.52
C ILE B 371 -20.91 13.47 10.56
N TRP B 372 -21.60 12.44 11.12
CA TRP B 372 -22.77 12.67 11.91
C TRP B 372 -22.42 13.26 13.32
N GLY B 373 -23.35 14.06 13.82
CA GLY B 373 -23.07 14.94 15.01
C GLY B 373 -22.94 14.35 16.41
N GLY B 374 -22.98 13.03 16.56
CA GLY B 374 -22.69 12.45 17.90
C GLY B 374 -21.24 11.99 18.04
N GLY B 375 -20.43 12.26 17.02
CA GLY B 375 -19.01 11.71 16.95
C GLY B 375 -18.01 12.80 17.35
N THR B 376 -17.02 13.01 16.47
CA THR B 376 -16.08 14.16 16.57
C THR B 376 -16.02 14.89 15.23
N TYR B 377 -15.52 16.12 15.28
CA TYR B 377 -14.97 16.73 14.09
C TYR B 377 -13.70 15.93 13.78
N GLU B 378 -13.68 15.28 12.62
CA GLU B 378 -12.65 14.25 12.42
C GLU B 378 -11.23 14.81 12.30
N ASN B 379 -10.26 13.88 12.31
CA ASN B 379 -8.88 14.35 12.19
CA ASN B 379 -8.83 14.16 12.17
C ASN B 379 -8.58 14.85 10.79
N ASN B 380 -7.49 15.60 10.67
CA ASN B 380 -7.19 16.18 9.37
C ASN B 380 -7.06 15.12 8.28
N LEU B 381 -6.48 13.98 8.64
CA LEU B 381 -6.34 12.88 7.67
C LEU B 381 -7.67 12.48 7.01
N PHE B 382 -8.76 12.46 7.79
CA PHE B 382 -10.07 12.04 7.27
C PHE B 382 -10.40 12.95 6.08
N TYR B 383 -10.27 14.26 6.30
CA TYR B 383 -10.63 15.22 5.22
C TYR B 383 -9.63 15.18 4.07
N ASP B 384 -8.34 14.98 4.35
CA ASP B 384 -7.34 14.76 3.28
C ASP B 384 -7.72 13.58 2.39
N LEU B 385 -8.15 12.48 3.02
CA LEU B 385 -8.54 11.29 2.26
C LEU B 385 -9.82 11.57 1.44
N ALA B 386 -10.80 12.26 2.03
CA ALA B 386 -12.02 12.59 1.26
C ALA B 386 -11.63 13.45 0.05
N ASP B 387 -10.73 14.41 0.26
CA ASP B 387 -10.27 15.26 -0.84
C ASP B 387 -9.69 14.42 -2.00
N GLU B 388 -8.80 13.50 -1.65
CA GLU B 388 -8.09 12.73 -2.70
C GLU B 388 -8.90 11.56 -3.22
N ASN B 389 -10.05 11.28 -2.61
CA ASN B 389 -10.91 10.20 -3.12
C ASN B 389 -12.22 10.71 -3.73
N GLY B 390 -12.36 12.03 -3.83
CA GLY B 390 -13.53 12.59 -4.50
C GLY B 390 -14.81 12.36 -3.70
N ILE B 391 -14.70 12.33 -2.37
CA ILE B 391 -15.92 12.10 -1.57
C ILE B 391 -16.38 13.39 -0.89
N LEU B 392 -17.57 13.87 -1.23
CA LEU B 392 -18.08 15.06 -0.53
C LEU B 392 -18.36 14.75 0.93
N VAL B 393 -18.16 15.78 1.75
CA VAL B 393 -18.39 15.67 3.19
C VAL B 393 -19.50 16.60 3.69
N TRP B 394 -20.52 15.98 4.28
CA TRP B 394 -21.59 16.73 4.95
C TRP B 394 -21.13 16.74 6.42
N GLN B 395 -20.81 17.91 6.97
CA GLN B 395 -20.31 17.98 8.32
C GLN B 395 -21.37 18.47 9.32
N ASP B 396 -21.86 17.58 10.22
CA ASP B 396 -22.65 18.08 11.35
C ASP B 396 -21.72 18.78 12.35
N PHE B 397 -22.25 19.74 13.09
CA PHE B 397 -21.61 20.15 14.32
C PHE B 397 -21.93 19.03 15.33
N MET B 398 -21.18 19.00 16.45
CA MET B 398 -21.23 17.83 17.36
C MET B 398 -22.34 17.93 18.44
N PHE B 399 -23.59 17.96 17.95
CA PHE B 399 -24.81 17.98 18.81
C PHE B 399 -25.75 16.98 18.18
N ALA B 400 -26.30 16.10 19.01
CA ALA B 400 -27.14 15.01 18.48
C ALA B 400 -28.18 14.53 19.47
N CYS B 401 -29.44 14.50 19.01
CA CYS B 401 -30.57 13.72 19.59
C CYS B 401 -31.18 14.30 20.88
N THR B 402 -30.54 15.27 21.47
CA THR B 402 -31.06 15.91 22.68
C THR B 402 -31.00 17.44 22.54
N PRO B 403 -31.95 18.16 23.17
CA PRO B 403 -31.66 19.58 23.37
C PRO B 403 -30.43 19.74 24.26
N TYR B 404 -29.77 20.87 24.09
CA TYR B 404 -28.59 21.22 24.90
C TYR B 404 -28.83 22.52 25.66
N PRO B 405 -28.00 22.79 26.66
CA PRO B 405 -28.02 24.09 27.34
C PRO B 405 -27.77 25.23 26.34
N SER B 406 -28.02 26.46 26.78
CA SER B 406 -27.86 27.61 25.90
C SER B 406 -27.47 28.86 26.72
N ASP B 407 -26.91 28.62 27.89
CA ASP B 407 -26.46 29.71 28.77
C ASP B 407 -25.17 30.33 28.18
N PRO B 408 -24.89 31.58 28.54
CA PRO B 408 -23.74 32.30 27.96
C PRO B 408 -22.42 31.54 27.99
N THR B 409 -22.05 30.94 29.14
CA THR B 409 -20.78 30.22 29.21
C THR B 409 -20.71 29.05 28.23
N PHE B 410 -21.82 28.31 28.17
CA PHE B 410 -21.90 27.18 27.29
C PHE B 410 -21.74 27.65 25.85
N LEU B 411 -22.52 28.67 25.49
CA LEU B 411 -22.48 29.19 24.13
C LEU B 411 -21.07 29.70 23.76
N LYS B 412 -20.35 30.26 24.74
CA LYS B 412 -18.94 30.66 24.51
C LYS B 412 -18.02 29.49 24.20
N ARG B 413 -18.18 28.37 24.92
CA ARG B 413 -17.44 27.15 24.59
C ARG B 413 -17.76 26.69 23.18
N VAL B 414 -19.05 26.68 22.82
CA VAL B 414 -19.44 26.27 21.48
C VAL B 414 -18.85 27.21 20.41
N GLU B 415 -18.89 28.52 20.65
CA GLU B 415 -18.32 29.46 19.69
C GLU B 415 -16.86 29.14 19.43
N ALA B 416 -16.12 28.85 20.50
CA ALA B 416 -14.69 28.51 20.36
C ALA B 416 -14.50 27.30 19.46
N GLU B 417 -15.27 26.23 19.67
CA GLU B 417 -15.12 25.00 18.87
C GLU B 417 -15.58 25.23 17.45
N ALA B 418 -16.59 26.08 17.26
CA ALA B 418 -17.10 26.30 15.89
C ALA B 418 -16.04 27.07 15.08
N VAL B 419 -15.51 28.15 15.66
CA VAL B 419 -14.49 28.93 14.96
C VAL B 419 -13.24 28.04 14.68
N TYR B 420 -12.85 27.26 15.70
CA TYR B 420 -11.62 26.44 15.55
C TYR B 420 -11.80 25.43 14.41
N ASN B 421 -12.93 24.70 14.44
CA ASN B 421 -13.09 23.65 13.44
C ASN B 421 -13.44 24.18 12.06
N ILE B 422 -14.20 25.27 12.00
CA ILE B 422 -14.47 25.87 10.70
C ILE B 422 -13.14 26.28 10.06
N ARG B 423 -12.28 26.99 10.79
CA ARG B 423 -11.00 27.38 10.23
CA ARG B 423 -11.04 27.36 10.17
C ARG B 423 -10.14 26.17 9.87
N ARG B 424 -10.21 25.12 10.71
CA ARG B 424 -9.39 23.95 10.47
C ARG B 424 -9.83 23.25 9.19
N LEU B 425 -11.15 23.23 8.89
CA LEU B 425 -11.70 22.34 7.83
C LEU B 425 -11.98 23.07 6.50
N ARG B 426 -12.04 24.41 6.54
CA ARG B 426 -12.62 25.19 5.41
C ARG B 426 -11.83 25.15 4.09
N ASN B 427 -10.56 24.75 4.12
CA ASN B 427 -9.78 24.67 2.85
C ASN B 427 -9.98 23.33 2.11
N HIS B 428 -10.74 22.40 2.70
CA HIS B 428 -10.88 21.08 2.05
C HIS B 428 -11.83 21.05 0.91
N ALA B 429 -11.35 20.59 -0.25
CA ALA B 429 -12.18 20.44 -1.44
C ALA B 429 -13.43 19.61 -1.14
N SER B 430 -13.26 18.60 -0.28
CA SER B 430 -14.38 17.70 0.04
C SER B 430 -15.51 18.33 0.83
N LEU B 431 -15.18 19.33 1.64
CA LEU B 431 -16.18 19.89 2.55
C LEU B 431 -17.27 20.56 1.75
N ALA B 432 -18.50 20.04 1.90
CA ALA B 432 -19.64 20.50 1.08
C ALA B 432 -20.68 21.32 1.81
N MET B 433 -20.84 21.07 3.11
CA MET B 433 -21.88 21.82 3.88
C MET B 433 -21.76 21.57 5.37
N TRP B 434 -22.36 22.46 6.15
CA TRP B 434 -22.41 22.33 7.63
C TRP B 434 -23.87 22.11 8.05
N CYS B 435 -24.07 21.33 9.09
CA CYS B 435 -25.42 21.08 9.61
C CYS B 435 -25.39 21.24 11.12
N GLY B 436 -26.29 22.07 11.66
CA GLY B 436 -26.26 22.34 13.08
C GLY B 436 -26.25 21.13 14.05
N ASN B 437 -27.05 20.11 13.74
CA ASN B 437 -27.17 18.99 14.69
C ASN B 437 -27.89 17.86 13.99
N ASN B 438 -27.81 16.71 14.64
CA ASN B 438 -28.65 15.60 14.26
C ASN B 438 -29.92 15.48 15.12
N GLU B 439 -31.06 15.62 14.45
CA GLU B 439 -32.39 15.26 14.99
C GLU B 439 -32.87 16.04 16.23
N ILE B 440 -32.28 17.19 16.55
CA ILE B 440 -32.69 17.83 17.81
C ILE B 440 -34.06 18.50 17.63
N LEU B 441 -34.26 19.18 16.51
CA LEU B 441 -35.63 19.77 16.35
C LEU B 441 -36.68 18.67 16.29
N GLU B 442 -36.37 17.58 15.60
CA GLU B 442 -37.26 16.40 15.59
C GLU B 442 -37.61 15.93 17.00
N ALA B 443 -36.59 15.81 17.86
CA ALA B 443 -36.80 15.42 19.25
C ALA B 443 -37.71 16.41 20.01
N LEU B 444 -37.45 17.70 19.84
CA LEU B 444 -38.24 18.78 20.50
C LEU B 444 -39.68 18.79 20.03
N LYS B 445 -39.92 18.45 18.76
CA LYS B 445 -41.31 18.46 18.20
C LYS B 445 -42.07 17.16 18.37
N TYR B 446 -41.38 16.01 18.26
CA TYR B 446 -42.03 14.70 18.05
C TYR B 446 -41.70 13.55 19.01
N TRP B 447 -40.69 13.69 19.86
CA TRP B 447 -40.23 12.51 20.66
C TRP B 447 -40.90 12.63 22.00
N GLY B 448 -41.84 13.57 22.04
CA GLY B 448 -42.42 14.13 23.26
C GLY B 448 -41.79 15.53 23.50
N PHE B 449 -42.22 16.13 24.60
CA PHE B 449 -41.29 16.70 25.57
C PHE B 449 -41.60 16.92 27.00
N GLU B 450 -42.17 18.09 27.41
CA GLU B 450 -43.38 18.69 26.76
C GLU B 450 -44.52 18.07 27.57
N LYS B 451 -44.38 16.79 27.88
CA LYS B 451 -45.10 16.19 29.00
C LYS B 451 -44.09 15.72 30.07
N LYS B 452 -42.81 15.62 29.68
CA LYS B 452 -41.71 15.27 30.59
C LYS B 452 -41.21 16.48 31.37
N PHE B 453 -41.60 17.68 30.93
CA PHE B 453 -41.04 18.92 31.51
C PHE B 453 -42.13 19.91 31.78
N THR B 454 -41.88 20.82 32.70
CA THR B 454 -42.81 21.92 32.93
C THR B 454 -42.88 22.80 31.70
N PRO B 455 -43.98 23.55 31.55
CA PRO B 455 -44.06 24.51 30.47
C PRO B 455 -42.87 25.47 30.40
N GLU B 456 -42.41 25.94 31.55
CA GLU B 456 -41.33 26.90 31.59
C GLU B 456 -40.03 26.25 31.07
N VAL B 457 -39.77 25.04 31.53
CA VAL B 457 -38.53 24.33 31.12
C VAL B 457 -38.61 24.04 29.63
N TYR B 458 -39.77 23.58 29.15
CA TYR B 458 -39.90 23.26 27.72
C TYR B 458 -39.69 24.53 26.87
N GLN B 459 -40.30 25.65 27.28
CA GLN B 459 -40.11 26.90 26.58
C GLN B 459 -38.64 27.34 26.54
N GLY B 460 -37.97 27.15 27.66
CA GLY B 460 -36.53 27.41 27.74
C GLY B 460 -35.75 26.56 26.73
N LEU B 461 -36.14 25.32 26.57
CA LEU B 461 -35.47 24.41 25.62
C LEU B 461 -35.67 24.92 24.20
N MET B 462 -36.91 25.31 23.87
CA MET B 462 -37.18 25.84 22.53
C MET B 462 -36.38 27.11 22.23
N HIS B 463 -36.35 28.05 23.18
CA HIS B 463 -35.58 29.27 23.07
CA HIS B 463 -35.59 29.27 23.02
C HIS B 463 -34.10 28.97 22.89
N GLY B 464 -33.62 28.01 23.68
CA GLY B 464 -32.21 27.66 23.65
C GLY B 464 -31.84 27.05 22.31
N TYR B 465 -32.75 26.27 21.74
CA TYR B 465 -32.53 25.70 20.40
C TYR B 465 -32.21 26.82 19.41
N ASP B 466 -33.09 27.82 19.35
CA ASP B 466 -32.87 28.94 18.45
C ASP B 466 -31.54 29.66 18.69
N LYS B 467 -31.20 29.89 19.97
CA LYS B 467 -29.99 30.63 20.29
C LYS B 467 -28.77 29.88 19.73
N LEU B 468 -28.79 28.55 19.82
CA LEU B 468 -27.60 27.77 19.40
C LEU B 468 -27.64 27.50 17.87
N PHE B 469 -28.77 26.94 17.39
CA PHE B 469 -28.79 26.39 16.01
C PHE B 469 -29.32 27.35 14.96
N ARG B 470 -30.10 28.35 15.39
CA ARG B 470 -30.63 29.32 14.44
C ARG B 470 -29.91 30.67 14.52
N GLU B 471 -29.01 30.82 15.49
CA GLU B 471 -28.30 32.09 15.67
C GLU B 471 -26.79 31.87 15.72
N LEU B 472 -26.29 31.26 16.79
CA LEU B 472 -24.80 31.17 16.94
C LEU B 472 -24.11 30.40 15.82
N LEU B 473 -24.56 29.16 15.57
CA LEU B 473 -23.88 28.34 14.55
C LEU B 473 -23.99 28.96 13.13
N PRO B 474 -25.20 29.33 12.68
CA PRO B 474 -25.27 29.92 11.32
C PRO B 474 -24.50 31.23 11.20
N SER B 475 -24.45 32.01 12.28
CA SER B 475 -23.72 33.28 12.23
CA SER B 475 -23.72 33.28 12.22
C SER B 475 -22.23 32.97 12.08
N THR B 476 -21.77 31.91 12.77
CA THR B 476 -20.36 31.59 12.72
C THR B 476 -19.95 31.05 11.34
N VAL B 477 -20.83 30.26 10.74
CA VAL B 477 -20.57 29.77 9.40
C VAL B 477 -20.62 30.93 8.41
N LYS B 478 -21.55 31.87 8.60
CA LYS B 478 -21.61 33.05 7.71
C LYS B 478 -20.33 33.86 7.79
N GLU B 479 -19.72 33.95 8.97
CA GLU B 479 -18.52 34.75 9.14
C GLU B 479 -17.28 34.01 8.62
N PHE B 480 -17.20 32.72 8.92
CA PHE B 480 -15.92 31.98 8.70
C PHE B 480 -15.96 30.99 7.53
N ASP B 481 -17.13 30.75 6.95
CA ASP B 481 -17.17 29.88 5.78
C ASP B 481 -18.34 30.33 4.92
N SER B 482 -18.23 31.59 4.47
CA SER B 482 -19.43 32.23 3.91
CA SER B 482 -19.32 32.31 3.86
C SER B 482 -19.87 31.64 2.58
N ASP B 483 -19.04 30.85 1.91
CA ASP B 483 -19.46 30.25 0.65
C ASP B 483 -20.00 28.84 0.83
N ARG B 484 -20.15 28.40 2.09
CA ARG B 484 -20.74 27.07 2.31
C ARG B 484 -22.14 27.14 2.91
N PHE B 485 -22.92 26.17 2.51
CA PHE B 485 -24.28 26.03 3.00
C PHE B 485 -24.34 25.57 4.46
N TYR B 486 -25.29 26.16 5.19
CA TYR B 486 -25.64 25.71 6.57
C TYR B 486 -27.13 25.41 6.67
N VAL B 487 -27.48 24.29 7.32
CA VAL B 487 -28.85 23.99 7.69
C VAL B 487 -28.89 23.70 9.18
N HIS B 488 -29.94 24.14 9.86
CA HIS B 488 -29.88 24.09 11.33
C HIS B 488 -29.98 22.68 11.92
N SER B 489 -30.57 21.73 11.18
CA SER B 489 -30.76 20.37 11.70
C SER B 489 -30.99 19.43 10.53
N SER B 490 -30.65 18.17 10.73
CA SER B 490 -31.02 17.07 9.81
C SER B 490 -31.85 16.07 10.63
N PRO B 491 -33.10 15.76 10.20
CA PRO B 491 -33.81 16.32 9.03
C PRO B 491 -34.37 17.68 9.43
N TYR B 492 -34.36 18.67 8.53
CA TYR B 492 -34.73 20.00 8.99
C TYR B 492 -36.25 20.19 9.17
N LEU B 493 -37.05 19.40 8.46
CA LEU B 493 -38.52 19.48 8.64
CA LEU B 493 -38.51 19.47 8.65
C LEU B 493 -39.22 18.13 8.55
N ALA B 494 -38.86 17.34 7.55
CA ALA B 494 -39.54 16.09 7.28
C ALA B 494 -39.43 15.18 8.51
N ASN B 495 -40.50 14.45 8.77
CA ASN B 495 -40.50 13.51 9.90
C ASN B 495 -41.12 12.20 9.40
N TRP B 496 -40.57 11.07 9.85
CA TRP B 496 -40.99 9.76 9.28
C TRP B 496 -42.42 9.37 9.65
N GLY B 497 -42.96 9.99 10.67
CA GLY B 497 -44.37 9.83 11.00
C GLY B 497 -45.35 10.81 10.35
N ARG B 498 -44.85 11.66 9.45
CA ARG B 498 -45.68 12.73 8.82
C ARG B 498 -45.54 12.64 7.32
N PRO B 499 -46.40 11.80 6.69
CA PRO B 499 -46.18 11.57 5.26
C PRO B 499 -46.22 12.84 4.40
N GLU B 500 -46.98 13.85 4.83
CA GLU B 500 -47.13 15.06 4.03
C GLU B 500 -45.89 15.91 4.07
N SER B 501 -44.96 15.55 4.99
CA SER B 501 -43.72 16.33 5.16
C SER B 501 -42.61 15.85 4.24
N TRP B 502 -42.79 14.70 3.56
CA TRP B 502 -41.64 14.04 2.86
C TRP B 502 -41.15 14.78 1.63
N GLY B 503 -42.01 15.66 1.08
CA GLY B 503 -41.60 16.43 -0.09
C GLY B 503 -40.78 17.65 0.27
N THR B 504 -40.52 17.84 1.56
CA THR B 504 -39.83 19.06 2.06
C THR B 504 -38.44 18.74 2.66
N GLY B 505 -37.40 18.98 1.86
CA GLY B 505 -36.03 18.81 2.37
C GLY B 505 -35.65 17.34 2.57
N ASP B 506 -34.70 17.10 3.48
CA ASP B 506 -34.14 15.77 3.65
C ASP B 506 -34.94 14.97 4.66
N SER B 507 -34.94 13.65 4.48
CA SER B 507 -35.61 12.74 5.42
C SER B 507 -34.65 11.82 6.17
N HIS B 508 -34.94 11.59 7.45
CA HIS B 508 -34.48 10.37 8.16
C HIS B 508 -35.70 9.45 8.20
N ASN B 509 -35.88 8.64 7.17
CA ASN B 509 -37.13 7.84 7.17
C ASN B 509 -36.93 6.54 7.89
N TRP B 510 -37.38 6.53 9.15
CA TRP B 510 -37.12 5.36 10.04
C TRP B 510 -38.37 4.50 10.12
N GLY B 511 -39.22 4.58 9.08
CA GLY B 511 -40.36 3.63 9.02
C GLY B 511 -39.85 2.20 9.00
N VAL B 512 -38.88 1.94 8.13
CA VAL B 512 -38.12 0.67 8.22
C VAL B 512 -37.23 0.70 9.48
N TRP B 513 -37.20 -0.44 10.19
CA TRP B 513 -36.58 -0.59 11.51
C TRP B 513 -37.53 -0.02 12.58
N TYR B 514 -37.43 1.27 12.91
CA TYR B 514 -38.21 1.77 14.07
C TYR B 514 -39.72 1.66 13.92
N GLY B 515 -40.21 1.87 12.71
CA GLY B 515 -41.65 1.78 12.41
C GLY B 515 -42.10 0.39 11.97
N LYS B 516 -41.17 -0.57 11.95
CA LYS B 516 -41.42 -1.97 11.57
C LYS B 516 -41.96 -2.14 10.16
N LYS B 517 -41.84 -1.10 9.33
CA LYS B 517 -42.40 -1.13 7.97
C LYS B 517 -41.66 -2.10 7.08
N PRO B 518 -42.36 -2.74 6.13
CA PRO B 518 -41.59 -3.62 5.24
C PRO B 518 -40.68 -2.85 4.29
N PHE B 519 -39.63 -3.48 3.81
CA PHE B 519 -38.75 -2.80 2.84
C PHE B 519 -39.43 -2.25 1.60
N GLU B 520 -40.54 -2.87 1.18
CA GLU B 520 -41.36 -2.38 0.05
CA GLU B 520 -41.21 -2.35 0.00
C GLU B 520 -41.84 -0.96 0.25
N SER B 521 -41.99 -0.57 1.52
CA SER B 521 -42.42 0.82 1.78
C SER B 521 -41.44 1.86 1.21
N LEU B 522 -40.17 1.48 1.04
CA LEU B 522 -39.17 2.42 0.51
C LEU B 522 -39.50 2.81 -0.95
N ASP B 523 -40.24 1.96 -1.66
CA ASP B 523 -40.71 2.30 -3.02
C ASP B 523 -41.72 3.43 -3.05
N THR B 524 -42.51 3.54 -2.01
CA THR B 524 -43.62 4.50 -2.00
C THR B 524 -43.35 5.73 -1.14
N ASP B 525 -42.64 5.52 -0.05
CA ASP B 525 -42.47 6.55 0.96
C ASP B 525 -41.25 7.42 0.63
N LEU B 526 -41.29 8.17 -0.49
CA LEU B 526 -40.04 8.69 -1.06
C LEU B 526 -39.65 10.04 -0.46
N PRO B 527 -38.33 10.26 -0.31
CA PRO B 527 -37.82 11.54 0.15
C PRO B 527 -37.32 12.42 -1.00
N ARG B 528 -37.07 13.69 -0.71
CA ARG B 528 -36.35 14.57 -1.68
C ARG B 528 -34.86 14.26 -1.60
N PHE B 529 -34.44 13.74 -0.46
CA PHE B 529 -33.03 13.36 -0.22
C PHE B 529 -33.10 12.50 1.05
N MET B 530 -32.57 11.27 1.02
CA MET B 530 -32.63 10.41 2.23
C MET B 530 -31.33 10.60 2.99
N SER B 531 -31.32 11.42 4.05
CA SER B 531 -30.09 11.58 4.82
C SER B 531 -29.88 10.48 5.89
N GLU B 532 -30.94 9.71 6.22
CA GLU B 532 -30.82 8.45 7.00
C GLU B 532 -31.95 7.52 6.65
N PHE B 533 -31.60 6.27 6.49
CA PHE B 533 -32.55 5.14 6.63
C PHE B 533 -31.66 3.92 6.87
N GLY B 534 -32.22 2.87 7.46
CA GLY B 534 -31.30 1.75 7.77
C GLY B 534 -31.96 0.50 8.32
N PHE B 535 -31.15 -0.51 8.48
CA PHE B 535 -31.65 -1.79 9.01
C PHE B 535 -30.49 -2.53 9.62
N GLN B 536 -30.71 -3.18 10.77
CA GLN B 536 -29.64 -3.85 11.51
C GLN B 536 -29.25 -5.24 11.00
N SER B 537 -28.03 -5.65 11.36
CA SER B 537 -27.67 -7.07 11.32
C SER B 537 -26.66 -7.42 12.37
N PHE B 538 -26.76 -8.66 12.86
CA PHE B 538 -25.60 -9.26 13.54
C PHE B 538 -24.42 -9.28 12.53
N PRO B 539 -23.21 -9.02 13.03
CA PRO B 539 -22.02 -9.17 12.21
C PRO B 539 -21.72 -10.66 12.05
N GLU B 540 -20.88 -11.01 11.09
CA GLU B 540 -20.62 -12.41 10.84
C GLU B 540 -19.95 -13.11 12.00
N MET B 541 -19.95 -14.44 11.92
CA MET B 541 -19.55 -15.28 13.08
C MET B 541 -18.14 -15.04 13.62
N LYS B 542 -17.15 -14.70 12.78
CA LYS B 542 -15.80 -14.46 13.29
C LYS B 542 -15.74 -13.19 14.15
N THR B 543 -16.63 -12.23 13.84
CA THR B 543 -16.82 -11.05 14.73
C THR B 543 -17.61 -11.38 15.99
N ILE B 544 -18.67 -12.16 15.86
CA ILE B 544 -19.39 -12.63 17.07
C ILE B 544 -18.46 -13.34 18.06
N ALA B 545 -17.66 -14.25 17.55
CA ALA B 545 -16.72 -15.02 18.38
C ALA B 545 -15.69 -14.13 19.08
N ALA B 546 -15.44 -12.93 18.53
CA ALA B 546 -14.60 -11.94 19.18
C ALA B 546 -15.20 -11.33 20.46
N PHE B 547 -16.53 -11.40 20.62
CA PHE B 547 -17.16 -10.88 21.83
C PHE B 547 -18.03 -11.86 22.61
N ALA B 548 -18.17 -13.09 22.09
CA ALA B 548 -19.09 -14.03 22.74
C ALA B 548 -18.53 -15.45 22.66
N ALA B 549 -18.94 -16.27 23.61
CA ALA B 549 -18.60 -17.69 23.62
C ALA B 549 -19.75 -18.50 22.97
N PRO B 550 -19.49 -19.72 22.47
CA PRO B 550 -20.59 -20.50 21.90
C PRO B 550 -21.86 -20.69 22.76
N GLU B 551 -21.72 -20.81 24.06
CA GLU B 551 -22.86 -20.83 24.99
C GLU B 551 -23.79 -19.60 24.92
N ASP B 552 -23.26 -18.50 24.37
CA ASP B 552 -23.99 -17.26 24.25
C ASP B 552 -24.73 -17.14 22.93
N TYR B 553 -24.63 -18.15 22.07
CA TYR B 553 -25.18 -18.08 20.72
C TYR B 553 -26.71 -18.30 20.64
N GLN B 554 -27.46 -17.36 21.20
CA GLN B 554 -28.90 -17.24 20.95
C GLN B 554 -29.14 -15.77 20.69
N ILE B 555 -30.12 -15.44 19.85
CA ILE B 555 -30.31 -14.05 19.41
C ILE B 555 -30.69 -13.09 20.54
N GLU B 556 -31.28 -13.62 21.64
CA GLU B 556 -31.53 -12.78 22.83
C GLU B 556 -30.85 -13.28 24.10
N SER B 557 -29.66 -13.86 23.95
CA SER B 557 -28.84 -14.18 25.09
C SER B 557 -28.42 -12.87 25.82
N GLU B 558 -28.01 -13.01 27.08
CA GLU B 558 -27.54 -11.86 27.84
C GLU B 558 -26.43 -11.13 27.07
N VAL B 559 -25.46 -11.87 26.52
CA VAL B 559 -24.33 -11.26 25.77
C VAL B 559 -24.79 -10.62 24.46
N MET B 560 -25.68 -11.28 23.73
CA MET B 560 -26.18 -10.67 22.47
C MET B 560 -26.95 -9.40 22.76
N ASN B 561 -27.75 -9.41 23.83
CA ASN B 561 -28.50 -8.20 24.19
C ASN B 561 -27.54 -7.09 24.67
N ALA B 562 -26.46 -7.51 25.35
CA ALA B 562 -25.46 -6.54 25.83
C ALA B 562 -24.75 -5.88 24.65
N HIS B 563 -24.80 -6.54 23.49
CA HIS B 563 -24.23 -5.99 22.24
C HIS B 563 -25.28 -5.50 21.24
N GLN B 564 -26.41 -5.05 21.78
CA GLN B 564 -27.51 -4.44 21.04
C GLN B 564 -27.83 -3.19 21.83
N LYS B 565 -27.88 -2.03 21.19
CA LYS B 565 -28.11 -0.79 21.95
C LYS B 565 -29.34 0.02 21.48
N SER B 566 -30.05 -0.49 20.48
CA SER B 566 -31.21 0.24 19.96
C SER B 566 -32.42 0.04 20.90
N SER B 567 -33.34 0.98 20.81
CA SER B 567 -34.61 0.92 21.57
C SER B 567 -35.48 -0.26 21.13
N ILE B 568 -35.23 -0.80 19.93
CA ILE B 568 -35.83 -2.08 19.56
CA ILE B 568 -35.83 -2.10 19.53
C ILE B 568 -34.69 -3.01 19.14
N GLY B 569 -34.74 -4.25 19.64
CA GLY B 569 -33.58 -5.12 19.58
C GLY B 569 -33.57 -6.27 18.59
N ASN B 570 -32.84 -7.31 19.02
CA ASN B 570 -32.48 -8.43 18.13
C ASN B 570 -33.69 -9.16 17.61
N SER B 571 -34.75 -9.24 18.40
CA SER B 571 -35.90 -10.00 17.94
C SER B 571 -36.59 -9.40 16.72
N LEU B 572 -36.42 -8.08 16.50
CA LEU B 572 -37.01 -7.43 15.34
C LEU B 572 -36.39 -7.98 14.02
N ILE B 573 -35.10 -8.30 14.08
CA ILE B 573 -34.46 -8.93 12.93
C ILE B 573 -35.21 -10.21 12.54
N ARG B 574 -35.49 -11.05 13.54
CA ARG B 574 -36.26 -12.26 13.27
C ARG B 574 -37.63 -11.97 12.63
N THR B 575 -38.33 -10.95 13.13
CA THR B 575 -39.63 -10.55 12.60
C THR B 575 -39.54 -10.19 11.11
N TYR B 576 -38.55 -9.37 10.74
CA TYR B 576 -38.35 -9.04 9.35
C TYR B 576 -37.94 -10.27 8.56
N MET B 577 -37.08 -11.11 9.17
CA MET B 577 -36.53 -12.24 8.44
C MET B 577 -37.72 -13.13 7.94
N GLU B 578 -38.68 -13.34 8.82
CA GLU B 578 -39.83 -14.23 8.54
C GLU B 578 -40.62 -13.76 7.33
N ARG B 579 -40.58 -12.46 7.03
CA ARG B 579 -41.34 -11.91 5.92
C ARG B 579 -40.80 -12.40 4.58
N ASP B 580 -39.50 -12.68 4.53
CA ASP B 580 -38.84 -12.88 3.25
C ASP B 580 -38.05 -14.17 3.14
N TYR B 581 -37.77 -14.80 4.27
CA TYR B 581 -36.89 -15.99 4.35
C TYR B 581 -37.50 -17.02 5.29
N ILE B 582 -37.12 -18.26 5.09
CA ILE B 582 -37.44 -19.28 6.11
C ILE B 582 -36.44 -19.06 7.25
N ILE B 583 -36.92 -18.93 8.49
CA ILE B 583 -35.99 -18.71 9.65
C ILE B 583 -35.21 -19.97 9.95
N PRO B 584 -33.88 -19.89 9.88
CA PRO B 584 -33.09 -21.08 10.22
C PRO B 584 -33.10 -21.46 11.71
N GLU B 585 -32.82 -22.73 11.98
CA GLU B 585 -32.74 -23.23 13.35
C GLU B 585 -31.50 -22.77 14.09
N SER B 586 -30.35 -22.84 13.43
CA SER B 586 -29.07 -22.60 14.09
C SER B 586 -28.77 -21.09 14.13
N PHE B 587 -28.09 -20.71 15.21
CA PHE B 587 -27.61 -19.32 15.32
C PHE B 587 -26.73 -18.93 14.13
N GLU B 588 -25.74 -19.78 13.77
CA GLU B 588 -24.90 -19.49 12.61
C GLU B 588 -25.66 -19.24 11.32
N ASP B 589 -26.68 -20.07 11.02
CA ASP B 589 -27.44 -19.88 9.81
C ASP B 589 -28.31 -18.63 9.90
N PHE B 590 -28.82 -18.34 11.09
CA PHE B 590 -29.60 -17.13 11.32
C PHE B 590 -28.75 -15.89 11.02
N VAL B 591 -27.49 -15.91 11.48
CA VAL B 591 -26.59 -14.74 11.26
C VAL B 591 -26.31 -14.58 9.78
N TYR B 592 -26.08 -15.70 9.09
CA TYR B 592 -25.86 -15.62 7.65
C TYR B 592 -27.08 -15.03 6.94
N VAL B 593 -28.26 -15.61 7.20
CA VAL B 593 -29.48 -15.09 6.56
C VAL B 593 -29.76 -13.60 6.95
N GLY B 594 -29.42 -13.27 8.18
CA GLY B 594 -29.55 -11.87 8.66
C GLY B 594 -28.67 -10.91 7.85
N LEU B 595 -27.51 -11.39 7.46
CA LEU B 595 -26.63 -10.51 6.67
C LEU B 595 -27.26 -10.33 5.27
N VAL B 596 -27.72 -11.45 4.69
CA VAL B 596 -28.36 -11.40 3.40
C VAL B 596 -29.58 -10.45 3.40
N LEU B 597 -30.38 -10.60 4.47
CA LEU B 597 -31.61 -9.85 4.69
C LEU B 597 -31.33 -8.35 4.71
N GLN B 598 -30.37 -7.96 5.52
CA GLN B 598 -30.04 -6.52 5.64
C GLN B 598 -29.60 -5.99 4.26
N GLY B 599 -28.74 -6.75 3.57
CA GLY B 599 -28.29 -6.35 2.23
C GLY B 599 -29.40 -6.20 1.22
N GLN B 600 -30.30 -7.17 1.17
CA GLN B 600 -31.34 -7.17 0.16
C GLN B 600 -32.38 -6.10 0.42
N GLY B 601 -32.76 -5.96 1.68
CA GLY B 601 -33.79 -4.96 2.10
C GLY B 601 -33.28 -3.52 1.83
N MET B 602 -32.04 -3.29 2.26
CA MET B 602 -31.47 -1.95 2.09
C MET B 602 -31.19 -1.62 0.63
N ARG B 603 -30.69 -2.58 -0.15
CA ARG B 603 -30.49 -2.35 -1.60
CA ARG B 603 -30.48 -2.26 -1.55
C ARG B 603 -31.79 -1.94 -2.25
N HIS B 604 -32.87 -2.58 -1.83
CA HIS B 604 -34.18 -2.24 -2.39
C HIS B 604 -34.46 -0.72 -2.20
N GLY B 605 -34.09 -0.19 -1.03
CA GLY B 605 -34.29 1.24 -0.75
C GLY B 605 -33.33 2.10 -1.59
N LEU B 606 -32.05 1.72 -1.63
CA LEU B 606 -31.09 2.50 -2.41
C LEU B 606 -31.50 2.61 -3.89
N GLU B 607 -32.00 1.50 -4.44
CA GLU B 607 -32.51 1.47 -5.80
C GLU B 607 -33.72 2.34 -5.97
N ALA B 608 -34.64 2.30 -5.01
CA ALA B 608 -35.85 3.15 -5.06
C ALA B 608 -35.42 4.63 -5.15
N HIS B 609 -34.38 4.96 -4.36
CA HIS B 609 -33.95 6.34 -4.34
C HIS B 609 -33.36 6.82 -5.66
N ARG B 610 -32.40 6.06 -6.21
CA ARG B 610 -31.88 6.37 -7.55
C ARG B 610 -32.94 6.32 -8.65
N ARG B 611 -33.84 5.34 -8.55
CA ARG B 611 -34.86 5.20 -9.58
C ARG B 611 -35.78 6.40 -9.63
N ASN B 612 -36.01 7.03 -8.47
CA ASN B 612 -36.91 8.16 -8.38
C ASN B 612 -36.26 9.55 -8.49
N ARG B 613 -35.07 9.58 -9.08
CA ARG B 613 -34.47 10.84 -9.47
C ARG B 613 -35.29 11.39 -10.66
N PRO B 614 -35.50 12.72 -10.71
CA PRO B 614 -34.98 13.77 -9.83
C PRO B 614 -35.82 14.12 -8.61
N TYR B 615 -36.96 13.48 -8.39
CA TYR B 615 -37.76 13.79 -7.17
C TYR B 615 -36.86 13.60 -5.92
N CYS B 616 -36.17 12.47 -5.91
CA CYS B 616 -35.13 12.20 -4.93
C CYS B 616 -33.76 12.47 -5.57
N MET B 617 -32.92 13.14 -4.80
CA MET B 617 -31.60 13.50 -5.27
C MET B 617 -30.48 13.00 -4.39
N GLY B 618 -30.76 12.05 -3.49
CA GLY B 618 -29.60 11.45 -2.79
C GLY B 618 -30.04 10.45 -1.77
N THR B 619 -29.11 9.61 -1.39
CA THR B 619 -29.35 8.63 -0.35
C THR B 619 -28.07 8.36 0.44
N LEU B 620 -28.16 8.56 1.76
CA LEU B 620 -27.03 8.27 2.66
C LEU B 620 -27.59 7.27 3.69
N TYR B 621 -27.19 6.00 3.57
CA TYR B 621 -27.77 5.05 4.52
C TYR B 621 -27.13 5.18 5.92
N TRP B 622 -27.91 4.76 6.93
CA TRP B 622 -27.43 4.70 8.32
C TRP B 622 -27.15 3.19 8.52
N GLN B 623 -25.90 2.73 8.74
CA GLN B 623 -24.65 3.54 8.91
C GLN B 623 -23.51 2.80 8.22
N LEU B 624 -22.42 3.52 7.96
CA LEU B 624 -21.31 2.89 7.25
C LEU B 624 -20.63 1.86 8.16
N ASN B 625 -20.32 2.26 9.39
CA ASN B 625 -19.29 1.58 10.18
C ASN B 625 -19.63 1.43 11.63
N ASP B 626 -18.77 0.72 12.34
CA ASP B 626 -18.95 0.44 13.77
C ASP B 626 -17.74 0.86 14.60
N SER B 627 -18.01 1.17 15.87
CA SER B 627 -16.99 1.62 16.81
C SER B 627 -16.48 0.49 17.72
N TRP B 628 -17.19 -0.65 17.65
CA TRP B 628 -16.87 -1.82 18.48
C TRP B 628 -17.67 -3.00 17.94
N PRO B 629 -17.41 -4.22 18.44
CA PRO B 629 -18.20 -5.39 17.93
C PRO B 629 -19.63 -5.30 18.49
N VAL B 630 -20.62 -5.23 17.62
CA VAL B 630 -21.98 -4.91 18.07
C VAL B 630 -22.95 -5.34 16.97
N VAL B 631 -24.23 -5.48 17.32
CA VAL B 631 -25.32 -5.68 16.38
C VAL B 631 -25.80 -4.26 16.02
N SER B 632 -25.66 -3.88 14.76
CA SER B 632 -25.97 -2.50 14.39
CA SER B 632 -25.94 -2.51 14.39
C SER B 632 -26.40 -2.38 12.95
N TRP B 633 -26.63 -1.13 12.51
CA TRP B 633 -27.03 -0.84 11.15
C TRP B 633 -25.84 -0.76 10.15
N SER B 634 -24.63 -1.06 10.62
CA SER B 634 -23.43 -0.87 9.79
C SER B 634 -23.39 -1.76 8.56
N SER B 635 -22.66 -1.31 7.53
CA SER B 635 -22.38 -2.16 6.36
C SER B 635 -21.00 -2.81 6.44
N ILE B 636 -20.18 -2.28 7.32
CA ILE B 636 -18.84 -2.85 7.55
C ILE B 636 -18.70 -2.99 9.06
N ASP B 637 -18.39 -4.21 9.52
CA ASP B 637 -18.30 -4.43 10.96
C ASP B 637 -17.00 -3.86 11.55
N TYR B 638 -16.83 -3.96 12.86
CA TYR B 638 -15.73 -3.26 13.55
C TYR B 638 -14.36 -3.81 13.07
N TYR B 639 -14.33 -5.07 12.65
CA TYR B 639 -13.09 -5.72 12.16
C TYR B 639 -12.77 -5.49 10.70
N GLY B 640 -13.61 -4.68 10.06
CA GLY B 640 -13.44 -4.29 8.68
C GLY B 640 -14.03 -5.26 7.67
N ASN B 641 -14.79 -6.26 8.15
CA ASN B 641 -15.45 -7.19 7.23
C ASN B 641 -16.65 -6.54 6.56
N TRP B 642 -16.68 -6.61 5.25
CA TRP B 642 -17.84 -6.11 4.53
C TRP B 642 -19.00 -7.03 4.84
N LYS B 643 -20.10 -6.45 5.30
CA LYS B 643 -21.37 -7.23 5.37
C LYS B 643 -21.94 -7.34 3.96
N ALA B 644 -22.99 -8.17 3.79
CA ALA B 644 -23.67 -8.20 2.51
C ALA B 644 -24.06 -6.79 2.03
N LEU B 645 -24.52 -5.99 3.00
CA LEU B 645 -24.92 -4.63 2.69
C LEU B 645 -23.84 -3.83 1.96
N HIS B 646 -22.57 -4.03 2.28
CA HIS B 646 -21.58 -3.16 1.61
C HIS B 646 -21.41 -3.55 0.11
N TYR B 647 -21.46 -4.86 -0.17
CA TYR B 647 -21.44 -5.34 -1.60
C TYR B 647 -22.68 -4.86 -2.29
N GLN B 648 -23.81 -4.91 -1.57
CA GLN B 648 -25.08 -4.47 -2.16
C GLN B 648 -25.11 -2.98 -2.45
N ALA B 649 -24.52 -2.17 -1.56
CA ALA B 649 -24.43 -0.72 -1.80
C ALA B 649 -23.53 -0.47 -3.02
N LYS B 650 -22.42 -1.18 -3.08
CA LYS B 650 -21.49 -1.06 -4.22
C LYS B 650 -22.30 -1.30 -5.53
N ARG B 651 -23.08 -2.38 -5.55
CA ARG B 651 -23.86 -2.70 -6.75
C ARG B 651 -24.95 -1.66 -6.99
N ALA B 652 -25.61 -1.23 -5.92
CA ALA B 652 -26.73 -0.29 -6.10
C ALA B 652 -26.29 1.09 -6.50
N PHE B 653 -25.02 1.39 -6.23
CA PHE B 653 -24.43 2.68 -6.56
C PHE B 653 -23.63 2.68 -7.84
N ALA B 654 -23.64 1.57 -8.57
CA ALA B 654 -22.85 1.46 -9.79
C ALA B 654 -23.23 2.62 -10.73
N PRO B 655 -22.25 3.26 -11.40
CA PRO B 655 -22.60 4.36 -12.32
C PRO B 655 -23.79 4.06 -13.25
N VAL B 656 -23.78 2.90 -13.90
CA VAL B 656 -24.93 2.49 -14.71
C VAL B 656 -25.55 1.25 -14.05
N LEU B 657 -26.85 1.34 -13.80
CA LEU B 657 -27.63 0.30 -13.13
C LEU B 657 -28.89 -0.04 -13.92
N ILE B 658 -29.07 -1.33 -14.17
CA ILE B 658 -30.36 -1.84 -14.66
C ILE B 658 -31.17 -2.15 -13.41
N ASN B 659 -32.34 -1.54 -13.29
CA ASN B 659 -33.15 -1.76 -12.10
C ASN B 659 -34.53 -2.29 -12.47
N PRO B 660 -34.68 -3.64 -12.45
CA PRO B 660 -36.03 -4.20 -12.54
C PRO B 660 -36.76 -4.00 -11.22
N ILE B 661 -37.98 -3.49 -11.31
CA ILE B 661 -38.82 -3.30 -10.14
C ILE B 661 -40.20 -3.94 -10.40
N GLN B 662 -40.59 -4.83 -9.51
CA GLN B 662 -41.84 -5.55 -9.68
C GLN B 662 -42.83 -5.10 -8.61
N GLN B 663 -44.00 -4.62 -9.04
CA GLN B 663 -45.09 -4.23 -8.12
C GLN B 663 -46.43 -4.58 -8.76
N ASN B 664 -47.41 -4.99 -7.95
CA ASN B 664 -48.76 -5.31 -8.45
C ASN B 664 -48.74 -6.31 -9.62
N ASP B 665 -47.89 -7.33 -9.47
CA ASP B 665 -47.65 -8.36 -10.49
C ASP B 665 -47.28 -7.86 -11.88
N SER B 666 -46.55 -6.74 -11.90
CA SER B 666 -46.10 -6.18 -13.14
C SER B 666 -44.64 -5.78 -12.98
N LEU B 667 -43.85 -5.97 -14.03
CA LEU B 667 -42.41 -5.68 -14.00
C LEU B 667 -42.11 -4.42 -14.83
N SER B 668 -41.35 -3.49 -14.25
CA SER B 668 -40.83 -2.36 -15.02
C SER B 668 -39.32 -2.46 -14.92
N VAL B 669 -38.65 -2.05 -15.99
CA VAL B 669 -37.19 -2.00 -15.98
C VAL B 669 -36.74 -0.57 -16.25
N TYR B 670 -36.01 -0.03 -15.27
CA TYR B 670 -35.36 1.27 -15.40
C TYR B 670 -33.89 1.16 -15.71
N LEU B 671 -33.41 2.06 -16.57
CA LEU B 671 -31.99 2.21 -16.76
C LEU B 671 -31.56 3.53 -16.06
N ILE B 672 -30.55 3.40 -15.20
CA ILE B 672 -30.18 4.53 -14.32
C ILE B 672 -28.70 4.78 -14.55
N SER B 673 -28.36 6.02 -14.92
CA SER B 673 -26.99 6.39 -15.18
C SER B 673 -26.62 7.66 -14.38
N ASP B 674 -25.50 7.60 -13.67
CA ASP B 674 -24.84 8.80 -13.14
C ASP B 674 -23.62 9.17 -13.94
N ARG B 675 -23.47 8.65 -15.16
CA ARG B 675 -22.37 9.10 -16.05
C ARG B 675 -22.60 10.53 -16.50
N LEU B 676 -21.51 11.20 -16.84
CA LEU B 676 -21.60 12.53 -17.38
C LEU B 676 -21.87 12.54 -18.90
N ASP B 677 -21.68 11.40 -19.55
CA ASP B 677 -21.95 11.23 -20.98
C ASP B 677 -23.23 10.44 -21.23
N THR B 678 -23.93 10.77 -22.30
CA THR B 678 -25.10 10.01 -22.70
C THR B 678 -24.64 8.75 -23.44
N MET B 679 -25.35 7.64 -23.24
CA MET B 679 -25.08 6.42 -24.01
C MET B 679 -26.18 6.25 -25.06
N GLU B 680 -25.78 5.96 -26.29
CA GLU B 680 -26.77 5.89 -27.38
C GLU B 680 -26.76 4.51 -28.05
N GLN B 681 -27.87 4.20 -28.72
CA GLN B 681 -28.00 2.96 -29.49
CA GLN B 681 -27.99 2.96 -29.49
C GLN B 681 -27.66 1.74 -28.64
N MET B 682 -28.29 1.69 -27.45
CA MET B 682 -28.05 0.55 -26.55
C MET B 682 -29.18 -0.47 -26.71
N THR B 683 -28.90 -1.69 -26.30
CA THR B 683 -29.88 -2.75 -26.30
C THR B 683 -29.99 -3.36 -24.90
N LEU B 684 -31.21 -3.47 -24.42
CA LEU B 684 -31.53 -4.25 -23.24
C LEU B 684 -31.97 -5.64 -23.70
N GLU B 685 -31.28 -6.66 -23.23
CA GLU B 685 -31.69 -8.03 -23.49
C GLU B 685 -32.05 -8.72 -22.18
N MET B 686 -33.17 -9.43 -22.20
CA MET B 686 -33.64 -10.11 -20.99
C MET B 686 -33.98 -11.54 -21.34
N LYS B 687 -33.76 -12.46 -20.41
CA LYS B 687 -34.25 -13.81 -20.61
C LYS B 687 -34.62 -14.44 -19.28
N VAL B 688 -35.70 -15.23 -19.28
CA VAL B 688 -36.13 -16.03 -18.11
C VAL B 688 -35.36 -17.34 -18.13
N VAL B 689 -34.74 -17.65 -16.99
CA VAL B 689 -33.85 -18.82 -16.90
C VAL B 689 -34.31 -19.60 -15.65
N ASP B 690 -34.58 -20.90 -15.80
CA ASP B 690 -34.93 -21.69 -14.64
C ASP B 690 -33.69 -22.02 -13.81
N PHE B 691 -33.91 -22.67 -12.67
CA PHE B 691 -32.83 -22.86 -11.71
C PHE B 691 -31.79 -23.89 -12.16
N ASP B 692 -32.05 -24.57 -13.30
CA ASP B 692 -31.07 -25.43 -13.94
C ASP B 692 -30.30 -24.78 -15.07
N GLY B 693 -30.71 -23.56 -15.43
CA GLY B 693 -29.99 -22.81 -16.44
C GLY B 693 -30.62 -22.91 -17.81
N LYS B 694 -31.85 -23.42 -17.85
CA LYS B 694 -32.56 -23.58 -19.12
C LYS B 694 -33.41 -22.33 -19.37
N THR B 695 -33.26 -21.73 -20.55
CA THR B 695 -34.06 -20.58 -20.93
C THR B 695 -35.53 -21.01 -21.07
N LEU B 696 -36.41 -20.23 -20.45
CA LEU B 696 -37.86 -20.42 -20.59
C LEU B 696 -38.43 -19.40 -21.56
N GLY B 697 -38.96 -19.88 -22.69
CA GLY B 697 -39.51 -18.96 -23.68
C GLY B 697 -38.44 -18.27 -24.49
N LYS B 698 -38.81 -17.14 -25.09
CA LYS B 698 -37.92 -16.42 -26.00
C LYS B 698 -37.13 -15.32 -25.26
N LYS B 699 -35.95 -15.00 -25.77
CA LYS B 699 -35.22 -13.80 -25.34
C LYS B 699 -36.02 -12.56 -25.74
N ILE B 700 -35.98 -11.52 -24.91
CA ILE B 700 -36.70 -10.30 -25.19
C ILE B 700 -35.62 -9.27 -25.46
N GLN B 701 -35.75 -8.52 -26.54
CA GLN B 701 -34.80 -7.45 -26.86
C GLN B 701 -35.48 -6.12 -27.03
N VAL B 702 -34.91 -5.09 -26.41
CA VAL B 702 -35.36 -3.73 -26.58
C VAL B 702 -34.15 -3.01 -27.16
N HIS B 703 -34.25 -2.57 -28.42
CA HIS B 703 -33.13 -1.97 -29.14
C HIS B 703 -33.29 -0.45 -29.20
N SER B 704 -32.24 0.24 -29.67
CA SER B 704 -32.30 1.69 -29.98
C SER B 704 -32.54 2.55 -28.74
N LEU B 705 -32.02 2.09 -27.61
CA LEU B 705 -32.20 2.80 -26.35
C LEU B 705 -31.11 3.86 -26.14
N GLU B 706 -31.54 5.01 -25.61
CA GLU B 706 -30.62 6.07 -25.17
C GLU B 706 -30.67 6.04 -23.64
N VAL B 707 -29.51 6.25 -23.01
CA VAL B 707 -29.40 6.37 -21.55
C VAL B 707 -28.74 7.74 -21.32
N PRO B 708 -29.57 8.78 -21.22
CA PRO B 708 -29.05 10.15 -21.03
C PRO B 708 -28.23 10.25 -19.71
N ALA B 709 -27.21 11.07 -19.75
CA ALA B 709 -26.40 11.38 -18.58
C ALA B 709 -27.30 11.73 -17.40
N ASN B 710 -26.98 11.17 -16.25
CA ASN B 710 -27.64 11.61 -15.02
C ASN B 710 -29.16 11.51 -15.05
N THR B 711 -29.64 10.34 -15.51
CA THR B 711 -31.09 10.11 -15.59
C THR B 711 -31.45 8.71 -15.13
N SER B 712 -32.73 8.57 -14.78
CA SER B 712 -33.38 7.28 -14.50
CA SER B 712 -33.34 7.27 -14.54
C SER B 712 -34.61 7.23 -15.38
N LYS B 713 -34.69 6.25 -16.28
CA LYS B 713 -35.85 6.17 -17.17
C LYS B 713 -36.35 4.75 -17.32
N CYS B 714 -37.66 4.60 -17.40
CA CYS B 714 -38.27 3.29 -17.62
C CYS B 714 -38.17 2.94 -19.10
N VAL B 715 -37.68 1.76 -19.43
CA VAL B 715 -37.50 1.36 -20.85
C VAL B 715 -38.34 0.13 -21.23
N TYR B 716 -38.97 -0.49 -20.24
CA TYR B 716 -39.72 -1.74 -20.46
C TYR B 716 -40.71 -1.95 -19.34
N ARG B 717 -41.93 -2.41 -19.70
CA ARG B 717 -42.96 -2.76 -18.73
CA ARG B 717 -42.97 -2.76 -18.74
C ARG B 717 -43.76 -3.93 -19.30
N ALA B 718 -44.07 -4.89 -18.42
CA ALA B 718 -44.78 -6.11 -18.81
C ALA B 718 -45.46 -6.72 -17.59
N LYS B 719 -46.74 -7.03 -17.70
CA LYS B 719 -47.40 -7.74 -16.61
C LYS B 719 -46.97 -9.21 -16.60
N LEU B 720 -46.95 -9.81 -15.42
CA LEU B 720 -46.52 -11.21 -15.28
C LEU B 720 -47.56 -12.20 -15.84
N ASP B 721 -48.83 -11.84 -15.69
CA ASP B 721 -49.94 -12.70 -16.12
C ASP B 721 -49.97 -12.76 -17.65
N GLY B 722 -49.97 -13.98 -18.18
CA GLY B 722 -49.83 -14.22 -19.61
C GLY B 722 -48.37 -14.32 -20.05
N TRP B 723 -47.42 -14.03 -19.15
CA TRP B 723 -46.03 -14.14 -19.50
C TRP B 723 -45.40 -15.30 -18.73
N LEU B 724 -45.46 -15.24 -17.41
CA LEU B 724 -44.96 -16.30 -16.55
C LEU B 724 -46.07 -16.88 -15.68
N THR B 725 -46.07 -18.20 -15.51
CA THR B 725 -47.03 -18.85 -14.60
C THR B 725 -46.58 -18.64 -13.15
N PRO B 726 -47.51 -18.70 -12.17
CA PRO B 726 -47.08 -18.57 -10.77
C PRO B 726 -46.07 -19.64 -10.39
N GLU B 727 -46.15 -20.80 -11.05
CA GLU B 727 -45.20 -21.87 -10.83
C GLU B 727 -43.82 -21.48 -11.39
N ASP B 728 -43.79 -20.86 -12.57
CA ASP B 728 -42.56 -20.34 -13.17
C ASP B 728 -41.90 -19.28 -12.24
N CYS B 729 -42.74 -18.43 -11.64
CA CYS B 729 -42.26 -17.38 -10.75
C CYS B 729 -41.52 -17.91 -9.55
N ARG B 730 -41.81 -19.15 -9.13
CA ARG B 730 -41.08 -19.75 -7.98
C ARG B 730 -39.81 -20.51 -8.37
N ARG B 731 -39.57 -20.63 -9.67
CA ARG B 731 -38.59 -21.60 -10.17
C ARG B 731 -37.67 -21.05 -11.26
N SER B 732 -37.69 -19.73 -11.44
CA SER B 732 -36.86 -19.11 -12.46
C SER B 732 -36.47 -17.71 -12.03
N PHE B 733 -35.54 -17.12 -12.76
CA PHE B 733 -35.18 -15.72 -12.53
C PHE B 733 -35.03 -15.02 -13.87
N LEU B 734 -35.00 -13.69 -13.84
CA LEU B 734 -34.82 -12.90 -15.05
C LEU B 734 -33.37 -12.45 -15.07
N LYS B 735 -32.72 -12.71 -16.18
CA LYS B 735 -31.38 -12.22 -16.40
C LYS B 735 -31.50 -11.02 -17.36
N LEU B 736 -30.84 -9.90 -17.03
CA LEU B 736 -30.93 -8.67 -17.81
C LEU B 736 -29.53 -8.19 -18.12
N ILE B 737 -29.26 -7.83 -19.38
CA ILE B 737 -27.94 -7.30 -19.72
CA ILE B 737 -27.94 -7.36 -19.79
C ILE B 737 -28.17 -6.08 -20.59
N LEU B 738 -27.27 -5.11 -20.46
CA LEU B 738 -27.35 -3.90 -21.28
C LEU B 738 -26.08 -3.80 -22.10
N LYS B 739 -26.23 -3.65 -23.42
CA LYS B 739 -25.10 -3.65 -24.35
C LYS B 739 -25.08 -2.40 -25.23
N ASP B 740 -23.87 -1.94 -25.58
CA ASP B 740 -23.72 -0.91 -26.63
C ASP B 740 -23.85 -1.54 -28.03
N LYS B 741 -23.80 -0.71 -29.10
CA LYS B 741 -23.84 -1.17 -30.52
C LYS B 741 -22.94 -2.36 -30.84
N SER B 742 -21.71 -2.31 -30.33
CA SER B 742 -20.70 -3.30 -30.70
C SER B 742 -20.96 -4.61 -29.98
N GLY B 743 -21.93 -4.59 -29.05
CA GLY B 743 -22.32 -5.76 -28.30
C GLY B 743 -21.58 -5.91 -26.99
N HIS B 744 -20.88 -4.86 -26.57
CA HIS B 744 -20.12 -4.86 -25.34
C HIS B 744 -21.09 -4.65 -24.15
N GLN B 745 -21.01 -5.53 -23.15
CA GLN B 745 -21.89 -5.43 -21.98
C GLN B 745 -21.45 -4.29 -21.06
N VAL B 746 -22.37 -3.38 -20.76
CA VAL B 746 -22.11 -2.25 -19.89
C VAL B 746 -22.70 -2.51 -18.49
N ALA B 747 -23.74 -3.35 -18.39
CA ALA B 747 -24.34 -3.66 -17.07
C ALA B 747 -25.11 -4.95 -17.13
N GLU B 748 -25.38 -5.52 -15.96
CA GLU B 748 -26.19 -6.70 -15.85
C GLU B 748 -26.93 -6.70 -14.54
N SER B 749 -28.04 -7.44 -14.52
CA SER B 749 -28.88 -7.58 -13.33
CA SER B 749 -28.81 -7.62 -13.30
C SER B 749 -29.55 -8.95 -13.32
N VAL B 750 -29.97 -9.38 -12.13
CA VAL B 750 -30.78 -10.59 -11.95
C VAL B 750 -32.00 -10.18 -11.14
N HIS B 751 -33.17 -10.68 -11.49
CA HIS B 751 -34.38 -10.34 -10.77
C HIS B 751 -35.13 -11.63 -10.43
N PHE B 752 -35.59 -11.71 -9.19
CA PHE B 752 -36.46 -12.82 -8.73
C PHE B 752 -37.87 -12.29 -8.65
N PHE B 753 -38.79 -13.18 -9.04
CA PHE B 753 -40.21 -12.81 -9.14
C PHE B 753 -41.02 -13.05 -7.85
N ARG B 754 -40.41 -13.73 -6.87
CA ARG B 754 -41.00 -14.07 -5.59
C ARG B 754 -39.99 -13.84 -4.50
N LYS B 755 -40.51 -13.72 -3.28
CA LYS B 755 -39.71 -13.66 -2.05
CA LYS B 755 -39.65 -13.64 -2.10
C LYS B 755 -38.82 -14.90 -1.93
N THR B 756 -37.65 -14.77 -1.33
CA THR B 756 -36.74 -15.92 -1.24
C THR B 756 -37.38 -17.17 -0.55
N LYS B 757 -38.18 -16.94 0.49
CA LYS B 757 -38.89 -18.04 1.17
C LYS B 757 -39.88 -18.80 0.27
N ASP B 758 -40.26 -18.19 -0.85
CA ASP B 758 -41.22 -18.79 -1.80
C ASP B 758 -40.56 -19.39 -3.05
N LEU B 759 -39.22 -19.23 -3.18
CA LEU B 759 -38.51 -19.88 -4.26
C LEU B 759 -38.31 -21.39 -3.95
N GLN B 760 -38.45 -22.21 -5.00
CA GLN B 760 -38.22 -23.62 -4.87
C GLN B 760 -36.76 -23.88 -5.22
N LEU B 761 -35.90 -23.66 -4.24
CA LEU B 761 -34.46 -23.71 -4.47
C LEU B 761 -33.98 -25.14 -4.54
N PRO B 762 -33.16 -25.44 -5.56
CA PRO B 762 -32.67 -26.82 -5.72
C PRO B 762 -31.56 -27.22 -4.73
N PRO B 763 -31.41 -28.52 -4.44
CA PRO B 763 -30.37 -29.01 -3.54
C PRO B 763 -29.03 -29.08 -4.32
N THR B 764 -28.53 -27.90 -4.69
CA THR B 764 -27.39 -27.86 -5.62
CA THR B 764 -27.37 -27.73 -5.56
C THR B 764 -26.09 -28.22 -4.90
N SER B 765 -25.15 -28.70 -5.73
CA SER B 765 -23.78 -28.90 -5.29
CA SER B 765 -23.77 -28.92 -5.32
C SER B 765 -22.91 -27.76 -5.82
N VAL B 766 -22.17 -27.16 -4.91
CA VAL B 766 -21.25 -26.07 -5.25
C VAL B 766 -19.83 -26.59 -5.19
N SER B 767 -19.09 -26.39 -6.27
CA SER B 767 -17.70 -26.81 -6.26
C SER B 767 -16.90 -25.55 -6.44
N TYR B 768 -15.67 -25.59 -5.94
CA TYR B 768 -14.75 -24.51 -6.25
C TYR B 768 -13.34 -25.04 -6.41
N GLN B 769 -12.55 -24.33 -7.20
CA GLN B 769 -11.11 -24.55 -7.30
C GLN B 769 -10.46 -23.35 -6.60
N MET B 770 -9.33 -23.61 -5.94
CA MET B 770 -8.55 -22.57 -5.29
CA MET B 770 -8.51 -22.63 -5.22
C MET B 770 -7.17 -22.44 -5.93
N LYS B 771 -6.74 -21.20 -6.13
CA LYS B 771 -5.35 -20.89 -6.52
C LYS B 771 -4.86 -19.88 -5.48
N GLN B 772 -4.06 -20.34 -4.53
CA GLN B 772 -3.59 -19.49 -3.43
C GLN B 772 -2.15 -19.03 -3.66
N THR B 773 -1.91 -17.75 -3.42
CA THR B 773 -0.54 -17.21 -3.48
C THR B 773 -0.34 -16.32 -2.26
N ASP B 774 0.81 -15.65 -2.16
CA ASP B 774 1.01 -14.70 -1.07
C ASP B 774 0.01 -13.56 -1.14
N GLY B 775 -0.74 -13.41 -0.06
CA GLY B 775 -1.68 -12.32 0.10
C GLY B 775 -3.00 -12.45 -0.66
N LYS B 776 -3.18 -13.55 -1.40
CA LYS B 776 -4.29 -13.63 -2.31
C LYS B 776 -4.73 -15.09 -2.56
N CYS B 777 -6.04 -15.32 -2.43
CA CYS B 777 -6.67 -16.62 -2.76
CA CYS B 777 -6.60 -16.62 -2.77
C CYS B 777 -7.65 -16.40 -3.88
N GLU B 778 -7.46 -17.08 -5.01
CA GLU B 778 -8.38 -16.96 -6.13
CA GLU B 778 -8.37 -16.96 -6.15
C GLU B 778 -9.30 -18.18 -6.16
N LEU B 779 -10.60 -17.94 -6.04
CA LEU B 779 -11.59 -19.04 -6.03
C LEU B 779 -12.34 -18.98 -7.32
N THR B 780 -12.68 -20.15 -7.87
CA THR B 780 -13.59 -20.17 -8.99
C THR B 780 -14.70 -21.11 -8.54
N LEU B 781 -15.94 -20.60 -8.50
CA LEU B 781 -17.04 -21.40 -8.00
C LEU B 781 -17.85 -21.82 -9.17
N PHE B 782 -18.42 -23.01 -9.04
CA PHE B 782 -19.31 -23.49 -10.04
C PHE B 782 -20.43 -24.29 -9.43
N SER B 783 -21.61 -24.11 -10.01
CA SER B 783 -22.77 -24.93 -9.70
C SER B 783 -23.63 -25.09 -10.96
N SER B 784 -24.10 -26.33 -11.21
CA SER B 784 -24.95 -26.56 -12.33
C SER B 784 -26.33 -25.95 -12.11
N MET B 785 -26.67 -25.67 -10.84
CA MET B 785 -27.97 -25.10 -10.52
CA MET B 785 -27.98 -25.14 -10.46
C MET B 785 -27.79 -23.86 -9.66
N LEU B 786 -28.83 -23.04 -9.61
CA LEU B 786 -28.80 -21.81 -8.80
C LEU B 786 -28.40 -22.09 -7.35
N ALA B 787 -27.41 -21.34 -6.84
CA ALA B 787 -27.15 -21.30 -5.39
C ALA B 787 -27.42 -19.85 -5.01
N LYS B 788 -28.34 -19.68 -4.05
CA LYS B 788 -28.91 -18.36 -3.73
C LYS B 788 -28.11 -17.63 -2.63
N ASP B 789 -27.73 -16.38 -2.93
CA ASP B 789 -27.03 -15.52 -1.95
C ASP B 789 -25.82 -16.12 -1.27
N ILE B 790 -24.92 -16.66 -2.11
CA ILE B 790 -23.73 -17.32 -1.65
C ILE B 790 -22.89 -16.40 -0.75
N PHE B 791 -22.46 -16.95 0.36
CA PHE B 791 -21.52 -16.30 1.28
C PHE B 791 -20.31 -17.19 1.42
N ILE B 792 -19.17 -16.65 0.99
CA ILE B 792 -17.90 -17.33 1.14
C ILE B 792 -17.31 -16.83 2.44
N GLU B 793 -17.35 -17.69 3.44
CA GLU B 793 -16.93 -17.34 4.79
C GLU B 793 -15.51 -17.86 5.04
N THR B 794 -14.65 -16.99 5.55
CA THR B 794 -13.30 -17.40 5.94
C THR B 794 -13.04 -16.94 7.38
N PRO B 795 -12.12 -17.61 8.10
CA PRO B 795 -11.91 -17.23 9.50
C PRO B 795 -10.96 -16.01 9.67
N LEU B 796 -10.33 -15.56 8.60
CA LEU B 796 -9.35 -14.45 8.65
C LEU B 796 -10.05 -13.09 8.80
N GLN B 797 -9.84 -12.46 9.96
CA GLN B 797 -10.42 -11.11 10.15
C GLN B 797 -9.97 -10.07 9.08
N GLY B 798 -10.93 -9.32 8.57
CA GLY B 798 -10.68 -8.21 7.65
C GLY B 798 -10.32 -8.62 6.23
N ALA B 799 -10.39 -9.92 5.93
CA ALA B 799 -10.17 -10.37 4.54
C ALA B 799 -11.12 -9.68 3.57
N ARG B 800 -10.56 -9.28 2.42
CA ARG B 800 -11.28 -8.53 1.40
C ARG B 800 -11.61 -9.43 0.26
N TYR B 801 -12.79 -9.22 -0.32
CA TYR B 801 -13.23 -10.04 -1.44
C TYR B 801 -13.60 -9.19 -2.64
N SER B 802 -13.24 -9.64 -3.85
CA SER B 802 -13.66 -8.92 -5.05
C SER B 802 -15.20 -8.95 -5.16
N ASP B 803 -15.80 -10.01 -4.63
CA ASP B 803 -17.24 -10.11 -4.55
C ASP B 803 -17.62 -11.15 -3.48
N ASN B 804 -18.83 -11.00 -2.94
CA ASN B 804 -19.39 -11.96 -1.94
C ASN B 804 -20.90 -11.62 -1.85
N PHE B 805 -21.67 -12.53 -1.25
CA PHE B 805 -23.11 -12.36 -1.10
C PHE B 805 -23.76 -12.10 -2.45
N PHE B 806 -23.49 -13.01 -3.40
CA PHE B 806 -24.03 -12.91 -4.74
C PHE B 806 -24.77 -14.24 -5.07
N ASP B 807 -25.66 -14.20 -6.05
CA ASP B 807 -26.26 -15.47 -6.53
C ASP B 807 -25.26 -16.16 -7.47
N LEU B 808 -25.09 -17.47 -7.29
CA LEU B 808 -24.30 -18.27 -8.22
C LEU B 808 -25.26 -18.85 -9.24
N LEU B 809 -25.16 -18.35 -10.48
CA LEU B 809 -26.15 -18.71 -11.51
C LEU B 809 -25.85 -20.06 -12.13
N PRO B 810 -26.90 -20.79 -12.54
CA PRO B 810 -26.64 -22.15 -13.02
C PRO B 810 -25.69 -22.13 -14.23
N GLY B 811 -24.59 -22.88 -14.09
CA GLY B 811 -23.64 -23.12 -15.18
C GLY B 811 -22.77 -21.94 -15.54
N GLU B 812 -22.80 -20.89 -14.71
CA GLU B 812 -22.01 -19.65 -14.92
C GLU B 812 -20.92 -19.57 -13.84
N ARG B 813 -19.67 -19.86 -14.22
CA ARG B 813 -18.61 -19.88 -13.24
C ARG B 813 -18.36 -18.43 -12.76
N LYS B 814 -17.87 -18.34 -11.53
CA LYS B 814 -17.69 -17.05 -10.86
CA LYS B 814 -17.71 -17.07 -10.83
C LYS B 814 -16.34 -17.02 -10.20
N LYS B 815 -15.54 -16.00 -10.55
CA LYS B 815 -14.22 -15.85 -9.96
C LYS B 815 -14.28 -14.81 -8.83
N VAL B 816 -13.70 -15.17 -7.69
CA VAL B 816 -13.62 -14.32 -6.47
C VAL B 816 -12.19 -14.30 -5.99
N ILE B 817 -11.65 -13.08 -5.83
CA ILE B 817 -10.32 -12.94 -5.31
C ILE B 817 -10.45 -12.46 -3.85
N ILE B 818 -9.85 -13.24 -2.97
CA ILE B 818 -9.78 -12.99 -1.52
C ILE B 818 -8.37 -12.49 -1.20
N THR B 819 -8.28 -11.31 -0.58
CA THR B 819 -6.97 -10.75 -0.20
C THR B 819 -6.86 -10.49 1.30
N SER B 820 -5.70 -10.82 1.83
CA SER B 820 -5.35 -10.55 3.21
C SER B 820 -3.84 -10.71 3.35
N PRO B 821 -3.17 -9.83 4.14
CA PRO B 821 -1.73 -10.05 4.33
C PRO B 821 -1.41 -11.37 5.06
N ARG B 822 -2.43 -11.93 5.70
CA ARG B 822 -2.29 -13.22 6.36
C ARG B 822 -2.43 -14.45 5.43
N ILE B 823 -2.78 -14.24 4.17
CA ILE B 823 -2.82 -15.35 3.21
C ILE B 823 -1.37 -15.63 2.75
N LYS B 824 -0.98 -16.88 2.91
CA LYS B 824 0.38 -17.34 2.55
C LYS B 824 0.35 -18.46 1.49
N LYS B 825 1.20 -18.37 0.46
CA LYS B 825 1.24 -19.46 -0.52
CA LYS B 825 1.31 -19.46 -0.53
C LYS B 825 1.76 -20.75 0.15
N GLY B 826 1.28 -21.88 -0.35
CA GLY B 826 1.64 -23.19 0.23
C GLY B 826 0.78 -23.52 1.43
N GLU B 827 -0.21 -22.67 1.68
CA GLU B 827 -1.21 -22.99 2.69
C GLU B 827 -2.59 -23.05 2.02
N GLU B 828 -3.61 -23.30 2.82
CA GLU B 828 -4.94 -23.37 2.28
C GLU B 828 -5.87 -22.58 3.20
N LEU B 829 -6.35 -21.44 2.71
CA LEU B 829 -7.30 -20.65 3.47
C LEU B 829 -8.54 -21.52 3.67
N PRO B 830 -8.98 -21.71 4.95
CA PRO B 830 -10.28 -22.39 5.20
C PRO B 830 -11.45 -21.59 4.61
N VAL B 831 -12.35 -22.29 3.93
CA VAL B 831 -13.47 -21.65 3.24
C VAL B 831 -14.74 -22.45 3.54
N ASN B 832 -15.80 -21.72 3.91
CA ASN B 832 -17.10 -22.30 4.24
C ASN B 832 -18.06 -21.55 3.34
N ILE B 833 -18.62 -22.23 2.35
CA ILE B 833 -19.54 -21.58 1.42
CA ILE B 833 -19.52 -21.60 1.39
C ILE B 833 -20.94 -21.89 1.89
N LYS B 834 -21.68 -20.83 2.18
CA LYS B 834 -23.08 -20.96 2.63
C LYS B 834 -24.03 -20.46 1.52
N HIS B 835 -25.20 -21.10 1.39
CA HIS B 835 -26.24 -20.56 0.51
C HIS B 835 -27.63 -20.90 1.10
N ILE B 836 -28.65 -20.22 0.61
CA ILE B 836 -29.93 -20.14 1.29
C ILE B 836 -30.55 -21.56 1.46
N ARG B 837 -30.44 -22.38 0.42
CA ARG B 837 -31.11 -23.70 0.48
C ARG B 837 -30.60 -24.52 1.67
N GLU B 838 -29.34 -24.29 2.06
CA GLU B 838 -28.72 -25.09 3.10
C GLU B 838 -29.26 -24.74 4.51
N THR B 839 -30.02 -23.67 4.57
CA THR B 839 -30.42 -23.12 5.89
C THR B 839 -31.77 -23.63 6.43
N TYR B 840 -32.42 -24.53 5.69
CA TYR B 840 -33.69 -25.06 6.21
C TYR B 840 -33.91 -26.50 5.78
N LYS B 841 -34.80 -27.15 6.53
CA LYS B 841 -35.18 -28.53 6.35
C LYS B 841 -36.62 -28.54 5.88
N GLU B 842 -36.88 -29.15 4.73
CA GLU B 842 -38.28 -29.40 4.37
C GLU B 842 -38.79 -30.67 4.94
N HIS B 843 -40.10 -30.64 5.13
CA HIS B 843 -40.82 -31.75 5.71
C HIS B 843 -41.84 -32.34 4.73
N HIS B 844 -42.19 -33.62 4.94
CA HIS B 844 -43.28 -34.27 4.21
C HIS B 844 -44.57 -33.45 4.46
#